data_5NOK
#
_entry.id   5NOK
#
_cell.length_a   116.730
_cell.length_b   116.730
_cell.length_c   228.487
_cell.angle_alpha   90.00
_cell.angle_beta   90.00
_cell.angle_gamma   90.00
#
_symmetry.space_group_name_H-M   'P 41 21 2'
#
loop_
_entity.id
_entity.type
_entity.pdbx_description
1 polymer BACCELL_00875
2 non-polymer '2-(N-MORPHOLINO)-ETHANESULFONIC ACID'
3 water water
#
_entity_poly.entity_id   1
_entity_poly.type   'polypeptide(L)'
_entity_poly.pdbx_seq_one_letter_code
;(MSE)KNELIKRIGIFVCLLIAVNCLSAGNFPVE(MSE)RINPSTGAISELTLKGDNRS(MSE)NWVVKTDGTQYPWVKD
NYGWGLGYFTVVKGRETVKREWRIPVEISPDG(MSE)KVLYREGDIRILIKREIKQGDLVEEYSFTNEGEEPVSLYDVAV
YTPFNDNYPDAQQCINSRAHTHIWKGGSAAYVNAIR(MSE)GDFTPHLGLVVTDGAIRNYEIWERGRKKANSQTRGIIAL
DLPDLLLKPGESYSLEWHVFAHNGNDDFRHKLLEKGSVLVSCNKYVFEKGEKARVECRSLEPLEACTAK(MSE)NGVPVP
VKQEGNLCFVEVP(MSE)EQAGEVRFDFYYNGNKQTHADCLVISNTADLIRKRVDFIRTRQQ(MSE)NNPSDLRDGAY
(MSE)VYDNEGDSIYLNDTPNCNPVDRDEGAERLG(MSE)GVLLVKQYLLTKDPELKQSLLRYADFVRRKLQTDNYVTYS
SVDQKNRNRGYNY(MSE)WVAELYFQ(MSE)YKVTGDKQFVTDGYKTLKS(MSE)FQQFGYGFYAIGIPVRLGLQSLKEA
G(MSE)KKEYTDLRNDFIKTGDVFVKNGLNYPAHEVNYEQSIVAPAIQFLAQLYLETGSQKYLDEVKRQ(MSE)PVLEAF
NGFQPSYHLNEVAIRHWDGHWFGKRELFGDTFPHYWSTITGAVYYYYALCTGDSSYQKRAENVVRNNLCLFFEDGKASCA
Y(MSE)YPYKIDGVKAEFYDPYANDQDWALVYYLLVNRGL
;
_entity_poly.pdbx_strand_id   A,B
#
loop_
_chem_comp.id
_chem_comp.type
_chem_comp.name
_chem_comp.formula
MES non-polymer '2-(N-MORPHOLINO)-ETHANESULFONIC ACID' 'C6 H13 N O4 S'
#
# COMPACT_ATOMS: atom_id res chain seq x y z
N LEU A 22 29.42 -8.41 33.30
CA LEU A 22 30.46 -7.34 33.44
C LEU A 22 30.37 -6.10 32.47
N SER A 23 30.17 -4.86 32.99
CA SER A 23 30.18 -3.65 32.10
C SER A 23 30.70 -2.28 32.67
N ALA A 24 30.18 -1.15 32.13
CA ALA A 24 30.81 0.20 32.18
C ALA A 24 29.87 1.38 32.64
N GLY A 25 29.96 2.57 32.02
CA GLY A 25 29.59 3.84 32.71
C GLY A 25 28.12 4.31 32.70
N ASN A 26 27.81 5.25 33.60
CA ASN A 26 26.47 5.87 33.68
C ASN A 26 26.57 7.27 33.11
N PHE A 27 25.75 7.59 32.10
CA PHE A 27 25.82 8.90 31.39
C PHE A 27 24.44 9.55 31.27
N PRO A 28 24.07 10.34 32.28
CA PRO A 28 22.80 11.07 32.21
C PRO A 28 22.68 12.01 31.00
N VAL A 29 21.48 12.05 30.40
CA VAL A 29 21.19 12.92 29.28
C VAL A 29 21.09 14.33 29.81
N GLU A 30 21.77 15.27 29.17
CA GLU A 30 21.62 16.71 29.43
C GLU A 30 21.22 17.46 28.18
N MSE A 31 20.65 18.63 28.37
CA MSE A 31 20.21 19.41 27.24
C MSE A 31 20.17 20.88 27.49
O MSE A 31 20.14 21.32 28.63
CB MSE A 31 18.80 18.99 26.83
CG MSE A 31 17.80 19.40 27.90
SE MSE A 31 16.32 18.12 27.98
CE MSE A 31 17.47 16.76 28.82
N ARG A 32 20.16 21.64 26.39
CA ARG A 32 19.89 23.07 26.41
C ARG A 32 18.59 23.25 25.62
N ILE A 33 17.64 23.96 26.20
CA ILE A 33 16.42 24.31 25.51
C ILE A 33 16.62 25.68 24.85
N ASN A 34 16.14 25.82 23.62
CA ASN A 34 16.11 27.11 22.92
C ASN A 34 14.99 27.91 23.57
N PRO A 35 15.32 29.04 24.24
CA PRO A 35 14.28 29.77 24.97
C PRO A 35 13.23 30.45 24.06
N SER A 36 13.56 30.65 22.78
CA SER A 36 12.60 31.18 21.81
C SER A 36 11.69 30.12 21.23
N THR A 37 12.23 28.94 20.86
CA THR A 37 11.41 27.90 20.23
C THR A 37 10.87 26.83 21.16
N GLY A 38 11.53 26.59 22.28
CA GLY A 38 11.18 25.45 23.14
C GLY A 38 11.81 24.13 22.72
N ALA A 39 12.55 24.14 21.62
CA ALA A 39 13.19 22.93 21.11
C ALA A 39 14.47 22.61 21.90
N ILE A 40 14.97 21.38 21.74
CA ILE A 40 16.24 20.99 22.28
C ILE A 40 17.27 21.42 21.26
N SER A 41 18.14 22.35 21.66
CA SER A 41 19.24 22.85 20.83
C SER A 41 20.42 21.92 20.92
N GLU A 42 20.71 21.48 22.13
CA GLU A 42 21.91 20.69 22.41
C GLU A 42 21.48 19.50 23.24
N LEU A 43 21.99 18.33 22.87
CA LEU A 43 21.74 17.09 23.55
C LEU A 43 23.08 16.42 23.77
N THR A 44 23.45 16.32 25.04
CA THR A 44 24.73 15.75 25.46
C THR A 44 24.55 14.68 26.52
N LEU A 45 25.60 13.89 26.68
CA LEU A 45 25.66 12.82 27.65
C LEU A 45 26.74 13.18 28.66
N LYS A 46 26.32 13.37 29.91
CA LYS A 46 27.20 13.85 30.96
C LYS A 46 28.28 12.83 31.25
N GLY A 47 29.53 13.28 31.25
CA GLY A 47 30.68 12.39 31.47
C GLY A 47 31.23 11.81 30.18
N ASP A 48 30.68 12.19 29.02
CA ASP A 48 31.29 11.82 27.74
C ASP A 48 32.60 12.62 27.60
N ASN A 49 33.71 11.91 27.44
CA ASN A 49 35.04 12.53 27.32
C ASN A 49 35.24 13.32 26.03
N ARG A 50 34.43 13.02 25.00
CA ARG A 50 34.43 13.78 23.74
C ARG A 50 33.36 14.88 23.65
N SER A 51 32.47 14.95 24.65
CA SER A 51 31.33 15.93 24.73
C SER A 51 30.66 16.23 23.37
N MSE A 52 30.20 15.15 22.75
CA MSE A 52 29.50 15.21 21.47
C MSE A 52 28.12 15.80 21.61
O MSE A 52 27.39 15.49 22.55
CB MSE A 52 29.44 13.78 20.98
CG MSE A 52 28.51 13.69 19.80
SE MSE A 52 28.62 11.92 19.04
CE MSE A 52 27.10 12.40 17.91
N ASN A 53 27.75 16.69 20.68
CA ASN A 53 26.38 17.13 20.57
C ASN A 53 25.70 16.13 19.65
N TRP A 54 24.63 15.53 20.15
CA TRP A 54 23.95 14.46 19.44
C TRP A 54 22.94 14.97 18.39
N VAL A 55 22.65 16.27 18.37
CA VAL A 55 21.79 16.85 17.32
C VAL A 55 22.56 17.84 16.45
N VAL A 56 22.07 18.07 15.23
CA VAL A 56 22.65 19.07 14.34
C VAL A 56 22.31 20.41 14.97
N LYS A 57 23.27 21.35 15.03
CA LYS A 57 22.97 22.70 15.60
C LYS A 57 21.99 23.40 14.68
N THR A 58 20.96 23.99 15.25
CA THR A 58 19.88 24.54 14.42
C THR A 58 19.85 26.05 14.58
N ASP A 59 21.03 26.66 14.54
CA ASP A 59 21.19 28.12 14.63
C ASP A 59 21.93 28.68 13.42
N GLY A 60 22.09 27.88 12.37
CA GLY A 60 22.84 28.31 11.19
C GLY A 60 24.34 28.09 11.25
N THR A 61 24.90 27.81 12.43
CA THR A 61 26.36 27.77 12.61
C THR A 61 27.03 26.49 12.10
N GLN A 62 26.25 25.41 11.93
CA GLN A 62 26.82 24.15 11.44
C GLN A 62 26.63 24.05 9.93
N TYR A 63 25.40 24.26 9.49
CA TYR A 63 25.06 24.42 8.08
C TYR A 63 24.20 25.70 7.98
N PRO A 64 24.57 26.66 7.08
CA PRO A 64 23.81 27.93 6.92
C PRO A 64 22.30 27.80 6.71
N TRP A 65 21.90 26.72 6.05
CA TRP A 65 20.51 26.52 5.66
C TRP A 65 19.69 25.71 6.72
N VAL A 66 20.33 25.26 7.80
CA VAL A 66 19.63 24.58 8.89
C VAL A 66 19.48 25.53 10.06
N LYS A 67 18.29 26.08 10.20
CA LYS A 67 17.97 27.10 11.18
C LYS A 67 16.95 26.55 12.22
N ASP A 68 16.48 27.44 13.10
CA ASP A 68 15.76 27.04 14.31
C ASP A 68 14.45 26.26 14.11
N ASN A 69 13.84 26.35 12.94
CA ASN A 69 12.59 25.60 12.65
C ASN A 69 12.78 24.08 12.65
N TYR A 70 14.01 23.63 12.42
CA TYR A 70 14.39 22.23 12.52
C TYR A 70 14.81 21.74 13.90
N GLY A 71 14.60 22.53 14.95
CA GLY A 71 15.00 22.14 16.29
C GLY A 71 14.28 20.89 16.78
N TRP A 72 14.98 20.11 17.60
CA TRP A 72 14.43 18.88 18.16
C TRP A 72 13.16 19.16 18.92
N GLY A 73 12.07 18.50 18.53
CA GLY A 73 10.81 18.62 19.25
C GLY A 73 9.82 19.54 18.59
N LEU A 74 10.28 20.29 17.60
CA LEU A 74 9.40 21.05 16.72
C LEU A 74 8.95 20.08 15.62
N GLY A 75 8.04 20.54 14.77
CA GLY A 75 7.41 19.65 13.82
C GLY A 75 6.31 20.30 13.01
N TYR A 76 5.49 19.43 12.42
CA TYR A 76 4.50 19.87 11.46
C TYR A 76 3.40 18.84 11.29
N PHE A 77 2.29 19.30 10.73
CA PHE A 77 1.17 18.47 10.37
C PHE A 77 0.32 19.19 9.35
N THR A 78 -0.52 18.43 8.65
CA THR A 78 -1.47 18.96 7.70
C THR A 78 -2.88 18.71 8.24
N VAL A 79 -3.62 19.79 8.42
CA VAL A 79 -4.94 19.72 9.02
C VAL A 79 -5.99 19.79 7.90
N VAL A 80 -6.91 18.84 7.90
CA VAL A 80 -7.94 18.70 6.89
C VAL A 80 -9.31 18.69 7.56
N LYS A 81 -10.15 19.63 7.13
CA LYS A 81 -11.53 19.75 7.57
C LYS A 81 -12.32 19.99 6.31
N GLY A 82 -13.02 18.98 5.82
CA GLY A 82 -13.72 19.10 4.56
C GLY A 82 -12.74 19.36 3.44
N ARG A 83 -13.04 20.35 2.60
CA ARG A 83 -12.16 20.75 1.50
C ARG A 83 -10.95 21.57 1.96
N GLU A 84 -10.99 22.09 3.19
CA GLU A 84 -9.87 22.86 3.72
C GLU A 84 -8.68 21.97 4.16
N THR A 85 -7.53 22.15 3.52
CA THR A 85 -6.26 21.49 3.83
C THR A 85 -5.23 22.58 4.10
N VAL A 86 -4.65 22.62 5.29
CA VAL A 86 -3.60 23.62 5.63
C VAL A 86 -2.43 22.93 6.36
N LYS A 87 -1.21 23.04 5.84
CA LYS A 87 -0.04 22.62 6.58
C LYS A 87 0.37 23.65 7.64
N ARG A 88 0.60 23.17 8.86
CA ARG A 88 1.07 23.98 9.96
C ARG A 88 2.37 23.42 10.49
N GLU A 89 3.24 24.32 10.94
CA GLU A 89 4.53 23.98 11.53
C GLU A 89 4.52 24.65 12.88
N TRP A 90 4.79 23.90 13.95
CA TRP A 90 4.93 24.53 15.25
C TRP A 90 6.39 24.93 15.47
N ARG A 91 6.56 26.07 16.12
CA ARG A 91 7.86 26.72 16.23
C ARG A 91 8.00 27.71 17.38
N ILE A 92 7.01 28.56 17.58
CA ILE A 92 7.02 29.54 18.64
C ILE A 92 5.96 29.15 19.64
N PRO A 93 6.36 28.88 20.88
CA PRO A 93 5.38 28.52 21.88
C PRO A 93 4.42 29.63 22.25
N VAL A 94 3.25 29.25 22.70
CA VAL A 94 2.35 30.17 23.35
C VAL A 94 2.71 30.31 24.82
N GLU A 95 3.05 29.18 25.44
CA GLU A 95 3.53 29.12 26.83
C GLU A 95 4.75 28.22 26.91
N ILE A 96 5.74 28.65 27.69
CA ILE A 96 6.88 27.82 27.99
C ILE A 96 7.28 28.03 29.47
N SER A 97 7.38 26.92 30.21
CA SER A 97 8.01 26.86 31.55
C SER A 97 9.32 27.62 31.66
N PRO A 98 9.64 28.16 32.86
CA PRO A 98 10.99 28.76 33.05
C PRO A 98 12.17 27.83 32.71
N ASP A 99 12.05 26.55 33.07
CA ASP A 99 13.08 25.53 32.72
C ASP A 99 12.96 24.93 31.30
N GLY A 100 11.87 25.22 30.60
CA GLY A 100 11.67 24.75 29.23
C GLY A 100 11.23 23.31 29.12
N MSE A 101 10.87 22.69 30.24
CA MSE A 101 10.48 21.27 30.29
C MSE A 101 9.00 21.08 29.98
O MSE A 101 8.57 19.96 29.72
CB MSE A 101 10.87 20.67 31.66
CG MSE A 101 12.38 20.49 31.95
SE MSE A 101 13.59 19.80 30.52
CE MSE A 101 13.80 17.95 31.19
N LYS A 102 8.22 22.15 29.99
CA LYS A 102 6.82 22.11 29.59
C LYS A 102 6.62 23.22 28.56
N VAL A 103 6.13 22.85 27.36
CA VAL A 103 5.98 23.78 26.24
C VAL A 103 4.62 23.52 25.59
N LEU A 104 3.90 24.59 25.27
CA LEU A 104 2.58 24.53 24.67
C LEU A 104 2.61 25.38 23.42
N TYR A 105 2.30 24.76 22.27
CA TYR A 105 2.14 25.45 21.01
C TYR A 105 0.68 25.31 20.58
N ARG A 106 0.26 26.24 19.75
CA ARG A 106 -1.10 26.23 19.26
C ARG A 106 -1.09 26.66 17.83
N GLU A 107 -1.46 25.75 16.94
CA GLU A 107 -1.44 26.01 15.52
C GLU A 107 -2.85 25.68 15.03
N GLY A 108 -3.66 26.72 14.81
CA GLY A 108 -5.06 26.55 14.41
C GLY A 108 -5.88 26.00 15.56
N ASP A 109 -6.63 24.94 15.28
CA ASP A 109 -7.41 24.22 16.28
C ASP A 109 -6.60 23.22 17.14
N ILE A 110 -5.32 23.02 16.82
CA ILE A 110 -4.54 21.94 17.42
C ILE A 110 -3.60 22.50 18.46
N ARG A 111 -3.73 22.03 19.69
CA ARG A 111 -2.74 22.26 20.75
C ARG A 111 -1.66 21.16 20.73
N ILE A 112 -0.39 21.57 20.75
CA ILE A 112 0.72 20.67 20.87
C ILE A 112 1.35 20.94 22.23
N LEU A 113 1.25 19.97 23.13
CA LEU A 113 1.83 20.13 24.45
C LEU A 113 3.01 19.17 24.54
N ILE A 114 4.18 19.70 24.89
CA ILE A 114 5.36 18.89 25.12
C ILE A 114 5.68 18.90 26.61
N LYS A 115 5.80 17.71 27.22
CA LYS A 115 6.23 17.55 28.60
C LYS A 115 7.49 16.74 28.59
N ARG A 116 8.56 17.29 29.16
CA ARG A 116 9.85 16.62 29.28
C ARG A 116 10.21 16.38 30.73
N GLU A 117 10.82 15.23 31.00
CA GLU A 117 11.30 14.88 32.34
C GLU A 117 12.59 14.04 32.23
N ILE A 118 13.48 14.21 33.21
CA ILE A 118 14.66 13.37 33.36
C ILE A 118 14.34 12.31 34.41
N LYS A 119 14.14 11.08 33.95
CA LYS A 119 13.79 9.96 34.82
C LYS A 119 14.97 9.01 34.79
N GLN A 120 15.66 8.94 35.93
CA GLN A 120 16.81 8.08 36.17
C GLN A 120 17.88 8.24 35.05
N GLY A 121 18.25 9.48 34.75
CA GLY A 121 19.22 9.78 33.69
C GLY A 121 18.76 9.68 32.23
N ASP A 122 17.51 9.26 31.98
CA ASP A 122 16.90 9.30 30.64
C ASP A 122 15.99 10.52 30.43
N LEU A 123 15.92 10.99 29.21
CA LEU A 123 14.96 12.02 28.84
C LEU A 123 13.67 11.34 28.39
N VAL A 124 12.59 11.59 29.09
CA VAL A 124 11.27 11.13 28.68
C VAL A 124 10.54 12.34 28.13
N GLU A 125 10.07 12.26 26.90
CA GLU A 125 9.32 13.35 26.26
C GLU A 125 7.95 12.86 25.93
N GLU A 126 6.92 13.64 26.27
CA GLU A 126 5.56 13.29 25.91
C GLU A 126 5.01 14.43 25.05
N TYR A 127 4.58 14.11 23.82
CA TYR A 127 3.96 15.07 22.90
C TYR A 127 2.48 14.74 22.86
N SER A 128 1.62 15.70 23.14
CA SER A 128 0.15 15.53 23.03
C SER A 128 -0.34 16.44 21.95
N PHE A 129 -1.27 15.94 21.14
CA PHE A 129 -1.89 16.72 20.08
C PHE A 129 -3.39 16.72 20.36
N THR A 130 -3.98 17.91 20.55
CA THR A 130 -5.36 18.00 20.99
C THR A 130 -6.16 18.89 20.06
N ASN A 131 -7.30 18.39 19.59
CA ASN A 131 -8.23 19.20 18.78
C ASN A 131 -9.02 20.11 19.71
N GLU A 132 -8.68 21.40 19.74
CA GLU A 132 -9.41 22.40 20.54
C GLU A 132 -10.69 22.96 19.89
N GLY A 133 -10.86 22.77 18.59
CA GLY A 133 -11.97 23.38 17.85
C GLY A 133 -13.30 22.64 17.97
N GLU A 134 -14.31 23.15 17.26
CA GLU A 134 -15.69 22.64 17.36
C GLU A 134 -15.98 21.49 16.39
N GLU A 135 -15.18 21.36 15.33
CA GLU A 135 -15.37 20.31 14.32
C GLU A 135 -14.26 19.21 14.40
N PRO A 136 -14.60 17.95 14.02
CA PRO A 136 -13.57 16.93 13.90
C PRO A 136 -12.49 17.30 12.87
N VAL A 137 -11.30 16.77 13.08
CA VAL A 137 -10.21 17.11 12.22
C VAL A 137 -9.44 15.87 11.84
N SER A 138 -8.92 15.84 10.61
CA SER A 138 -7.98 14.82 10.18
C SER A 138 -6.60 15.45 10.12
N LEU A 139 -5.59 14.77 10.65
CA LEU A 139 -4.21 15.23 10.58
C LEU A 139 -3.39 14.26 9.70
N TYR A 140 -2.74 14.78 8.65
CA TYR A 140 -1.89 14.00 7.76
C TYR A 140 -0.46 14.49 7.87
N ASP A 141 0.46 13.61 7.49
CA ASP A 141 1.89 13.93 7.52
C ASP A 141 2.24 14.67 8.81
N VAL A 142 1.96 14.03 9.93
CA VAL A 142 2.29 14.52 11.23
C VAL A 142 3.69 14.03 11.52
N ALA A 143 4.59 14.94 11.89
CA ALA A 143 5.96 14.54 12.20
C ALA A 143 6.65 15.48 13.17
N VAL A 144 7.59 14.92 13.94
CA VAL A 144 8.44 15.63 14.87
C VAL A 144 9.87 15.57 14.35
N TYR A 145 10.55 16.71 14.29
CA TYR A 145 11.96 16.74 13.90
C TYR A 145 12.82 16.11 15.00
N THR A 146 13.73 15.23 14.58
CA THR A 146 14.74 14.67 15.46
C THR A 146 16.02 14.77 14.73
N PRO A 147 16.64 15.95 14.77
CA PRO A 147 17.78 16.19 13.89
C PRO A 147 19.09 15.59 14.41
N PHE A 148 19.19 14.27 14.36
CA PHE A 148 20.39 13.55 14.78
C PHE A 148 21.59 14.00 13.94
N ASN A 149 22.75 14.04 14.58
CA ASN A 149 23.96 14.56 14.01
C ASN A 149 24.64 13.49 13.15
N ASP A 150 23.95 13.07 12.09
CA ASP A 150 24.43 12.08 11.13
C ASP A 150 24.86 12.84 9.86
N ASN A 151 26.16 13.11 9.78
CA ASN A 151 26.74 13.78 8.63
C ASN A 151 28.25 13.55 8.65
N TYR A 152 28.93 13.95 7.58
CA TYR A 152 30.30 13.53 7.34
C TYR A 152 31.17 14.77 7.02
N PRO A 153 31.47 15.62 8.01
CA PRO A 153 32.30 16.79 7.75
C PRO A 153 33.79 16.46 7.48
N ASP A 154 34.32 15.49 8.23
CA ASP A 154 35.63 14.87 7.97
C ASP A 154 35.85 13.71 8.92
N ALA A 155 36.82 12.86 8.59
CA ALA A 155 37.13 11.67 9.38
C ALA A 155 37.27 11.86 10.91
N GLN A 156 37.97 12.92 11.35
CA GLN A 156 38.26 13.10 12.79
C GLN A 156 37.02 13.48 13.57
N GLN A 157 36.27 14.45 13.07
CA GLN A 157 34.99 14.80 13.66
C GLN A 157 33.97 13.65 13.59
N CYS A 158 33.96 12.91 12.48
CA CYS A 158 33.04 11.80 12.31
C CYS A 158 33.21 10.76 13.40
N ILE A 159 34.44 10.30 13.52
CA ILE A 159 34.84 9.24 14.45
C ILE A 159 34.48 9.57 15.93
N ASN A 160 34.71 10.82 16.30
CA ASN A 160 34.57 11.28 17.67
C ASN A 160 33.25 11.94 17.99
N SER A 161 32.67 12.65 17.01
CA SER A 161 31.59 13.59 17.30
C SER A 161 30.36 13.53 16.40
N ARG A 162 30.18 12.43 15.67
CA ARG A 162 28.99 12.17 14.85
C ARG A 162 28.53 10.71 15.03
N ALA A 163 27.32 10.42 14.57
CA ALA A 163 26.63 9.17 14.83
C ALA A 163 25.90 8.65 13.61
N HIS A 164 26.03 7.36 13.35
CA HIS A 164 25.23 6.65 12.40
C HIS A 164 23.88 6.42 13.05
N THR A 165 22.81 6.82 12.38
CA THR A 165 21.49 6.87 12.96
C THR A 165 20.69 5.76 12.34
N HIS A 166 20.46 4.70 13.11
CA HIS A 166 19.72 3.52 12.64
C HIS A 166 18.27 3.64 13.06
N ILE A 167 17.40 3.90 12.09
CA ILE A 167 16.03 4.27 12.37
C ILE A 167 15.18 3.08 12.08
N TRP A 168 14.30 2.72 13.01
CA TRP A 168 13.33 1.68 12.75
C TRP A 168 11.93 2.16 12.90
N LYS A 169 11.21 2.16 11.78
CA LYS A 169 9.84 2.64 11.73
C LYS A 169 8.87 1.58 12.25
N GLY A 170 9.11 1.07 13.43
CA GLY A 170 8.39 -0.09 13.93
C GLY A 170 7.04 0.13 14.62
N GLY A 171 6.33 1.21 14.31
CA GLY A 171 5.03 1.49 14.89
C GLY A 171 5.15 1.78 16.37
N SER A 172 4.46 1.02 17.20
CA SER A 172 4.53 1.15 18.64
C SER A 172 5.89 0.76 19.18
N ALA A 173 6.65 -0.02 18.41
CA ALA A 173 7.96 -0.47 18.83
C ALA A 173 9.06 0.20 17.99
N ALA A 174 8.79 1.40 17.50
CA ALA A 174 9.79 2.19 16.80
C ALA A 174 10.92 2.63 17.68
N TYR A 175 12.06 2.83 17.06
CA TYR A 175 13.25 3.26 17.76
C TYR A 175 14.26 3.95 16.87
N VAL A 176 15.24 4.58 17.51
CA VAL A 176 16.46 5.04 16.83
C VAL A 176 17.68 4.67 17.68
N ASN A 177 18.67 4.09 17.03
CA ASN A 177 19.93 3.69 17.65
C ASN A 177 21.03 4.46 16.95
N ALA A 178 21.54 5.48 17.63
CA ALA A 178 22.58 6.34 17.11
C ALA A 178 23.91 5.85 17.68
N ILE A 179 24.70 5.21 16.83
CA ILE A 179 26.04 4.72 17.14
C ILE A 179 27.09 5.73 16.66
N ARG A 180 27.76 6.41 17.59
CA ARG A 180 28.98 7.19 17.31
C ARG A 180 29.84 6.48 16.26
N MSE A 181 30.31 7.22 15.25
CA MSE A 181 30.92 6.59 14.05
C MSE A 181 32.20 5.86 14.36
O MSE A 181 32.50 4.82 13.75
CB MSE A 181 31.14 7.59 12.91
CG MSE A 181 29.86 8.32 12.57
SE MSE A 181 29.90 9.33 10.89
CE MSE A 181 28.00 9.92 10.86
N GLY A 182 32.96 6.35 15.33
CA GLY A 182 34.14 5.65 15.83
C GLY A 182 33.88 4.43 16.69
N ASP A 183 32.62 4.18 17.04
CA ASP A 183 32.22 3.12 17.95
C ASP A 183 32.66 3.31 19.41
N PHE A 184 33.09 4.52 19.77
CA PHE A 184 33.40 4.84 21.16
C PHE A 184 32.08 5.08 21.88
N THR A 185 31.95 4.48 23.05
CA THR A 185 30.80 4.67 23.89
C THR A 185 30.96 6.00 24.60
N PRO A 186 29.89 6.62 25.06
CA PRO A 186 28.51 6.11 24.99
C PRO A 186 27.85 6.36 23.63
N HIS A 187 26.85 5.54 23.33
CA HIS A 187 25.96 5.74 22.20
C HIS A 187 24.62 6.26 22.70
N LEU A 188 23.71 6.55 21.78
CA LEU A 188 22.42 7.14 22.15
C LEU A 188 21.28 6.31 21.59
N GLY A 189 20.18 6.24 22.33
CA GLY A 189 19.01 5.48 21.90
C GLY A 189 17.76 6.27 22.12
N LEU A 190 16.78 6.06 21.27
CA LEU A 190 15.48 6.62 21.41
C LEU A 190 14.51 5.44 21.27
N VAL A 191 13.65 5.23 22.26
CA VAL A 191 12.68 4.13 22.20
C VAL A 191 11.29 4.69 22.41
N VAL A 192 10.36 4.35 21.51
CA VAL A 192 8.97 4.76 21.64
C VAL A 192 8.29 3.93 22.73
N THR A 193 7.65 4.60 23.67
CA THR A 193 6.94 3.96 24.75
C THR A 193 5.44 4.25 24.77
N ASP A 194 4.96 5.17 23.94
CA ASP A 194 3.53 5.38 23.78
C ASP A 194 3.32 5.98 22.40
N GLY A 195 2.16 5.68 21.84
CA GLY A 195 1.88 6.00 20.44
C GLY A 195 2.78 5.25 19.50
N ALA A 196 3.03 5.81 18.33
CA ALA A 196 3.72 5.08 17.28
C ALA A 196 4.38 5.99 16.32
N ILE A 197 5.44 5.49 15.71
CA ILE A 197 6.09 6.13 14.55
C ILE A 197 5.98 5.17 13.41
N ARG A 198 5.43 5.63 12.29
CA ARG A 198 5.18 4.76 11.14
C ARG A 198 6.24 4.88 10.04
N ASN A 199 7.01 5.96 10.02
CA ASN A 199 7.97 6.21 8.96
C ASN A 199 8.84 7.40 9.34
N TYR A 200 9.77 7.73 8.48
CA TYR A 200 10.52 8.92 8.67
C TYR A 200 10.70 9.64 7.34
N GLU A 201 10.99 10.93 7.43
CA GLU A 201 11.32 11.74 6.27
C GLU A 201 12.67 12.41 6.46
N ILE A 202 13.24 12.83 5.34
CA ILE A 202 14.52 13.47 5.28
C ILE A 202 14.25 14.84 4.70
N TRP A 203 14.84 15.85 5.33
CA TRP A 203 14.74 17.23 4.91
C TRP A 203 16.15 17.78 4.66
N GLU A 204 16.25 18.79 3.78
CA GLU A 204 17.49 19.53 3.50
C GLU A 204 18.58 18.73 2.83
N ARG A 205 18.24 18.16 1.68
CA ARG A 205 19.21 17.58 0.80
C ARG A 205 19.26 18.31 -0.52
N GLY A 206 20.42 18.27 -1.17
CA GLY A 206 20.60 18.93 -2.44
C GLY A 206 22.05 19.15 -2.77
N ARG A 207 22.29 19.46 -4.05
CA ARG A 207 23.61 19.82 -4.53
C ARG A 207 24.13 21.07 -3.80
N LYS A 208 23.24 21.96 -3.37
CA LYS A 208 23.64 23.16 -2.61
C LYS A 208 23.60 23.03 -1.10
N LYS A 209 23.36 21.82 -0.61
CA LYS A 209 23.14 21.60 0.80
C LYS A 209 24.03 20.47 1.30
N ALA A 210 25.31 20.60 0.99
CA ALA A 210 26.35 19.69 1.44
C ALA A 210 26.29 18.36 0.75
N ASN A 211 25.41 18.23 -0.23
CA ASN A 211 25.62 17.26 -1.28
C ASN A 211 25.61 15.85 -0.65
N SER A 212 26.66 15.05 -0.86
CA SER A 212 26.75 13.71 -0.30
C SER A 212 27.17 13.68 1.18
N GLN A 213 27.49 14.82 1.76
CA GLN A 213 28.20 14.91 3.04
C GLN A 213 27.28 15.01 4.25
N THR A 214 25.97 15.04 4.04
CA THR A 214 25.04 15.10 5.15
C THR A 214 23.92 14.16 4.83
N ARG A 215 23.34 13.57 5.87
CA ARG A 215 22.16 12.76 5.70
C ARG A 215 20.92 13.62 5.72
N GLY A 216 21.09 14.88 6.13
CA GLY A 216 20.01 15.83 6.27
C GLY A 216 19.40 15.83 7.65
N ILE A 217 18.18 16.34 7.74
CA ILE A 217 17.43 16.47 8.96
C ILE A 217 16.32 15.43 8.93
N ILE A 218 16.33 14.54 9.91
CA ILE A 218 15.33 13.50 10.05
C ILE A 218 14.11 14.03 10.79
N ALA A 219 12.93 13.67 10.29
CA ALA A 219 11.69 13.92 10.97
C ALA A 219 11.04 12.58 11.11
N LEU A 220 10.44 12.31 12.27
CA LEU A 220 9.76 11.01 12.49
C LEU A 220 8.29 11.17 12.36
N ASP A 221 7.66 10.32 11.56
CA ASP A 221 6.24 10.43 11.22
C ASP A 221 5.31 9.65 12.16
N LEU A 222 4.34 10.33 12.73
CA LEU A 222 3.32 9.73 13.54
C LEU A 222 2.30 9.16 12.59
N PRO A 223 1.37 8.34 13.08
CA PRO A 223 0.28 7.94 12.22
C PRO A 223 -0.65 9.12 11.85
N ASP A 224 -1.36 8.97 10.75
CA ASP A 224 -2.44 9.87 10.39
C ASP A 224 -3.51 9.75 11.47
N LEU A 225 -4.07 10.87 11.89
CA LEU A 225 -5.00 10.92 13.02
C LEU A 225 -6.35 11.43 12.57
N LEU A 226 -7.41 10.92 13.21
CA LEU A 226 -8.73 11.56 13.14
C LEU A 226 -9.09 11.91 14.57
N LEU A 227 -9.19 13.19 14.87
CA LEU A 227 -9.43 13.70 16.22
C LEU A 227 -10.78 14.45 16.26
N LYS A 228 -11.74 13.87 16.98
CA LYS A 228 -12.96 14.56 17.32
C LYS A 228 -12.66 15.78 18.20
N PRO A 229 -13.58 16.75 18.28
CA PRO A 229 -13.46 17.87 19.26
C PRO A 229 -13.05 17.40 20.66
N GLY A 230 -12.02 18.01 21.20
CA GLY A 230 -11.50 17.63 22.52
C GLY A 230 -10.69 16.34 22.64
N GLU A 231 -10.50 15.59 21.54
CA GLU A 231 -9.72 14.35 21.60
C GLU A 231 -8.25 14.64 21.40
N SER A 232 -7.42 13.76 21.92
CA SER A 232 -5.98 13.85 21.98
C SER A 232 -5.33 12.60 21.38
N TYR A 233 -4.14 12.78 20.82
CA TYR A 233 -3.22 11.70 20.54
C TYR A 233 -1.90 11.99 21.25
N SER A 234 -1.33 10.96 21.88
CA SER A 234 -0.08 11.05 22.64
C SER A 234 1.03 10.20 22.06
N LEU A 235 2.21 10.78 21.95
CA LEU A 235 3.43 10.10 21.59
C LEU A 235 4.40 10.24 22.74
N GLU A 236 5.07 9.16 23.12
CA GLU A 236 6.05 9.23 24.21
C GLU A 236 7.30 8.49 23.80
N TRP A 237 8.47 9.09 24.02
CA TRP A 237 9.70 8.32 23.89
C TRP A 237 10.66 8.59 24.99
N HIS A 238 11.58 7.63 25.17
CA HIS A 238 12.72 7.75 26.07
C HIS A 238 14.01 7.84 25.26
N VAL A 239 14.86 8.79 25.65
CA VAL A 239 16.19 9.00 25.07
C VAL A 239 17.24 8.76 26.17
N PHE A 240 18.30 8.01 25.82
CA PHE A 240 19.20 7.46 26.84
C PHE A 240 20.51 7.02 26.25
N ALA A 241 21.54 7.05 27.09
CA ALA A 241 22.86 6.52 26.76
C ALA A 241 22.87 5.02 26.80
N HIS A 242 23.67 4.41 25.96
CA HIS A 242 23.88 2.98 26.04
C HIS A 242 25.28 2.66 25.53
N ASN A 243 25.62 1.38 25.68
CA ASN A 243 26.96 0.89 25.54
C ASN A 243 27.20 0.03 24.26
N GLY A 244 26.24 -0.02 23.36
CA GLY A 244 26.35 -0.83 22.12
C GLY A 244 25.03 -1.54 21.81
N ASN A 245 25.02 -2.39 20.78
CA ASN A 245 23.78 -2.95 20.28
C ASN A 245 23.09 -3.85 21.28
N ASP A 246 23.85 -4.73 21.95
CA ASP A 246 23.29 -5.61 22.97
C ASP A 246 22.66 -4.81 24.11
N ASP A 247 23.39 -3.81 24.61
CA ASP A 247 22.89 -2.95 25.67
C ASP A 247 21.63 -2.19 25.20
N PHE A 248 21.65 -1.68 23.96
CA PHE A 248 20.48 -0.97 23.40
C PHE A 248 19.24 -1.86 23.37
N ARG A 249 19.39 -3.08 22.86
CA ARG A 249 18.31 -4.05 22.83
C ARG A 249 17.78 -4.41 24.21
N HIS A 250 18.64 -4.60 25.20
CA HIS A 250 18.20 -4.87 26.57
C HIS A 250 17.39 -3.71 27.12
N LYS A 251 17.86 -2.49 26.90
CA LYS A 251 17.17 -1.31 27.44
C LYS A 251 15.86 -1.07 26.73
N LEU A 252 15.84 -1.33 25.43
CA LEU A 252 14.62 -1.19 24.69
C LEU A 252 13.55 -2.10 25.34
N LEU A 253 13.91 -3.34 25.64
CA LEU A 253 13.00 -4.26 26.31
C LEU A 253 12.60 -3.80 27.71
N GLU A 254 13.55 -3.33 28.48
CA GLU A 254 13.26 -2.78 29.81
C GLU A 254 12.27 -1.64 29.82
N LYS A 255 12.21 -0.86 28.76
CA LYS A 255 11.26 0.22 28.67
C LYS A 255 9.91 -0.18 28.10
N GLY A 256 9.67 -1.48 27.92
CA GLY A 256 8.33 -1.99 27.63
C GLY A 256 8.10 -2.14 26.14
N SER A 257 9.13 -1.98 25.34
CA SER A 257 8.98 -2.16 23.91
C SER A 257 9.25 -3.62 23.55
N VAL A 258 9.23 -3.95 22.26
CA VAL A 258 9.51 -5.31 21.77
C VAL A 258 10.54 -5.27 20.64
N LEU A 259 11.14 -6.44 20.37
CA LEU A 259 12.15 -6.63 19.32
C LEU A 259 11.67 -7.72 18.40
N VAL A 260 11.51 -7.38 17.12
CA VAL A 260 11.09 -8.35 16.13
C VAL A 260 12.32 -8.81 15.30
N SER A 261 12.38 -10.09 14.96
CA SER A 261 13.45 -10.63 14.14
C SER A 261 12.98 -11.88 13.45
N CYS A 262 13.54 -12.17 12.28
CA CYS A 262 13.24 -13.36 11.48
C CYS A 262 14.51 -14.15 11.24
N ASN A 263 14.37 -15.46 11.00
CA ASN A 263 15.56 -16.28 10.68
C ASN A 263 16.35 -15.65 9.51
N LYS A 264 15.62 -15.08 8.56
CA LYS A 264 16.22 -14.24 7.52
C LYS A 264 15.15 -13.34 6.91
N TYR A 265 15.54 -12.51 5.96
CA TYR A 265 14.66 -11.50 5.43
C TYR A 265 14.37 -11.65 3.95
N VAL A 266 15.12 -12.50 3.26
CA VAL A 266 14.78 -12.89 1.91
C VAL A 266 14.68 -14.40 1.87
N PHE A 267 13.58 -14.90 1.31
CA PHE A 267 13.30 -16.32 1.25
C PHE A 267 13.13 -16.73 -0.21
N GLU A 268 13.47 -17.98 -0.50
CA GLU A 268 13.01 -18.64 -1.72
C GLU A 268 11.65 -19.25 -1.46
N LYS A 269 10.80 -19.24 -2.48
CA LYS A 269 9.49 -19.90 -2.43
C LYS A 269 9.61 -21.37 -1.96
N GLY A 270 8.84 -21.70 -0.92
CA GLY A 270 8.88 -23.03 -0.30
C GLY A 270 9.56 -23.02 1.05
N GLU A 271 10.50 -22.09 1.27
CA GLU A 271 11.18 -21.97 2.58
C GLU A 271 10.24 -21.62 3.74
N LYS A 272 10.67 -21.96 4.95
CA LYS A 272 9.91 -21.69 6.15
C LYS A 272 10.50 -20.47 6.84
N ALA A 273 9.63 -19.57 7.25
CA ALA A 273 10.00 -18.37 8.00
C ALA A 273 9.67 -18.58 9.46
N ARG A 274 10.56 -18.11 10.33
CA ARG A 274 10.28 -18.01 11.74
C ARG A 274 10.47 -16.53 12.11
N VAL A 275 9.38 -15.89 12.49
CA VAL A 275 9.38 -14.51 12.87
C VAL A 275 9.10 -14.47 14.37
N GLU A 276 9.99 -13.81 15.11
CA GLU A 276 9.94 -13.75 16.56
C GLU A 276 9.71 -12.34 17.04
N CYS A 277 8.92 -12.20 18.08
CA CYS A 277 8.67 -10.94 18.74
C CYS A 277 8.95 -11.12 20.22
N ARG A 278 10.07 -10.55 20.68
CA ARG A 278 10.53 -10.69 22.06
C ARG A 278 10.21 -9.45 22.90
N SER A 279 9.76 -9.70 24.12
CA SER A 279 9.46 -8.67 25.10
C SER A 279 10.15 -8.96 26.42
N LEU A 280 10.07 -8.02 27.36
CA LEU A 280 10.57 -8.25 28.70
C LEU A 280 9.67 -9.23 29.44
N GLU A 281 8.38 -8.97 29.37
CA GLU A 281 7.34 -9.73 30.05
C GLU A 281 6.29 -10.12 29.04
N PRO A 282 5.53 -11.19 29.32
CA PRO A 282 4.64 -11.69 28.28
C PRO A 282 3.63 -10.65 27.75
N LEU A 283 3.42 -10.62 26.45
CA LEU A 283 2.46 -9.72 25.82
C LEU A 283 1.04 -10.22 26.05
N GLU A 284 0.08 -9.31 26.14
CA GLU A 284 -1.33 -9.67 26.28
C GLU A 284 -1.94 -9.69 24.90
N ALA A 285 -2.80 -10.67 24.68
CA ALA A 285 -3.60 -10.78 23.47
C ALA A 285 -2.81 -10.46 22.20
N CYS A 286 -1.69 -11.17 22.03
CA CYS A 286 -0.87 -11.03 20.88
C CYS A 286 -1.45 -11.85 19.71
N THR A 287 -1.65 -11.14 18.61
CA THR A 287 -2.24 -11.63 17.37
C THR A 287 -1.24 -11.22 16.27
N ALA A 288 -1.29 -11.91 15.14
CA ALA A 288 -0.43 -11.57 14.02
C ALA A 288 -1.11 -11.69 12.70
N LYS A 289 -0.55 -10.97 11.73
CA LYS A 289 -0.99 -11.03 10.35
C LYS A 289 0.18 -11.11 9.39
N MSE A 290 -0.10 -11.71 8.24
CA MSE A 290 0.84 -11.89 7.13
C MSE A 290 0.16 -11.28 5.93
O MSE A 290 -0.85 -11.80 5.45
CB MSE A 290 1.12 -13.36 6.91
CG MSE A 290 2.13 -13.59 5.80
SE MSE A 290 2.51 -15.51 5.61
CE MSE A 290 1.16 -16.00 4.25
N ASN A 291 0.71 -10.17 5.44
CA ASN A 291 0.06 -9.34 4.44
C ASN A 291 -1.39 -9.06 4.76
N GLY A 292 -1.69 -8.65 5.99
CA GLY A 292 -3.06 -8.35 6.38
C GLY A 292 -3.98 -9.52 6.70
N VAL A 293 -3.47 -10.74 6.59
CA VAL A 293 -4.25 -11.94 6.82
C VAL A 293 -3.84 -12.58 8.16
N PRO A 294 -4.80 -12.84 9.07
CA PRO A 294 -4.44 -13.45 10.33
C PRO A 294 -3.75 -14.78 10.17
N VAL A 295 -2.72 -14.97 10.99
CA VAL A 295 -1.96 -16.21 11.07
C VAL A 295 -1.79 -16.52 12.55
N PRO A 296 -1.74 -17.81 12.90
CA PRO A 296 -1.57 -18.20 14.30
C PRO A 296 -0.21 -17.77 14.88
N VAL A 297 -0.25 -17.32 16.12
CA VAL A 297 0.93 -16.91 16.85
C VAL A 297 1.07 -17.87 17.99
N LYS A 298 2.30 -18.27 18.26
CA LYS A 298 2.61 -19.10 19.41
C LYS A 298 3.28 -18.24 20.44
N GLN A 299 2.91 -18.41 21.69
CA GLN A 299 3.46 -17.62 22.74
C GLN A 299 4.10 -18.55 23.72
N GLU A 300 5.40 -18.38 23.96
CA GLU A 300 6.07 -19.03 25.09
C GLU A 300 6.74 -17.98 25.97
N GLY A 301 6.14 -17.69 27.12
CA GLY A 301 6.67 -16.71 28.05
C GLY A 301 6.71 -15.36 27.35
N ASN A 302 7.92 -14.79 27.27
CA ASN A 302 8.11 -13.46 26.67
C ASN A 302 8.59 -13.48 25.21
N LEU A 303 8.35 -14.59 24.53
CA LEU A 303 8.55 -14.73 23.12
C LEU A 303 7.19 -15.03 22.47
N CYS A 304 6.81 -14.28 21.45
CA CYS A 304 5.76 -14.70 20.53
C CYS A 304 6.41 -15.05 19.21
N PHE A 305 5.96 -16.10 18.56
CA PHE A 305 6.50 -16.41 17.23
C PHE A 305 5.50 -17.04 16.26
N VAL A 306 5.75 -16.79 14.98
CA VAL A 306 4.97 -17.27 13.89
C VAL A 306 5.90 -18.16 13.05
N GLU A 307 5.42 -19.32 12.61
CA GLU A 307 6.16 -20.18 11.67
C GLU A 307 5.26 -20.46 10.47
N VAL A 308 5.69 -20.02 9.28
CA VAL A 308 4.87 -20.17 8.07
C VAL A 308 5.70 -20.53 6.87
N PRO A 309 5.12 -21.29 5.93
CA PRO A 309 5.77 -21.45 4.62
C PRO A 309 5.63 -20.15 3.79
N MSE A 310 6.61 -19.86 2.97
CA MSE A 310 6.62 -18.68 2.13
C MSE A 310 6.31 -19.20 0.76
O MSE A 310 7.21 -19.61 0.03
CB MSE A 310 8.02 -18.07 2.24
CG MSE A 310 8.36 -17.60 3.64
SE MSE A 310 7.08 -16.20 4.27
CE MSE A 310 8.41 -14.76 4.20
N GLU A 311 5.03 -19.22 0.40
CA GLU A 311 4.55 -19.94 -0.77
C GLU A 311 4.35 -19.07 -2.04
N GLN A 312 4.49 -17.74 -1.94
CA GLN A 312 4.23 -16.83 -3.09
C GLN A 312 5.27 -15.72 -3.19
N ALA A 313 5.77 -15.46 -4.40
CA ALA A 313 6.79 -14.42 -4.60
C ALA A 313 6.20 -13.06 -4.32
N GLY A 314 7.03 -12.16 -3.77
CA GLY A 314 6.58 -10.81 -3.41
C GLY A 314 6.92 -10.40 -1.96
N GLU A 315 6.60 -9.16 -1.67
CA GLU A 315 6.66 -8.58 -0.35
C GLU A 315 5.85 -9.42 0.64
N VAL A 316 6.44 -9.73 1.78
CA VAL A 316 5.69 -10.25 2.92
C VAL A 316 5.91 -9.35 4.14
N ARG A 317 4.83 -8.74 4.63
CA ARG A 317 4.85 -7.96 5.87
C ARG A 317 4.21 -8.78 6.96
N PHE A 318 4.93 -8.93 8.07
CA PHE A 318 4.40 -9.58 9.25
C PHE A 318 4.04 -8.48 10.24
N ASP A 319 2.80 -8.44 10.72
CA ASP A 319 2.39 -7.45 11.70
C ASP A 319 2.09 -8.19 12.99
N PHE A 320 2.49 -7.63 14.12
CA PHE A 320 2.12 -8.13 15.42
C PHE A 320 1.20 -7.12 16.06
N TYR A 321 0.10 -7.57 16.65
CA TYR A 321 -0.83 -6.72 17.38
C TYR A 321 -0.84 -7.21 18.82
N TYR A 322 -0.68 -6.31 19.78
CA TYR A 322 -0.52 -6.72 21.17
C TYR A 322 -0.90 -5.58 22.14
N ASN A 323 -1.13 -5.95 23.41
CA ASN A 323 -1.47 -5.04 24.51
C ASN A 323 -2.60 -4.11 24.19
N GLY A 324 -3.64 -4.63 23.54
CA GLY A 324 -4.83 -3.86 23.21
C GLY A 324 -4.76 -3.01 21.95
N ASN A 325 -3.78 -2.10 21.88
CA ASN A 325 -3.71 -1.12 20.75
C ASN A 325 -2.31 -0.87 20.17
N LYS A 326 -1.38 -1.79 20.39
CA LYS A 326 -0.01 -1.59 19.91
C LYS A 326 0.26 -2.52 18.73
N GLN A 327 1.17 -2.08 17.85
CA GLN A 327 1.60 -2.93 16.76
C GLN A 327 2.98 -2.60 16.27
N THR A 328 3.59 -3.59 15.66
CA THR A 328 4.88 -3.45 15.03
C THR A 328 4.96 -4.45 13.91
N HIS A 329 6.04 -4.45 13.14
CA HIS A 329 6.10 -5.28 11.95
C HIS A 329 7.51 -5.69 11.61
N ALA A 330 7.61 -6.66 10.68
CA ALA A 330 8.85 -6.98 9.96
C ALA A 330 8.55 -7.00 8.48
N ASP A 331 9.57 -6.66 7.67
CA ASP A 331 9.47 -6.69 6.20
C ASP A 331 10.40 -7.78 5.65
N CYS A 332 9.79 -8.79 5.04
CA CYS A 332 10.49 -9.85 4.35
C CYS A 332 10.15 -9.87 2.86
N LEU A 333 10.99 -10.54 2.07
CA LEU A 333 10.81 -10.68 0.62
C LEU A 333 10.86 -12.14 0.27
N VAL A 334 9.98 -12.55 -0.64
CA VAL A 334 10.04 -13.91 -1.18
C VAL A 334 10.33 -13.81 -2.66
N ILE A 335 11.44 -14.43 -3.08
CA ILE A 335 11.77 -14.58 -4.49
C ILE A 335 11.46 -16.01 -4.94
N SER A 336 11.30 -16.22 -6.24
CA SER A 336 10.98 -17.57 -6.75
C SER A 336 12.11 -18.55 -6.42
N ASN A 337 13.33 -18.17 -6.75
CA ASN A 337 14.47 -19.07 -6.67
C ASN A 337 15.73 -18.28 -6.98
N THR A 338 16.79 -18.46 -6.20
CA THR A 338 17.93 -17.55 -6.24
C THR A 338 18.82 -17.81 -7.44
N ALA A 339 19.08 -19.09 -7.71
CA ALA A 339 19.80 -19.50 -8.91
C ALA A 339 19.15 -18.90 -10.17
N ASP A 340 17.83 -19.02 -10.27
CA ASP A 340 17.07 -18.49 -11.40
C ASP A 340 17.01 -16.96 -11.48
N LEU A 341 17.01 -16.31 -10.33
CA LEU A 341 17.06 -14.86 -10.31
C LEU A 341 18.34 -14.37 -10.96
N ILE A 342 19.45 -15.01 -10.59
CA ILE A 342 20.76 -14.64 -11.13
C ILE A 342 20.84 -14.93 -12.64
N ARG A 343 20.40 -16.12 -13.02
CA ARG A 343 20.35 -16.53 -14.42
C ARG A 343 19.54 -15.53 -15.26
N LYS A 344 18.32 -15.25 -14.83
CA LYS A 344 17.48 -14.28 -15.53
C LYS A 344 18.15 -12.93 -15.62
N ARG A 345 18.86 -12.50 -14.58
CA ARG A 345 19.59 -11.22 -14.63
C ARG A 345 20.74 -11.21 -15.63
N VAL A 346 21.46 -12.33 -15.73
CA VAL A 346 22.59 -12.37 -16.68
C VAL A 346 22.04 -12.36 -18.11
N ASP A 347 20.96 -13.11 -18.36
CA ASP A 347 20.32 -13.11 -19.67
C ASP A 347 19.84 -11.73 -20.06
N PHE A 348 19.28 -10.98 -19.12
CA PHE A 348 18.86 -9.61 -19.41
C PHE A 348 20.07 -8.73 -19.73
N ILE A 349 21.19 -8.92 -19.03
CA ILE A 349 22.38 -8.11 -19.33
C ILE A 349 22.86 -8.42 -20.76
N ARG A 350 22.90 -9.71 -21.09
CA ARG A 350 23.34 -10.16 -22.40
C ARG A 350 22.43 -9.70 -23.53
N THR A 351 21.14 -10.03 -23.44
CA THR A 351 20.18 -9.77 -24.53
C THR A 351 19.58 -8.36 -24.60
N ARG A 352 19.79 -7.53 -23.58
CA ARG A 352 19.19 -6.19 -23.57
C ARG A 352 20.08 -5.03 -23.14
N GLN A 353 21.16 -5.26 -22.38
CA GLN A 353 22.04 -4.16 -21.93
C GLN A 353 23.42 -4.13 -22.60
N GLN A 354 23.74 -5.14 -23.41
CA GLN A 354 24.91 -5.06 -24.25
C GLN A 354 24.56 -4.38 -25.58
N MSE A 355 25.22 -3.26 -25.84
CA MSE A 355 25.11 -2.57 -27.13
C MSE A 355 25.49 -3.52 -28.27
O MSE A 355 26.58 -4.06 -28.27
CB MSE A 355 26.04 -1.35 -27.09
CG MSE A 355 26.07 -0.53 -28.38
SE MSE A 355 24.26 0.05 -28.91
CE MSE A 355 24.40 1.87 -28.16
N ASN A 356 24.56 -3.78 -29.19
CA ASN A 356 24.83 -4.58 -30.39
C ASN A 356 24.50 -3.76 -31.63
N ASN A 357 25.34 -2.74 -31.88
CA ASN A 357 25.23 -1.85 -33.02
C ASN A 357 26.66 -1.61 -33.53
N PRO A 358 27.05 -2.33 -34.61
CA PRO A 358 28.35 -2.07 -35.26
C PRO A 358 28.59 -0.59 -35.59
N SER A 359 27.54 0.14 -35.91
CA SER A 359 27.61 1.59 -36.14
C SER A 359 28.03 2.45 -34.93
N ASP A 360 27.82 1.97 -33.70
CA ASP A 360 28.04 2.79 -32.51
C ASP A 360 29.44 2.53 -31.94
N LEU A 361 30.12 3.61 -31.57
CA LEU A 361 31.50 3.56 -31.03
C LEU A 361 31.61 2.72 -29.74
N ARG A 362 30.49 2.55 -29.05
CA ARG A 362 30.42 1.80 -27.79
C ARG A 362 29.99 0.34 -28.02
N ASP A 363 30.25 -0.20 -29.20
CA ASP A 363 29.70 -1.50 -29.64
C ASP A 363 29.63 -2.61 -28.57
N GLY A 364 30.74 -2.99 -27.94
CA GLY A 364 30.69 -4.14 -27.00
C GLY A 364 30.21 -3.91 -25.57
N ALA A 365 30.03 -2.64 -25.20
CA ALA A 365 29.74 -2.23 -23.83
C ALA A 365 28.47 -2.84 -23.20
N TYR A 366 28.56 -3.19 -21.91
CA TYR A 366 27.38 -3.34 -21.04
C TYR A 366 27.09 -1.95 -20.53
N MSE A 367 25.81 -1.56 -20.57
CA MSE A 367 25.44 -0.14 -20.36
C MSE A 367 24.26 0.09 -19.49
O MSE A 367 23.47 -0.80 -19.24
CB MSE A 367 25.16 0.47 -21.73
CG MSE A 367 26.48 0.59 -22.48
SE MSE A 367 26.14 1.37 -24.24
CE MSE A 367 26.26 3.27 -23.73
N VAL A 368 24.13 1.34 -19.08
CA VAL A 368 23.01 1.77 -18.26
C VAL A 368 21.72 1.54 -19.05
N TYR A 369 20.66 1.12 -18.35
CA TYR A 369 19.40 0.73 -18.99
C TYR A 369 18.20 1.36 -18.28
N ASP A 370 17.39 2.09 -19.04
CA ASP A 370 16.14 2.67 -18.55
C ASP A 370 15.07 1.61 -18.54
N ASN A 371 14.64 1.19 -17.36
CA ASN A 371 13.58 0.18 -17.26
C ASN A 371 12.20 0.70 -17.56
N GLU A 372 11.92 1.98 -17.35
CA GLU A 372 10.63 2.59 -17.75
C GLU A 372 10.50 2.70 -19.28
N GLY A 373 11.54 3.27 -19.90
CA GLY A 373 11.66 3.41 -21.35
C GLY A 373 11.94 2.15 -22.14
N ASP A 374 12.37 1.06 -21.47
CA ASP A 374 12.71 -0.21 -22.13
C ASP A 374 13.81 -0.05 -23.22
N SER A 375 14.90 0.65 -22.88
CA SER A 375 16.02 0.81 -23.81
C SER A 375 17.32 1.12 -23.10
N ILE A 376 18.43 0.91 -23.78
CA ILE A 376 19.72 1.37 -23.30
C ILE A 376 19.68 2.89 -23.21
N TYR A 377 20.16 3.41 -22.09
CA TYR A 377 20.30 4.82 -21.90
C TYR A 377 21.58 5.27 -22.58
N LEU A 378 21.44 6.18 -23.55
CA LEU A 378 22.56 6.61 -24.41
C LEU A 378 23.36 7.82 -23.91
N ASN A 379 22.96 8.39 -22.77
CA ASN A 379 23.71 9.49 -22.10
C ASN A 379 23.77 10.78 -22.95
N ASP A 380 22.69 11.01 -23.70
CA ASP A 380 22.59 12.13 -24.67
C ASP A 380 21.71 13.28 -24.16
N THR A 381 20.69 12.98 -23.35
CA THR A 381 19.85 14.00 -22.70
C THR A 381 20.57 14.66 -21.50
N PRO A 382 20.09 15.83 -21.04
CA PRO A 382 20.74 16.43 -19.86
C PRO A 382 20.46 15.68 -18.54
N ASN A 383 21.46 15.68 -17.66
CA ASN A 383 21.29 15.15 -16.31
C ASN A 383 22.30 15.82 -15.38
N CYS A 384 22.22 15.51 -14.09
CA CYS A 384 23.07 16.12 -13.06
C CYS A 384 24.56 15.72 -13.11
N ASN A 385 24.90 14.56 -13.70
CA ASN A 385 26.32 14.11 -13.75
C ASN A 385 26.59 13.01 -14.81
N PRO A 386 26.81 13.43 -16.08
CA PRO A 386 26.95 12.49 -17.20
C PRO A 386 27.99 11.35 -17.01
N VAL A 387 29.14 11.65 -16.40
CA VAL A 387 30.19 10.63 -16.19
C VAL A 387 29.75 9.43 -15.32
N ASP A 388 28.81 9.62 -14.40
CA ASP A 388 28.26 8.50 -13.61
C ASP A 388 27.16 7.69 -14.35
N ARG A 389 26.83 8.04 -15.59
CA ARG A 389 25.90 7.27 -16.42
C ARG A 389 26.52 6.84 -17.74
N ASP A 390 27.86 6.72 -17.79
CA ASP A 390 28.61 6.47 -19.05
C ASP A 390 28.88 4.96 -19.30
N GLU A 391 29.87 4.62 -20.12
CA GLU A 391 30.05 3.25 -20.67
C GLU A 391 30.94 2.30 -19.85
N GLY A 392 31.79 2.85 -18.98
CA GLY A 392 32.70 2.07 -18.13
C GLY A 392 32.59 2.45 -16.66
N ALA A 393 33.73 2.69 -16.00
CA ALA A 393 33.79 2.96 -14.56
C ALA A 393 33.03 1.84 -13.80
N GLU A 394 32.04 2.16 -12.97
CA GLU A 394 31.33 1.12 -12.20
C GLU A 394 30.63 0.07 -13.07
N ARG A 395 30.28 0.41 -14.33
CA ARG A 395 29.59 -0.57 -15.21
C ARG A 395 30.37 -1.83 -15.55
N LEU A 396 31.66 -1.88 -15.24
CA LEU A 396 32.44 -3.13 -15.32
C LEU A 396 31.95 -4.31 -14.51
N GLY A 397 31.16 -4.03 -13.45
CA GLY A 397 30.56 -5.11 -12.64
C GLY A 397 29.70 -6.08 -13.41
N MSE A 398 29.02 -5.60 -14.46
CA MSE A 398 28.25 -6.50 -15.35
C MSE A 398 29.18 -7.52 -16.03
O MSE A 398 28.79 -8.68 -16.24
CB MSE A 398 27.47 -5.68 -16.40
CG MSE A 398 26.18 -5.11 -15.81
SE MSE A 398 25.09 -3.98 -17.03
CE MSE A 398 26.07 -2.28 -16.84
N GLY A 399 30.38 -7.09 -16.39
CA GLY A 399 31.38 -7.98 -16.97
C GLY A 399 31.84 -9.00 -15.96
N VAL A 400 32.20 -8.53 -14.78
CA VAL A 400 32.62 -9.47 -13.75
C VAL A 400 31.49 -10.45 -13.43
N LEU A 401 30.26 -9.99 -13.45
CA LEU A 401 29.13 -10.87 -13.18
C LEU A 401 28.99 -11.95 -14.24
N LEU A 402 29.01 -11.58 -15.52
CA LEU A 402 28.86 -12.58 -16.60
C LEU A 402 30.00 -13.61 -16.57
N VAL A 403 31.23 -13.14 -16.29
CA VAL A 403 32.37 -14.04 -16.14
C VAL A 403 32.08 -15.08 -15.05
N LYS A 404 31.75 -14.61 -13.85
CA LYS A 404 31.46 -15.53 -12.74
C LYS A 404 30.33 -16.49 -13.09
N GLN A 405 29.28 -16.00 -13.74
CA GLN A 405 28.18 -16.86 -14.16
C GLN A 405 28.57 -17.82 -15.29
N TYR A 406 29.50 -17.42 -16.16
CA TYR A 406 30.07 -18.34 -17.17
C TYR A 406 30.79 -19.52 -16.49
N LEU A 407 31.59 -19.22 -15.48
CA LEU A 407 32.35 -20.26 -14.78
C LEU A 407 31.44 -21.31 -14.16
N LEU A 408 30.30 -20.91 -13.59
CA LEU A 408 29.34 -21.86 -12.97
C LEU A 408 28.43 -22.66 -13.95
N THR A 409 28.22 -22.16 -15.17
CA THR A 409 27.24 -22.78 -16.12
C THR A 409 27.75 -23.15 -17.52
N LYS A 410 28.83 -22.52 -17.99
CA LYS A 410 29.39 -22.75 -19.34
C LYS A 410 28.39 -22.54 -20.49
N ASP A 411 27.59 -21.47 -20.42
CA ASP A 411 26.76 -21.06 -21.55
C ASP A 411 27.66 -20.40 -22.60
N PRO A 412 27.78 -20.98 -23.81
CA PRO A 412 28.70 -20.41 -24.80
C PRO A 412 28.32 -18.98 -25.28
N GLU A 413 27.02 -18.67 -25.26
CA GLU A 413 26.53 -17.32 -25.59
C GLU A 413 27.08 -16.23 -24.65
N LEU A 414 27.34 -16.57 -23.39
CA LEU A 414 28.05 -15.66 -22.46
C LEU A 414 29.53 -15.48 -22.80
N LYS A 415 30.19 -16.58 -23.21
CA LYS A 415 31.58 -16.50 -23.67
C LYS A 415 31.71 -15.52 -24.85
N GLN A 416 30.82 -15.64 -25.84
CA GLN A 416 30.77 -14.73 -27.01
C GLN A 416 30.61 -13.25 -26.61
N SER A 417 29.70 -13.00 -25.65
CA SER A 417 29.40 -11.65 -25.14
C SER A 417 30.56 -11.07 -24.34
N LEU A 418 31.17 -11.91 -23.51
CA LEU A 418 32.36 -11.52 -22.74
C LEU A 418 33.57 -11.19 -23.62
N LEU A 419 33.83 -12.04 -24.61
CA LEU A 419 34.91 -11.76 -25.59
C LEU A 419 34.77 -10.37 -26.22
N ARG A 420 33.55 -10.04 -26.66
CA ARG A 420 33.26 -8.70 -27.19
C ARG A 420 33.43 -7.56 -26.16
N TYR A 421 33.06 -7.80 -24.90
CA TYR A 421 33.21 -6.78 -23.84
C TYR A 421 34.67 -6.52 -23.50
N ALA A 422 35.45 -7.59 -23.37
CA ALA A 422 36.88 -7.48 -23.07
C ALA A 422 37.60 -6.67 -24.13
N ASP A 423 37.23 -6.88 -25.41
CA ASP A 423 37.73 -6.08 -26.53
C ASP A 423 37.34 -4.60 -26.40
N PHE A 424 36.07 -4.33 -26.11
CA PHE A 424 35.62 -2.94 -25.86
C PHE A 424 36.46 -2.26 -24.80
N VAL A 425 36.72 -2.97 -23.69
CA VAL A 425 37.47 -2.34 -22.58
C VAL A 425 38.91 -2.09 -22.98
N ARG A 426 39.59 -3.12 -23.49
CA ARG A 426 41.01 -3.00 -23.88
C ARG A 426 41.21 -1.97 -24.98
N ARG A 427 40.47 -2.15 -26.08
CA ARG A 427 40.63 -1.32 -27.28
C ARG A 427 40.20 0.14 -27.11
N LYS A 428 39.11 0.39 -26.38
CA LYS A 428 38.43 1.70 -26.40
C LYS A 428 38.42 2.49 -25.09
N LEU A 429 38.40 1.83 -23.94
CA LEU A 429 38.45 2.55 -22.66
C LEU A 429 39.90 2.88 -22.29
N GLN A 430 40.81 1.95 -22.56
CA GLN A 430 42.24 2.14 -22.27
C GLN A 430 43.05 2.58 -23.49
N THR A 431 44.08 3.39 -23.22
CA THR A 431 45.10 3.72 -24.21
C THR A 431 46.01 2.50 -24.41
N ASP A 432 46.99 2.61 -25.31
CA ASP A 432 48.02 1.57 -25.48
C ASP A 432 48.86 1.42 -24.20
N ASN A 433 49.09 2.54 -23.52
CA ASN A 433 49.90 2.60 -22.29
C ASN A 433 49.15 2.24 -20.96
N TYR A 434 47.95 1.65 -21.06
CA TYR A 434 47.11 1.22 -19.91
C TYR A 434 46.48 2.33 -19.03
N VAL A 435 46.55 3.58 -19.48
CA VAL A 435 45.82 4.65 -18.81
C VAL A 435 44.35 4.38 -19.09
N THR A 436 43.52 4.52 -18.06
CA THR A 436 42.17 3.96 -18.09
C THR A 436 41.15 5.10 -17.95
N TYR A 437 40.15 5.06 -18.81
CA TYR A 437 39.06 6.01 -18.84
C TYR A 437 37.74 5.25 -18.75
N SER A 438 36.66 5.99 -18.51
CA SER A 438 35.31 5.41 -18.44
C SER A 438 34.47 5.76 -19.68
N SER A 439 35.09 6.40 -20.67
CA SER A 439 34.40 7.01 -21.80
C SER A 439 35.25 6.81 -23.07
N VAL A 440 34.61 6.48 -24.20
CA VAL A 440 35.33 6.19 -25.45
C VAL A 440 36.15 7.36 -26.03
N ASP A 441 35.64 8.58 -25.88
CA ASP A 441 36.37 9.81 -26.25
C ASP A 441 37.66 10.05 -25.44
N GLN A 442 37.66 9.63 -24.17
CA GLN A 442 38.80 9.80 -23.25
C GLN A 442 39.19 11.25 -22.93
N LYS A 443 38.22 12.18 -23.04
CA LYS A 443 38.44 13.59 -22.72
C LYS A 443 37.68 14.00 -21.43
N ASN A 444 37.55 13.04 -20.50
CA ASN A 444 36.85 13.21 -19.22
C ASN A 444 37.82 12.78 -18.09
N ARG A 445 37.31 12.68 -16.85
CA ARG A 445 38.17 12.43 -15.69
C ARG A 445 39.02 11.14 -15.75
N ASN A 446 40.25 11.23 -15.25
CA ASN A 446 41.13 10.07 -15.04
C ASN A 446 41.08 9.77 -13.52
N ARG A 447 40.41 8.67 -13.18
CA ARG A 447 39.84 8.52 -11.82
C ARG A 447 40.73 7.85 -10.79
N GLY A 448 40.94 6.54 -10.94
CA GLY A 448 41.65 5.74 -9.94
C GLY A 448 40.85 4.49 -9.64
N TYR A 449 39.63 4.71 -9.13
CA TYR A 449 38.67 3.61 -8.90
C TYR A 449 38.50 2.70 -10.12
N ASN A 450 38.47 3.30 -11.32
CA ASN A 450 38.20 2.55 -12.58
C ASN A 450 39.23 1.49 -12.91
N TYR A 451 40.48 1.73 -12.49
CA TYR A 451 41.60 0.83 -12.77
C TYR A 451 41.43 -0.51 -12.06
N MSE A 452 40.89 -0.49 -10.85
CA MSE A 452 40.76 -1.72 -10.04
C MSE A 452 39.77 -2.66 -10.69
O MSE A 452 39.97 -3.88 -10.71
CB MSE A 452 40.34 -1.44 -8.59
CG MSE A 452 41.09 -0.32 -7.89
SE MSE A 452 43.03 -0.66 -7.70
CE MSE A 452 43.73 -0.05 -9.43
N TRP A 453 38.69 -2.11 -11.26
CA TRP A 453 37.64 -2.93 -11.87
C TRP A 453 37.99 -3.44 -13.29
N VAL A 454 38.70 -2.63 -14.07
CA VAL A 454 39.26 -3.06 -15.35
C VAL A 454 40.23 -4.18 -15.10
N ALA A 455 41.11 -3.96 -14.12
CA ALA A 455 42.07 -4.99 -13.70
C ALA A 455 41.39 -6.27 -13.26
N GLU A 456 40.32 -6.16 -12.47
CA GLU A 456 39.57 -7.32 -12.03
C GLU A 456 38.88 -8.01 -13.21
N LEU A 457 38.40 -7.23 -14.17
CA LEU A 457 37.87 -7.84 -15.40
C LEU A 457 38.94 -8.67 -16.13
N TYR A 458 40.15 -8.15 -16.28
CA TYR A 458 41.22 -8.90 -17.00
C TYR A 458 41.62 -10.21 -16.32
N PHE A 459 41.89 -10.17 -15.02
CA PHE A 459 42.19 -11.41 -14.27
C PHE A 459 41.06 -12.42 -14.34
N GLN A 460 39.83 -11.94 -14.32
CA GLN A 460 38.64 -12.79 -14.45
C GLN A 460 38.49 -13.39 -15.86
N MSE A 461 38.81 -12.60 -16.88
CA MSE A 461 38.80 -13.09 -18.26
C MSE A 461 39.80 -14.23 -18.47
O MSE A 461 39.51 -15.12 -19.27
CB MSE A 461 39.03 -11.96 -19.30
CG MSE A 461 37.83 -11.00 -19.55
SE MSE A 461 36.20 -11.95 -20.14
CE MSE A 461 36.88 -12.53 -21.91
N TYR A 462 40.93 -14.25 -17.76
CA TYR A 462 41.89 -15.38 -17.83
C TYR A 462 41.22 -16.71 -17.48
N LYS A 463 40.34 -16.73 -16.50
CA LYS A 463 39.63 -17.96 -16.11
C LYS A 463 38.65 -18.45 -17.17
N VAL A 464 38.20 -17.53 -18.02
CA VAL A 464 37.26 -17.84 -19.10
C VAL A 464 37.97 -18.59 -20.25
N THR A 465 39.11 -18.06 -20.68
CA THR A 465 39.85 -18.55 -21.86
C THR A 465 41.09 -19.37 -21.46
N GLY A 466 42.14 -18.65 -21.06
CA GLY A 466 43.46 -19.23 -20.88
C GLY A 466 44.55 -18.24 -21.25
N ASP A 467 44.28 -17.40 -22.26
CA ASP A 467 45.24 -16.40 -22.73
C ASP A 467 45.88 -15.68 -21.55
N LYS A 468 47.19 -15.91 -21.36
CA LYS A 468 47.96 -15.21 -20.32
C LYS A 468 48.11 -13.71 -20.60
N GLN A 469 47.75 -13.26 -21.80
CA GLN A 469 47.74 -11.81 -22.12
C GLN A 469 46.82 -11.00 -21.17
N PHE A 470 45.63 -11.54 -20.89
CA PHE A 470 44.71 -10.93 -19.91
C PHE A 470 45.40 -10.68 -18.56
N VAL A 471 46.13 -11.68 -18.08
CA VAL A 471 46.84 -11.58 -16.81
C VAL A 471 47.86 -10.43 -16.83
N THR A 472 48.62 -10.31 -17.92
CA THR A 472 49.56 -9.17 -18.07
C THR A 472 48.82 -7.83 -18.11
N ASP A 473 47.68 -7.76 -18.79
CA ASP A 473 46.88 -6.52 -18.84
C ASP A 473 46.41 -6.10 -17.43
N GLY A 474 45.97 -7.08 -16.65
CA GLY A 474 45.65 -6.87 -15.24
C GLY A 474 46.79 -6.26 -14.46
N TYR A 475 47.98 -6.88 -14.60
CA TYR A 475 49.21 -6.39 -13.94
C TYR A 475 49.56 -4.99 -14.42
N LYS A 476 49.62 -4.80 -15.72
CA LYS A 476 50.02 -3.50 -16.27
C LYS A 476 48.98 -2.39 -15.96
N THR A 477 47.71 -2.76 -15.79
CA THR A 477 46.68 -1.80 -15.33
C THR A 477 46.91 -1.37 -13.86
N LEU A 478 47.14 -2.34 -12.98
CA LEU A 478 47.44 -2.05 -11.58
C LEU A 478 48.73 -1.20 -11.43
N LYS A 479 49.78 -1.58 -12.18
CA LYS A 479 51.04 -0.82 -12.20
C LYS A 479 50.83 0.63 -12.71
N SER A 480 49.99 0.82 -13.72
CA SER A 480 49.66 2.20 -14.19
C SER A 480 48.92 3.02 -13.15
N MSE A 481 48.06 2.36 -12.39
CA MSE A 481 47.37 3.02 -11.27
C MSE A 481 48.40 3.38 -10.24
O MSE A 481 48.46 4.55 -9.81
CB MSE A 481 46.23 2.15 -10.71
CG MSE A 481 45.47 2.85 -9.58
SE MSE A 481 46.02 2.08 -7.86
CE MSE A 481 46.67 3.69 -6.95
N PHE A 482 49.25 2.42 -9.85
CA PHE A 482 50.31 2.71 -8.87
C PHE A 482 51.20 3.87 -9.31
N GLN A 483 51.61 3.89 -10.57
CA GLN A 483 52.46 4.98 -11.10
C GLN A 483 51.81 6.35 -10.94
N GLN A 484 50.54 6.44 -11.33
CA GLN A 484 49.84 7.72 -11.43
C GLN A 484 49.31 8.27 -10.11
N PHE A 485 48.79 7.40 -9.25
CA PHE A 485 47.96 7.82 -8.12
C PHE A 485 48.64 7.76 -6.76
N GLY A 486 49.40 6.69 -6.52
CA GLY A 486 50.21 6.54 -5.32
C GLY A 486 50.20 5.10 -4.85
N TYR A 487 50.75 4.88 -3.67
CA TYR A 487 50.71 3.56 -3.04
C TYR A 487 49.57 3.41 -2.03
N GLY A 488 49.13 4.53 -1.43
CA GLY A 488 48.02 4.52 -0.47
C GLY A 488 46.71 5.08 -0.99
N PHE A 489 46.32 4.66 -2.20
CA PHE A 489 45.03 5.09 -2.79
C PHE A 489 43.93 4.13 -2.32
N TYR A 490 43.01 4.67 -1.53
CA TYR A 490 41.85 3.92 -1.04
C TYR A 490 40.88 3.73 -2.19
N ALA A 491 40.54 2.48 -2.48
CA ALA A 491 39.79 2.13 -3.69
C ALA A 491 39.02 0.83 -3.53
N ILE A 492 37.85 0.75 -4.17
CA ILE A 492 36.92 -0.35 -3.94
C ILE A 492 37.40 -1.56 -4.73
N GLY A 493 37.41 -2.71 -4.06
CA GLY A 493 37.60 -4.00 -4.71
C GLY A 493 38.97 -4.23 -5.34
N ILE A 494 40.02 -3.72 -4.70
CA ILE A 494 41.42 -3.94 -5.15
C ILE A 494 41.65 -5.46 -5.14
N PRO A 495 41.91 -6.07 -6.31
CA PRO A 495 41.85 -7.54 -6.42
C PRO A 495 43.16 -8.26 -6.06
N VAL A 496 43.44 -8.33 -4.75
CA VAL A 496 44.65 -8.97 -4.23
C VAL A 496 44.62 -10.51 -4.41
N ARG A 497 43.70 -11.19 -3.74
CA ARG A 497 43.65 -12.66 -3.80
C ARG A 497 43.45 -13.19 -5.23
N LEU A 498 42.67 -12.48 -6.03
CA LEU A 498 42.46 -12.86 -7.43
C LEU A 498 43.71 -12.58 -8.29
N GLY A 499 44.31 -11.40 -8.12
CA GLY A 499 45.52 -11.03 -8.83
C GLY A 499 46.61 -12.09 -8.69
N LEU A 500 46.92 -12.44 -7.44
CA LEU A 500 47.99 -13.38 -7.14
C LEU A 500 47.69 -14.79 -7.62
N GLN A 501 46.47 -15.30 -7.39
CA GLN A 501 46.10 -16.64 -7.88
C GLN A 501 46.07 -16.69 -9.42
N SER A 502 45.82 -15.55 -10.05
CA SER A 502 45.83 -15.45 -11.52
C SER A 502 47.27 -15.55 -12.05
N LEU A 503 48.19 -14.82 -11.40
CA LEU A 503 49.62 -14.86 -11.74
C LEU A 503 50.24 -16.25 -11.50
N LYS A 504 50.20 -16.72 -10.26
CA LYS A 504 50.71 -18.05 -9.91
C LYS A 504 50.19 -19.18 -10.81
N GLU A 505 48.89 -19.21 -11.08
CA GLU A 505 48.28 -20.28 -11.89
C GLU A 505 48.80 -20.28 -13.34
N ALA A 506 49.14 -19.09 -13.85
CA ALA A 506 49.76 -18.93 -15.17
C ALA A 506 51.22 -19.39 -15.16
N GLY A 507 51.94 -19.03 -14.08
CA GLY A 507 53.36 -19.30 -13.91
C GLY A 507 54.22 -18.11 -14.31
N MSE A 508 53.86 -16.91 -13.83
CA MSE A 508 54.58 -15.67 -14.12
C MSE A 508 55.23 -15.16 -12.85
O MSE A 508 55.16 -13.97 -12.55
CB MSE A 508 53.62 -14.62 -14.67
CG MSE A 508 52.96 -15.08 -15.99
SE MSE A 508 51.65 -13.75 -16.65
CE MSE A 508 52.64 -12.06 -16.44
N LYS A 509 55.91 -16.08 -12.15
CA LYS A 509 56.41 -15.88 -10.76
C LYS A 509 57.24 -14.61 -10.50
N LYS A 510 57.87 -14.05 -11.53
CA LYS A 510 58.48 -12.71 -11.43
C LYS A 510 57.44 -11.63 -11.08
N GLU A 511 56.21 -11.80 -11.57
CA GLU A 511 55.12 -10.86 -11.29
C GLU A 511 54.44 -11.06 -9.94
N TYR A 512 54.29 -12.32 -9.51
CA TYR A 512 53.63 -12.66 -8.22
C TYR A 512 54.36 -12.12 -7.00
N THR A 513 55.62 -11.70 -7.19
CA THR A 513 56.43 -11.00 -6.19
C THR A 513 56.39 -9.47 -6.34
N ASP A 514 56.53 -8.98 -7.57
CA ASP A 514 56.57 -7.52 -7.82
C ASP A 514 55.26 -6.87 -7.36
N LEU A 515 54.12 -7.45 -7.76
CA LEU A 515 52.80 -6.92 -7.42
C LEU A 515 52.55 -7.06 -5.92
N ARG A 516 52.80 -8.27 -5.39
CA ARG A 516 52.75 -8.52 -3.96
C ARG A 516 53.46 -7.42 -3.15
N ASN A 517 54.63 -6.99 -3.60
CA ASN A 517 55.35 -5.88 -2.95
C ASN A 517 54.74 -4.51 -3.18
N ASP A 518 54.00 -4.33 -4.28
CA ASP A 518 53.22 -3.12 -4.44
C ASP A 518 52.01 -3.11 -3.47
N PHE A 519 51.40 -4.28 -3.27
CA PHE A 519 50.30 -4.43 -2.29
C PHE A 519 50.80 -4.26 -0.85
N ILE A 520 51.98 -4.81 -0.53
CA ILE A 520 52.58 -4.65 0.81
C ILE A 520 52.87 -3.18 1.14
N LYS A 521 53.34 -2.40 0.16
CA LYS A 521 53.56 -0.96 0.41
C LYS A 521 52.22 -0.22 0.58
N THR A 522 51.13 -0.72 -0.03
CA THR A 522 49.77 -0.19 0.20
C THR A 522 49.27 -0.55 1.61
N GLY A 523 49.43 -1.82 1.98
CA GLY A 523 49.14 -2.28 3.35
C GLY A 523 49.69 -1.38 4.45
N ASP A 524 50.97 -0.99 4.33
CA ASP A 524 51.67 -0.23 5.37
C ASP A 524 51.18 1.20 5.49
N VAL A 525 50.93 1.86 4.36
CA VAL A 525 50.31 3.19 4.38
C VAL A 525 48.87 3.17 4.97
N PHE A 526 48.09 2.10 4.73
CA PHE A 526 46.77 1.98 5.37
C PHE A 526 46.95 1.84 6.88
N VAL A 527 47.89 1.00 7.28
CA VAL A 527 48.23 0.82 8.69
C VAL A 527 48.70 2.14 9.33
N LYS A 528 49.59 2.89 8.68
CA LYS A 528 50.03 4.19 9.21
C LYS A 528 48.86 5.18 9.38
N ASN A 529 47.97 5.23 8.40
CA ASN A 529 46.83 6.17 8.46
C ASN A 529 45.83 5.84 9.56
N GLY A 530 45.48 4.55 9.68
CA GLY A 530 44.43 4.12 10.59
C GLY A 530 43.09 4.74 10.20
N LEU A 531 42.52 5.52 11.12
CA LEU A 531 41.25 6.22 10.90
C LEU A 531 41.43 7.74 10.59
N ASN A 532 42.59 8.12 10.01
CA ASN A 532 42.87 9.55 9.67
C ASN A 532 42.70 9.91 8.17
N TYR A 533 43.08 8.99 7.28
CA TYR A 533 42.93 9.16 5.81
C TYR A 533 43.72 10.32 5.17
N ASN A 539 36.72 12.25 2.00
CA ASN A 539 35.37 12.27 2.58
C ASN A 539 35.05 10.91 3.21
N TYR A 540 34.60 10.93 4.47
CA TYR A 540 34.27 9.71 5.23
C TYR A 540 32.93 9.05 4.81
N GLU A 541 32.97 7.75 4.49
CA GLU A 541 31.78 6.96 4.16
C GLU A 541 32.10 5.46 4.17
N GLN A 542 31.03 4.66 4.12
CA GLN A 542 31.08 3.20 4.02
C GLN A 542 32.10 2.65 3.03
N SER A 543 32.15 3.23 1.84
CA SER A 543 32.93 2.64 0.73
C SER A 543 34.35 3.21 0.61
N ILE A 544 34.79 3.98 1.61
CA ILE A 544 36.20 4.20 1.92
C ILE A 544 36.65 3.20 3.01
N VAL A 545 35.91 3.13 4.12
CA VAL A 545 36.28 2.29 5.29
C VAL A 545 36.32 0.81 4.91
N ALA A 546 35.28 0.31 4.30
CA ALA A 546 35.15 -1.11 4.03
C ALA A 546 36.18 -1.68 3.08
N PRO A 547 36.45 -0.99 1.96
CA PRO A 547 37.41 -1.60 1.00
C PRO A 547 38.84 -1.61 1.50
N ALA A 548 39.23 -0.59 2.28
CA ALA A 548 40.45 -0.68 3.08
C ALA A 548 40.55 -1.99 3.88
N ILE A 549 39.51 -2.34 4.61
CA ILE A 549 39.50 -3.58 5.39
C ILE A 549 39.41 -4.85 4.52
N GLN A 550 38.71 -4.77 3.38
CA GLN A 550 38.68 -5.84 2.37
C GLN A 550 40.10 -6.16 1.90
N PHE A 551 40.87 -5.09 1.65
CA PHE A 551 42.24 -5.17 1.14
C PHE A 551 43.22 -5.76 2.15
N LEU A 552 43.31 -5.15 3.31
CA LEU A 552 44.10 -5.68 4.45
C LEU A 552 43.78 -7.09 4.89
N ALA A 553 42.57 -7.58 4.63
CA ALA A 553 42.21 -8.95 5.00
C ALA A 553 42.67 -9.97 3.94
N GLN A 554 42.59 -9.59 2.68
CA GLN A 554 43.14 -10.40 1.59
C GLN A 554 44.66 -10.41 1.67
N LEU A 555 45.25 -9.26 2.03
CA LEU A 555 46.71 -9.14 2.17
C LEU A 555 47.24 -10.10 3.26
N TYR A 556 46.59 -10.12 4.42
CA TYR A 556 46.94 -11.05 5.51
C TYR A 556 46.85 -12.51 5.07
N LEU A 557 45.82 -12.85 4.29
CA LEU A 557 45.67 -14.22 3.79
C LEU A 557 46.81 -14.66 2.87
N GLU A 558 47.44 -13.70 2.19
CA GLU A 558 48.58 -13.98 1.31
C GLU A 558 49.90 -14.00 2.10
N THR A 559 50.16 -12.92 2.87
CA THR A 559 51.47 -12.72 3.51
C THR A 559 51.63 -13.46 4.85
N GLY A 560 50.62 -13.39 5.71
CA GLY A 560 50.68 -13.90 7.10
C GLY A 560 51.02 -12.85 8.16
N SER A 561 51.51 -11.67 7.73
CA SER A 561 51.87 -10.56 8.62
C SER A 561 50.77 -10.16 9.62
N GLN A 562 51.04 -10.35 10.91
CA GLN A 562 50.08 -10.06 11.99
C GLN A 562 49.70 -8.57 12.09
N LYS A 563 50.55 -7.66 11.62
CA LYS A 563 50.22 -6.22 11.63
C LYS A 563 48.96 -5.87 10.80
N TYR A 564 48.63 -6.69 9.80
CA TYR A 564 47.48 -6.43 8.92
C TYR A 564 46.18 -6.93 9.52
N LEU A 565 46.16 -8.17 10.01
CA LEU A 565 45.01 -8.68 10.78
C LEU A 565 44.73 -7.90 12.06
N ASP A 566 45.77 -7.34 12.69
CA ASP A 566 45.60 -6.43 13.83
C ASP A 566 44.79 -5.21 13.39
N GLU A 567 45.18 -4.58 12.28
CA GLU A 567 44.48 -3.39 11.77
C GLU A 567 43.02 -3.68 11.36
N VAL A 568 42.78 -4.82 10.73
CA VAL A 568 41.41 -5.26 10.41
C VAL A 568 40.53 -5.26 11.68
N LYS A 569 40.98 -5.98 12.71
CA LYS A 569 40.24 -6.10 13.99
C LYS A 569 40.02 -4.75 14.64
N ARG A 570 41.02 -3.87 14.59
CA ARG A 570 40.89 -2.53 15.14
C ARG A 570 39.81 -1.69 14.43
N GLN A 571 39.64 -1.89 13.11
CA GLN A 571 38.71 -1.12 12.28
C GLN A 571 37.32 -1.78 12.12
N MSE A 572 37.22 -3.06 12.46
CA MSE A 572 35.97 -3.80 12.32
C MSE A 572 34.77 -3.12 13.00
O MSE A 572 33.76 -2.94 12.34
CB MSE A 572 36.17 -5.24 12.80
CG MSE A 572 35.15 -6.20 12.21
SE MSE A 572 35.44 -6.48 10.27
CE MSE A 572 34.36 -8.12 10.31
N PRO A 573 34.90 -2.70 14.28
CA PRO A 573 33.76 -2.03 14.92
C PRO A 573 33.29 -0.75 14.20
N VAL A 574 34.22 -0.08 13.53
CA VAL A 574 33.93 1.14 12.79
C VAL A 574 33.12 0.85 11.54
N LEU A 575 33.46 -0.24 10.87
CA LEU A 575 32.67 -0.77 9.78
C LEU A 575 31.27 -1.21 10.19
N GLU A 576 31.19 -1.91 11.31
CA GLU A 576 29.93 -2.49 11.80
C GLU A 576 28.94 -1.43 12.23
N ALA A 577 29.45 -0.31 12.72
CA ALA A 577 28.63 0.83 13.10
C ALA A 577 27.76 1.43 11.99
N PHE A 578 28.11 1.22 10.73
CA PHE A 578 27.30 1.67 9.61
C PHE A 578 26.02 0.86 9.47
N ASN A 579 25.92 -0.30 10.11
CA ASN A 579 24.88 -1.32 9.87
C ASN A 579 23.94 -1.46 11.03
N GLY A 580 22.64 -1.48 10.74
CA GLY A 580 21.60 -1.71 11.75
C GLY A 580 21.17 -3.15 11.76
N PHE A 581 20.25 -3.47 12.68
CA PHE A 581 19.71 -4.81 12.80
C PHE A 581 18.18 -4.76 12.70
N GLN A 582 17.63 -3.76 12.02
CA GLN A 582 16.19 -3.63 11.87
C GLN A 582 15.60 -4.84 11.13
N PRO A 583 14.35 -5.24 11.44
CA PRO A 583 13.74 -6.42 10.85
C PRO A 583 13.15 -6.18 9.47
N SER A 584 14.02 -5.80 8.55
CA SER A 584 13.68 -5.52 7.17
C SER A 584 14.83 -5.98 6.30
N TYR A 585 14.51 -6.61 5.19
CA TYR A 585 15.53 -6.93 4.20
C TYR A 585 16.21 -5.69 3.63
N HIS A 586 15.50 -4.57 3.62
CA HIS A 586 16.13 -3.31 3.22
C HIS A 586 17.27 -2.87 4.13
N LEU A 587 17.17 -3.18 5.42
CA LEU A 587 18.02 -2.58 6.43
C LEU A 587 18.95 -3.54 7.18
N ASN A 588 18.59 -4.81 7.25
CA ASN A 588 19.28 -5.72 8.16
C ASN A 588 20.73 -5.98 7.69
N GLU A 589 21.68 -5.47 8.47
CA GLU A 589 23.13 -5.46 8.15
C GLU A 589 23.43 -4.76 6.82
N VAL A 590 22.66 -3.73 6.50
CA VAL A 590 22.83 -2.97 5.26
C VAL A 590 23.37 -1.60 5.61
N ALA A 591 24.58 -1.29 5.16
CA ALA A 591 25.18 -0.01 5.52
C ALA A 591 24.35 1.21 5.08
N ILE A 592 24.36 2.23 5.93
CA ILE A 592 23.80 3.49 5.66
C ILE A 592 24.57 4.10 4.51
N ARG A 593 23.84 4.31 3.41
CA ARG A 593 24.30 5.07 2.25
C ARG A 593 23.09 5.92 1.83
N HIS A 594 23.32 7.17 1.43
CA HIS A 594 22.23 8.10 1.17
C HIS A 594 22.48 9.11 0.04
N TRP A 595 23.28 8.77 -0.97
CA TRP A 595 23.58 9.72 -2.05
C TRP A 595 23.52 9.20 -3.48
N ASP A 596 23.68 7.88 -3.66
CA ASP A 596 23.83 7.28 -5.00
C ASP A 596 22.60 7.40 -5.89
N GLY A 597 21.43 7.65 -5.28
CA GLY A 597 20.23 7.95 -6.02
C GLY A 597 20.39 9.23 -6.84
N HIS A 598 21.02 10.25 -6.25
CA HIS A 598 21.27 11.49 -6.96
C HIS A 598 22.28 11.33 -8.08
N TRP A 599 23.44 10.73 -7.76
CA TRP A 599 24.55 10.64 -8.71
C TRP A 599 24.38 9.62 -9.81
N PHE A 600 23.65 8.55 -9.56
CA PHE A 600 23.54 7.43 -10.51
C PHE A 600 22.14 7.14 -11.04
N GLY A 601 21.11 7.71 -10.39
CA GLY A 601 19.74 7.36 -10.68
C GLY A 601 19.04 8.25 -11.69
N LYS A 602 17.98 7.72 -12.30
CA LYS A 602 17.06 8.52 -13.12
C LYS A 602 16.40 9.64 -12.35
N ARG A 603 15.86 9.35 -11.17
CA ARG A 603 15.14 10.38 -10.37
C ARG A 603 16.05 11.40 -9.68
N GLU A 604 17.35 11.12 -9.58
CA GLU A 604 18.35 12.05 -9.02
C GLU A 604 18.00 12.50 -7.57
N LEU A 605 17.47 11.56 -6.79
CA LEU A 605 17.09 11.81 -5.39
C LEU A 605 18.25 11.49 -4.47
N PHE A 606 18.80 12.52 -3.84
CA PHE A 606 19.50 12.36 -2.58
C PHE A 606 18.60 11.69 -1.57
N GLY A 607 19.17 10.92 -0.66
CA GLY A 607 18.43 10.34 0.45
C GLY A 607 18.76 8.88 0.61
N ASP A 608 18.31 8.34 1.74
CA ASP A 608 18.67 7.02 2.19
C ASP A 608 18.34 5.98 1.13
N THR A 609 19.38 5.27 0.70
CA THR A 609 19.25 4.17 -0.22
C THR A 609 19.50 2.91 0.60
N PHE A 610 18.48 2.07 0.74
CA PHE A 610 18.54 0.86 1.51
C PHE A 610 17.79 -0.24 0.74
N PRO A 611 18.46 -1.21 0.17
CA PRO A 611 19.89 -1.29 0.08
C PRO A 611 20.44 -0.52 -1.13
N HIS A 612 21.71 -0.11 -1.01
CA HIS A 612 22.51 0.22 -2.16
C HIS A 612 23.58 -0.87 -2.20
N TYR A 613 23.93 -1.26 -3.41
CA TYR A 613 24.79 -2.40 -3.70
C TYR A 613 26.19 -2.37 -3.09
N TRP A 614 26.78 -1.20 -2.87
CA TRP A 614 28.07 -1.18 -2.18
C TRP A 614 27.98 -1.65 -0.70
N SER A 615 26.76 -1.70 -0.15
CA SER A 615 26.54 -2.34 1.13
C SER A 615 27.12 -3.76 1.15
N THR A 616 27.14 -4.43 -0.02
CA THR A 616 27.66 -5.79 -0.10
C THR A 616 29.20 -5.89 0.05
N ILE A 617 29.93 -4.78 0.01
CA ILE A 617 31.37 -4.80 0.28
C ILE A 617 31.59 -5.20 1.75
N THR A 618 30.73 -4.68 2.63
CA THR A 618 30.77 -5.10 4.02
C THR A 618 30.63 -6.60 4.14
N GLY A 619 29.73 -7.20 3.38
CA GLY A 619 29.59 -8.66 3.33
C GLY A 619 30.81 -9.40 2.76
N ALA A 620 31.52 -8.77 1.82
CA ALA A 620 32.82 -9.26 1.36
C ALA A 620 33.84 -9.25 2.52
N VAL A 621 33.93 -8.14 3.22
CA VAL A 621 34.77 -8.03 4.43
C VAL A 621 34.49 -9.16 5.42
N TYR A 622 33.23 -9.45 5.70
CA TYR A 622 32.86 -10.50 6.65
C TYR A 622 33.26 -11.89 6.14
N TYR A 623 33.13 -12.12 4.82
CA TYR A 623 33.56 -13.37 4.20
C TYR A 623 35.04 -13.64 4.46
N TYR A 624 35.86 -12.62 4.21
CA TYR A 624 37.29 -12.71 4.35
C TYR A 624 37.67 -12.78 5.83
N TYR A 625 37.06 -11.91 6.64
CA TYR A 625 37.28 -11.94 8.08
C TYR A 625 37.05 -13.35 8.64
N ALA A 626 35.97 -14.02 8.21
CA ALA A 626 35.71 -15.44 8.55
C ALA A 626 36.78 -16.45 8.08
N LEU A 627 37.49 -16.15 7.00
CA LEU A 627 38.66 -16.95 6.58
C LEU A 627 39.91 -16.60 7.37
N CYS A 628 40.09 -15.32 7.71
CA CYS A 628 41.26 -14.82 8.47
C CYS A 628 41.32 -15.40 9.88
N THR A 629 40.19 -15.31 10.58
CA THR A 629 39.96 -16.01 11.83
C THR A 629 39.31 -17.32 11.38
N GLY A 630 38.77 -18.12 12.29
CA GLY A 630 37.94 -19.26 11.86
C GLY A 630 36.48 -19.02 12.23
N ASP A 631 36.16 -17.77 12.57
CA ASP A 631 34.89 -17.39 13.20
C ASP A 631 33.82 -17.45 12.13
N SER A 632 33.07 -18.56 12.11
CA SER A 632 32.11 -18.83 11.06
C SER A 632 30.80 -18.03 11.19
N SER A 633 30.58 -17.36 12.32
CA SER A 633 29.43 -16.48 12.46
C SER A 633 29.59 -15.24 11.53
N TYR A 634 30.83 -14.89 11.16
CA TYR A 634 31.03 -13.81 10.20
C TYR A 634 30.66 -14.20 8.76
N GLN A 635 30.79 -15.49 8.43
CA GLN A 635 30.27 -16.02 7.18
C GLN A 635 28.72 -16.01 7.14
N LYS A 636 28.05 -16.34 8.25
CA LYS A 636 26.58 -16.30 8.26
C LYS A 636 26.09 -14.86 8.04
N ARG A 637 26.80 -13.91 8.63
CA ARG A 637 26.47 -12.53 8.48
C ARG A 637 26.74 -12.05 7.06
N ALA A 638 27.88 -12.47 6.50
CA ALA A 638 28.24 -12.24 5.11
C ALA A 638 27.11 -12.65 4.15
N GLU A 639 26.56 -13.84 4.39
CA GLU A 639 25.47 -14.36 3.61
C GLU A 639 24.19 -13.52 3.78
N ASN A 640 23.97 -13.01 4.98
CA ASN A 640 22.81 -12.17 5.26
C ASN A 640 22.86 -10.85 4.47
N VAL A 641 24.00 -10.18 4.52
CA VAL A 641 24.22 -8.92 3.80
C VAL A 641 23.95 -9.02 2.32
N VAL A 642 24.56 -10.01 1.67
CA VAL A 642 24.42 -10.17 0.23
C VAL A 642 23.04 -10.66 -0.15
N ARG A 643 22.45 -11.48 0.69
CA ARG A 643 21.10 -11.95 0.46
C ARG A 643 20.09 -10.78 0.40
N ASN A 644 20.29 -9.80 1.27
CA ASN A 644 19.38 -8.69 1.41
C ASN A 644 19.46 -7.78 0.18
N ASN A 645 20.60 -7.80 -0.51
CA ASN A 645 20.76 -7.02 -1.75
C ASN A 645 20.10 -7.65 -2.96
N LEU A 646 19.51 -8.83 -2.80
CA LEU A 646 18.77 -9.47 -3.86
C LEU A 646 17.46 -8.80 -4.23
N CYS A 647 16.98 -7.87 -3.40
CA CYS A 647 15.73 -7.14 -3.71
C CYS A 647 15.92 -6.11 -4.84
N LEU A 648 17.17 -5.80 -5.17
CA LEU A 648 17.51 -4.94 -6.32
C LEU A 648 17.35 -5.61 -7.67
N PHE A 649 17.06 -6.91 -7.68
CA PHE A 649 16.97 -7.72 -8.92
C PHE A 649 15.58 -8.32 -9.04
N PHE A 650 14.95 -8.13 -10.19
CA PHE A 650 13.56 -8.52 -10.36
C PHE A 650 13.43 -9.76 -11.22
N GLU A 651 12.26 -10.35 -11.18
CA GLU A 651 12.03 -11.69 -11.70
C GLU A 651 11.95 -11.78 -13.23
N ASP A 652 11.93 -10.64 -13.91
CA ASP A 652 12.07 -10.58 -15.36
C ASP A 652 13.52 -10.29 -15.79
N GLY A 653 14.48 -10.27 -14.85
CA GLY A 653 15.88 -9.96 -15.15
C GLY A 653 16.28 -8.50 -15.10
N LYS A 654 15.32 -7.62 -14.83
CA LYS A 654 15.63 -6.21 -14.66
C LYS A 654 16.27 -5.96 -13.30
N ALA A 655 16.93 -4.82 -13.14
CA ALA A 655 17.59 -4.47 -11.88
C ALA A 655 17.44 -2.99 -11.60
N SER A 656 17.71 -2.60 -10.35
CA SER A 656 17.66 -1.19 -9.94
C SER A 656 18.92 -0.76 -9.23
N CYS A 657 19.35 0.48 -9.49
CA CYS A 657 20.57 1.00 -8.91
C CYS A 657 20.42 1.47 -7.47
N ALA A 658 19.19 1.59 -6.97
CA ALA A 658 18.94 1.99 -5.58
C ALA A 658 17.47 1.89 -5.18
N TYR A 659 17.19 1.44 -3.95
CA TYR A 659 15.87 1.63 -3.34
C TYR A 659 15.88 2.93 -2.51
N MSE A 660 14.99 3.88 -2.81
CA MSE A 660 14.89 5.12 -2.02
C MSE A 660 13.97 4.83 -0.85
O MSE A 660 12.79 4.61 -1.05
CB MSE A 660 14.33 6.26 -2.85
CG MSE A 660 15.06 6.46 -4.17
SE MSE A 660 17.00 6.72 -3.94
CE MSE A 660 17.02 8.07 -2.52
N TYR A 661 14.53 4.79 0.36
CA TYR A 661 13.84 4.22 1.51
C TYR A 661 12.83 5.10 2.22
N PRO A 662 13.17 6.37 2.55
CA PRO A 662 12.25 7.12 3.40
C PRO A 662 10.88 7.38 2.76
N TYR A 663 9.90 7.71 3.60
CA TYR A 663 8.54 8.07 3.15
C TYR A 663 8.62 9.20 2.15
N LYS A 664 9.32 10.27 2.51
CA LYS A 664 9.53 11.41 1.61
C LYS A 664 10.90 11.99 1.81
N ILE A 665 11.41 12.64 0.77
CA ILE A 665 12.66 13.38 0.80
C ILE A 665 12.43 14.81 0.28
N ASP A 666 12.51 15.79 1.18
CA ASP A 666 12.16 17.18 0.91
C ASP A 666 10.78 17.33 0.27
N GLY A 667 9.82 16.58 0.78
CA GLY A 667 8.45 16.62 0.25
C GLY A 667 8.17 15.73 -0.95
N VAL A 668 9.21 15.16 -1.58
CA VAL A 668 9.09 14.29 -2.74
C VAL A 668 8.89 12.84 -2.26
N LYS A 669 7.84 12.20 -2.74
CA LYS A 669 7.47 10.87 -2.32
C LYS A 669 8.58 9.91 -2.68
N ALA A 670 9.00 9.06 -1.75
CA ALA A 670 10.01 8.03 -2.07
C ALA A 670 9.46 6.60 -1.93
N GLU A 671 10.14 5.69 -1.23
CA GLU A 671 9.74 4.27 -1.22
C GLU A 671 9.56 3.75 -2.65
N PHE A 672 10.62 3.84 -3.43
CA PHE A 672 10.65 3.24 -4.76
C PHE A 672 12.02 2.78 -5.18
N TYR A 673 12.04 1.84 -6.12
CA TYR A 673 13.25 1.44 -6.83
C TYR A 673 13.53 2.41 -7.96
N ASP A 674 14.75 2.93 -8.01
CA ASP A 674 15.09 3.86 -9.08
C ASP A 674 15.03 3.12 -10.42
N PRO A 675 14.38 3.70 -11.43
CA PRO A 675 14.12 2.91 -12.66
C PRO A 675 15.32 2.69 -13.59
N TYR A 676 16.49 3.27 -13.32
CA TYR A 676 17.75 2.86 -13.99
C TYR A 676 18.44 1.63 -13.37
N ALA A 677 18.80 0.68 -14.21
CA ALA A 677 19.82 -0.30 -13.92
C ALA A 677 21.15 0.32 -14.35
N ASN A 678 22.03 0.58 -13.38
CA ASN A 678 23.27 1.26 -13.62
C ASN A 678 24.38 0.30 -13.12
N ASP A 679 24.82 0.46 -11.88
CA ASP A 679 26.03 -0.21 -11.38
C ASP A 679 25.78 -1.40 -10.43
N GLN A 680 24.52 -1.73 -10.18
CA GLN A 680 24.12 -2.60 -9.08
C GLN A 680 24.56 -4.04 -9.19
N ASP A 681 25.00 -4.45 -10.35
CA ASP A 681 25.37 -5.87 -10.55
C ASP A 681 26.59 -6.33 -9.77
N TRP A 682 27.35 -5.39 -9.21
CA TRP A 682 28.34 -5.76 -8.20
C TRP A 682 27.74 -6.53 -6.99
N ALA A 683 26.47 -6.28 -6.67
CA ALA A 683 25.82 -6.99 -5.59
C ALA A 683 25.83 -8.48 -5.89
N LEU A 684 25.58 -8.87 -7.14
CA LEU A 684 25.65 -10.29 -7.49
C LEU A 684 27.08 -10.81 -7.57
N VAL A 685 28.01 -9.94 -7.97
CA VAL A 685 29.43 -10.27 -7.93
C VAL A 685 29.82 -10.72 -6.51
N TYR A 686 29.54 -9.85 -5.54
CA TYR A 686 29.86 -10.16 -4.13
C TYR A 686 28.97 -11.23 -3.52
N TYR A 687 27.78 -11.42 -4.06
CA TYR A 687 26.93 -12.52 -3.64
C TYR A 687 27.60 -13.88 -3.94
N LEU A 688 28.16 -14.01 -5.14
CA LEU A 688 28.75 -15.27 -5.58
C LEU A 688 30.12 -15.51 -4.94
N LEU A 689 30.88 -14.45 -4.73
CA LEU A 689 32.08 -14.49 -3.88
C LEU A 689 31.80 -15.08 -2.51
N VAL A 690 30.74 -14.58 -1.85
CA VAL A 690 30.39 -14.99 -0.49
C VAL A 690 29.84 -16.41 -0.47
N ASN A 691 28.98 -16.73 -1.44
CA ASN A 691 28.31 -18.03 -1.44
C ASN A 691 29.00 -19.14 -2.25
N ARG A 692 29.88 -18.77 -3.18
CA ARG A 692 30.57 -19.76 -4.03
C ARG A 692 32.09 -19.62 -4.12
N GLY A 693 32.68 -18.68 -3.38
CA GLY A 693 34.11 -18.45 -3.45
C GLY A 693 34.64 -17.87 -4.76
N LEU A 694 33.77 -17.64 -5.76
CA LEU A 694 34.23 -17.15 -7.08
C LEU A 694 34.95 -15.81 -6.97
N ASN B 26 -27.05 7.78 -33.71
CA ASN B 26 -26.25 8.29 -32.55
C ASN B 26 -26.97 9.43 -31.79
N PHE B 27 -26.44 9.75 -30.61
CA PHE B 27 -26.98 10.76 -29.70
C PHE B 27 -25.84 11.68 -29.30
N PRO B 28 -25.66 12.82 -29.99
CA PRO B 28 -24.49 13.65 -29.70
C PRO B 28 -24.52 14.30 -28.31
N VAL B 29 -23.35 14.49 -27.72
CA VAL B 29 -23.24 15.13 -26.42
C VAL B 29 -23.36 16.64 -26.59
N GLU B 30 -24.17 17.25 -25.75
CA GLU B 30 -24.37 18.70 -25.74
C GLU B 30 -24.12 19.21 -24.34
N MSE B 31 -23.62 20.43 -24.24
CA MSE B 31 -23.28 21.01 -22.95
C MSE B 31 -23.47 22.49 -22.86
O MSE B 31 -23.38 23.21 -23.86
CB MSE B 31 -21.82 20.74 -22.66
CG MSE B 31 -20.87 21.64 -23.46
SE MSE B 31 -19.29 20.57 -23.89
CE MSE B 31 -20.08 19.69 -25.48
N ARG B 32 -23.74 22.94 -21.64
CA ARG B 32 -23.70 24.33 -21.29
C ARG B 32 -22.53 24.53 -20.32
N ILE B 33 -21.86 25.66 -20.47
CA ILE B 33 -20.61 25.98 -19.80
C ILE B 33 -20.90 27.17 -18.90
N ASN B 34 -20.58 27.07 -17.61
CA ASN B 34 -20.69 28.20 -16.69
C ASN B 34 -19.67 29.25 -17.12
N PRO B 35 -20.14 30.43 -17.56
CA PRO B 35 -19.20 31.40 -18.10
C PRO B 35 -18.31 32.08 -17.05
N SER B 36 -18.62 31.99 -15.75
CA SER B 36 -17.72 32.50 -14.69
C SER B 36 -16.61 31.51 -14.32
N THR B 37 -16.98 30.24 -14.12
CA THR B 37 -16.04 29.17 -13.69
C THR B 37 -15.37 28.40 -14.84
N GLY B 38 -16.05 28.36 -15.98
CA GLY B 38 -15.59 27.59 -17.13
C GLY B 38 -15.90 26.11 -17.03
N ALA B 39 -16.68 25.71 -16.03
CA ALA B 39 -17.09 24.33 -15.83
C ALA B 39 -18.26 23.96 -16.72
N ILE B 40 -18.44 22.67 -16.98
CA ILE B 40 -19.65 22.18 -17.61
C ILE B 40 -20.74 22.15 -16.54
N SER B 41 -21.70 23.05 -16.67
CA SER B 41 -22.81 23.13 -15.74
C SER B 41 -23.97 22.19 -16.12
N GLU B 42 -24.12 21.86 -17.39
CA GLU B 42 -25.17 20.91 -17.80
C GLU B 42 -24.62 20.05 -18.92
N LEU B 43 -24.97 18.78 -18.92
CA LEU B 43 -24.46 17.82 -19.88
C LEU B 43 -25.62 16.94 -20.32
N THR B 44 -25.97 17.04 -21.61
CA THR B 44 -27.15 16.36 -22.15
C THR B 44 -26.82 15.59 -23.43
N LEU B 45 -27.65 14.61 -23.73
CA LEU B 45 -27.59 13.91 -25.01
C LEU B 45 -28.75 14.37 -25.94
N LYS B 46 -28.42 14.91 -27.12
CA LYS B 46 -29.44 15.32 -28.12
C LYS B 46 -30.15 14.11 -28.71
N GLY B 47 -31.48 14.07 -28.56
CA GLY B 47 -32.31 12.93 -28.98
C GLY B 47 -32.92 12.16 -27.82
N ASP B 48 -32.49 12.48 -26.59
CA ASP B 48 -33.01 11.83 -25.39
C ASP B 48 -34.40 12.37 -25.17
N ASN B 49 -35.40 11.51 -25.24
CA ASN B 49 -36.80 11.92 -25.04
C ASN B 49 -37.12 12.34 -23.60
N ARG B 50 -36.26 11.97 -22.64
CA ARG B 50 -36.36 12.42 -21.24
C ARG B 50 -35.52 13.69 -20.96
N SER B 51 -34.49 13.92 -21.78
CA SER B 51 -33.66 15.14 -21.71
C SER B 51 -33.02 15.30 -20.32
N MSE B 52 -32.32 14.26 -19.85
CA MSE B 52 -31.73 14.30 -18.51
C MSE B 52 -30.43 15.09 -18.49
O MSE B 52 -29.72 15.17 -19.50
CB MSE B 52 -31.60 12.91 -17.92
CG MSE B 52 -30.36 12.07 -18.25
SE MSE B 52 -30.31 10.58 -16.96
CE MSE B 52 -29.00 11.43 -15.74
N ASN B 53 -30.17 15.72 -17.35
CA ASN B 53 -28.87 16.33 -17.07
C ASN B 53 -28.04 15.24 -16.37
N TRP B 54 -26.90 14.90 -16.99
CA TRP B 54 -25.99 13.90 -16.43
C TRP B 54 -25.11 14.43 -15.31
N VAL B 55 -25.08 15.74 -15.10
CA VAL B 55 -24.41 16.29 -13.90
C VAL B 55 -25.39 16.87 -12.91
N VAL B 56 -24.93 16.96 -11.66
CA VAL B 56 -25.65 17.62 -10.57
C VAL B 56 -25.57 19.09 -10.91
N LYS B 57 -26.62 19.85 -10.63
CA LYS B 57 -26.58 21.32 -10.81
C LYS B 57 -25.67 21.89 -9.76
N THR B 58 -24.81 22.81 -10.16
CA THR B 58 -23.80 23.34 -9.27
C THR B 58 -24.08 24.82 -9.01
N ASP B 59 -25.36 25.17 -8.86
CA ASP B 59 -25.81 26.56 -8.61
C ASP B 59 -26.69 26.68 -7.34
N GLY B 60 -26.65 25.69 -6.46
CA GLY B 60 -27.42 25.70 -5.21
C GLY B 60 -28.86 25.19 -5.26
N THR B 61 -29.39 24.94 -6.45
CA THR B 61 -30.84 24.70 -6.64
C THR B 61 -31.27 23.22 -6.67
N GLN B 62 -30.32 22.29 -6.73
CA GLN B 62 -30.63 20.86 -6.56
C GLN B 62 -30.37 20.48 -5.10
N TYR B 63 -29.21 20.90 -4.60
CA TYR B 63 -28.89 20.84 -3.19
C TYR B 63 -28.26 22.18 -2.86
N PRO B 64 -28.79 22.91 -1.84
CA PRO B 64 -28.25 24.24 -1.42
C PRO B 64 -26.74 24.30 -1.17
N TRP B 65 -26.18 23.21 -0.61
CA TRP B 65 -24.76 23.12 -0.23
C TRP B 65 -23.81 22.79 -1.39
N VAL B 66 -24.36 22.40 -2.55
CA VAL B 66 -23.57 22.13 -3.76
C VAL B 66 -23.58 23.35 -4.69
N LYS B 67 -22.50 24.12 -4.63
CA LYS B 67 -22.36 25.38 -5.35
C LYS B 67 -21.35 25.23 -6.49
N ASP B 68 -20.95 26.36 -7.08
CA ASP B 68 -20.24 26.37 -8.36
C ASP B 68 -18.78 25.93 -8.32
N ASN B 69 -18.24 25.78 -7.11
CA ASN B 69 -16.90 25.21 -6.93
C ASN B 69 -16.83 23.73 -7.36
N TYR B 70 -17.96 23.03 -7.35
CA TYR B 70 -18.05 21.62 -7.71
C TYR B 70 -18.38 21.29 -9.16
N GLY B 71 -18.35 22.27 -10.03
CA GLY B 71 -18.68 22.06 -11.42
C GLY B 71 -17.72 21.11 -12.10
N TRP B 72 -18.25 20.40 -13.08
CA TRP B 72 -17.51 19.47 -13.89
C TRP B 72 -16.35 20.16 -14.56
N GLY B 73 -15.17 19.58 -14.40
CA GLY B 73 -13.92 20.14 -14.92
C GLY B 73 -13.19 21.06 -14.00
N LEU B 74 -13.79 21.43 -12.89
CA LEU B 74 -13.04 22.11 -11.82
C LEU B 74 -12.35 21.01 -10.99
N GLY B 75 -11.55 21.41 -10.00
CA GLY B 75 -10.79 20.48 -9.22
C GLY B 75 -9.79 21.10 -8.28
N TYR B 76 -8.87 20.29 -7.79
CA TYR B 76 -7.92 20.70 -6.80
C TYR B 76 -6.66 19.87 -6.86
N PHE B 77 -5.63 20.39 -6.22
CA PHE B 77 -4.36 19.70 -6.08
C PHE B 77 -3.65 20.30 -4.91
N THR B 78 -2.72 19.53 -4.34
CA THR B 78 -1.88 20.01 -3.25
C THR B 78 -0.50 20.09 -3.83
N VAL B 79 0.09 21.28 -3.77
CA VAL B 79 1.37 21.50 -4.37
C VAL B 79 2.38 21.61 -3.24
N VAL B 80 3.50 20.88 -3.40
CA VAL B 80 4.53 20.73 -2.39
C VAL B 80 5.88 21.13 -3.00
N LYS B 81 6.54 22.09 -2.36
CA LYS B 81 7.90 22.55 -2.73
C LYS B 81 8.74 22.60 -1.46
N GLY B 82 9.59 21.62 -1.25
CA GLY B 82 10.24 21.47 0.05
C GLY B 82 9.20 21.49 1.18
N ARG B 83 9.44 22.33 2.18
CA ARG B 83 8.54 22.42 3.32
C ARG B 83 7.19 23.06 3.03
N GLU B 84 7.09 23.85 1.96
CA GLU B 84 5.81 24.53 1.58
C GLU B 84 4.80 23.54 0.98
N THR B 85 3.62 23.44 1.55
CA THR B 85 2.53 22.61 1.06
C THR B 85 1.27 23.47 1.02
N VAL B 86 0.71 23.72 -0.16
CA VAL B 86 -0.57 24.45 -0.22
C VAL B 86 -1.58 23.73 -1.11
N LYS B 87 -2.80 23.64 -0.64
CA LYS B 87 -3.87 23.14 -1.45
C LYS B 87 -4.44 24.28 -2.29
N ARG B 88 -4.57 24.03 -3.60
CA ARG B 88 -5.17 24.97 -4.53
C ARG B 88 -6.45 24.32 -5.11
N GLU B 89 -7.47 25.13 -5.32
CA GLU B 89 -8.71 24.72 -5.97
C GLU B 89 -8.78 25.57 -7.21
N TRP B 90 -8.96 24.99 -8.38
CA TRP B 90 -9.19 25.84 -9.55
C TRP B 90 -10.69 26.03 -9.70
N ARG B 91 -11.06 27.30 -9.85
CA ARG B 91 -12.46 27.74 -9.88
C ARG B 91 -12.69 28.89 -10.88
N ILE B 92 -11.84 29.92 -10.86
CA ILE B 92 -11.97 31.11 -11.70
C ILE B 92 -10.85 31.13 -12.72
N PRO B 93 -11.18 30.99 -14.02
CA PRO B 93 -10.14 31.03 -15.08
C PRO B 93 -9.48 32.38 -15.17
N VAL B 94 -8.27 32.40 -15.72
CA VAL B 94 -7.60 33.65 -16.07
C VAL B 94 -7.89 34.00 -17.53
N GLU B 95 -8.15 32.97 -18.35
CA GLU B 95 -8.69 33.13 -19.69
C GLU B 95 -9.74 32.06 -19.95
N ILE B 96 -10.77 32.46 -20.69
CA ILE B 96 -11.74 31.53 -21.23
C ILE B 96 -12.11 32.04 -22.64
N SER B 97 -12.10 31.14 -23.62
CA SER B 97 -12.58 31.43 -24.97
C SER B 97 -14.08 31.79 -24.96
N PRO B 98 -14.55 32.55 -25.98
CA PRO B 98 -15.97 32.98 -26.05
C PRO B 98 -17.01 31.85 -25.90
N ASP B 99 -16.75 30.69 -26.54
CA ASP B 99 -17.65 29.50 -26.39
C ASP B 99 -17.38 28.56 -25.18
N GLY B 100 -16.38 28.89 -24.36
CA GLY B 100 -16.06 28.11 -23.17
C GLY B 100 -15.45 26.73 -23.38
N MSE B 101 -14.98 26.43 -24.59
CA MSE B 101 -14.35 25.15 -24.90
C MSE B 101 -12.84 25.13 -24.68
O MSE B 101 -12.24 24.06 -24.74
CB MSE B 101 -14.63 24.79 -26.35
CG MSE B 101 -16.13 24.74 -26.69
SE MSE B 101 -17.12 23.39 -25.62
CE MSE B 101 -16.82 21.97 -26.97
N LYS B 102 -12.21 26.28 -24.45
CA LYS B 102 -10.80 26.36 -24.04
C LYS B 102 -10.74 27.22 -22.79
N VAL B 103 -10.19 26.68 -21.71
CA VAL B 103 -10.18 27.35 -20.42
C VAL B 103 -8.80 27.15 -19.76
N LEU B 104 -8.24 28.25 -19.32
CA LEU B 104 -6.94 28.35 -18.75
C LEU B 104 -7.12 28.83 -17.33
N TYR B 105 -6.77 27.97 -16.35
CA TYR B 105 -6.65 28.39 -14.96
C TYR B 105 -5.18 28.45 -14.58
N ARG B 106 -4.87 29.28 -13.59
CA ARG B 106 -3.51 29.38 -13.08
C ARG B 106 -3.54 29.52 -11.55
N GLU B 107 -3.02 28.51 -10.87
CA GLU B 107 -3.01 28.47 -9.41
C GLU B 107 -1.58 28.27 -8.98
N GLY B 108 -1.02 29.31 -8.39
CA GLY B 108 0.36 29.30 -8.00
C GLY B 108 1.21 29.05 -9.25
N ASP B 109 2.09 28.06 -9.17
CA ASP B 109 3.01 27.73 -10.27
C ASP B 109 2.39 26.84 -11.38
N ILE B 110 1.17 26.33 -11.16
CA ILE B 110 0.58 25.33 -12.00
C ILE B 110 -0.47 25.93 -12.93
N ARG B 111 -0.27 25.72 -14.21
CA ARG B 111 -1.28 26.03 -15.20
C ARG B 111 -2.20 24.83 -15.45
N ILE B 112 -3.50 25.06 -15.42
CA ILE B 112 -4.49 24.05 -15.79
C ILE B 112 -5.12 24.53 -17.07
N LEU B 113 -4.93 23.80 -18.16
CA LEU B 113 -5.46 24.16 -19.45
C LEU B 113 -6.43 23.08 -19.89
N ILE B 114 -7.69 23.46 -20.13
CA ILE B 114 -8.74 22.54 -20.57
C ILE B 114 -9.10 22.87 -22.01
N LYS B 115 -9.02 21.88 -22.88
CA LYS B 115 -9.43 21.98 -24.29
C LYS B 115 -10.54 20.94 -24.52
N ARG B 116 -11.72 21.42 -24.92
CA ARG B 116 -12.89 20.59 -25.19
C ARG B 116 -13.23 20.67 -26.66
N GLU B 117 -13.70 19.56 -27.22
CA GLU B 117 -14.17 19.52 -28.60
C GLU B 117 -15.17 18.39 -28.75
N ILE B 118 -16.25 18.65 -29.47
CA ILE B 118 -17.16 17.58 -29.90
C ILE B 118 -16.56 16.98 -31.18
N LYS B 119 -16.37 15.67 -31.19
CA LYS B 119 -15.73 14.96 -32.31
C LYS B 119 -16.52 13.69 -32.56
N GLN B 120 -17.21 13.63 -33.71
CA GLN B 120 -18.11 12.51 -34.07
C GLN B 120 -19.13 12.18 -32.96
N GLY B 121 -19.79 13.23 -32.46
CA GLY B 121 -20.81 13.10 -31.39
C GLY B 121 -20.34 13.00 -29.94
N ASP B 122 -19.04 12.84 -29.71
CA ASP B 122 -18.47 12.57 -28.39
C ASP B 122 -17.79 13.83 -27.84
N LEU B 123 -17.89 14.05 -26.53
CA LEU B 123 -17.17 15.16 -25.89
C LEU B 123 -15.77 14.69 -25.56
N VAL B 124 -14.76 15.33 -26.12
CA VAL B 124 -13.37 14.98 -25.85
C VAL B 124 -12.77 16.12 -25.04
N GLU B 125 -12.31 15.83 -23.82
CA GLU B 125 -11.62 16.83 -22.99
C GLU B 125 -10.15 16.48 -22.74
N GLU B 126 -9.27 17.43 -23.00
CA GLU B 126 -7.85 17.30 -22.71
C GLU B 126 -7.56 18.27 -21.59
N TYR B 127 -7.25 17.72 -20.41
CA TYR B 127 -6.78 18.50 -19.28
C TYR B 127 -5.27 18.41 -19.28
N SER B 128 -4.57 19.54 -19.28
CA SER B 128 -3.13 19.53 -19.12
C SER B 128 -2.67 20.39 -17.94
N PHE B 129 -1.69 19.87 -17.19
CA PHE B 129 -1.18 20.47 -15.96
C PHE B 129 0.28 20.73 -16.15
N THR B 130 0.68 21.99 -16.04
CA THR B 130 2.03 22.42 -16.38
C THR B 130 2.65 23.16 -15.22
N ASN B 131 3.88 22.78 -14.86
CA ASN B 131 4.64 23.52 -13.87
C ASN B 131 5.26 24.70 -14.61
N GLU B 132 4.76 25.90 -14.38
CA GLU B 132 5.31 27.13 -14.96
C GLU B 132 6.29 27.89 -14.02
N GLY B 133 6.51 27.39 -12.81
CA GLY B 133 7.54 27.92 -11.93
C GLY B 133 8.98 27.61 -12.33
N GLU B 134 9.91 28.05 -11.48
CA GLU B 134 11.35 27.86 -11.67
C GLU B 134 11.91 26.61 -10.98
N GLU B 135 11.20 26.12 -9.97
CA GLU B 135 11.62 24.95 -9.22
C GLU B 135 10.74 23.74 -9.52
N PRO B 136 11.28 22.51 -9.38
CA PRO B 136 10.42 21.32 -9.50
C PRO B 136 9.33 21.32 -8.44
N VAL B 137 8.24 20.65 -8.74
CA VAL B 137 7.04 20.69 -7.92
C VAL B 137 6.51 19.26 -7.84
N SER B 138 6.04 18.86 -6.66
CA SER B 138 5.25 17.64 -6.51
C SER B 138 3.79 18.00 -6.31
N LEU B 139 2.90 17.30 -7.01
CA LEU B 139 1.46 17.44 -6.83
C LEU B 139 0.84 16.19 -6.25
N TYR B 140 0.16 16.33 -5.11
CA TYR B 140 -0.57 15.26 -4.44
C TYR B 140 -2.07 15.54 -4.45
N ASP B 141 -2.88 14.49 -4.33
CA ASP B 141 -4.33 14.62 -4.31
C ASP B 141 -4.81 15.56 -5.43
N VAL B 142 -4.39 15.27 -6.67
CA VAL B 142 -4.82 16.00 -7.85
C VAL B 142 -6.12 15.34 -8.29
N ALA B 143 -7.20 16.10 -8.35
CA ALA B 143 -8.49 15.54 -8.78
C ALA B 143 -9.30 16.52 -9.58
N VAL B 144 -10.18 15.98 -10.43
CA VAL B 144 -11.13 16.79 -11.15
C VAL B 144 -12.53 16.33 -10.79
N TYR B 145 -13.37 17.28 -10.48
CA TYR B 145 -14.77 17.03 -10.17
C TYR B 145 -15.50 16.55 -11.40
N THR B 146 -16.22 15.44 -11.25
CA THR B 146 -17.09 14.92 -12.29
C THR B 146 -18.41 14.60 -11.60
N PRO B 147 -19.25 15.63 -11.35
CA PRO B 147 -20.41 15.46 -10.48
C PRO B 147 -21.59 14.75 -11.14
N PHE B 148 -21.42 13.49 -11.50
CA PHE B 148 -22.47 12.67 -12.10
C PHE B 148 -23.71 12.69 -11.22
N ASN B 149 -24.86 12.71 -11.88
CA ASN B 149 -26.14 12.91 -11.21
C ASN B 149 -26.65 11.57 -10.61
N ASP B 150 -25.90 11.06 -9.62
CA ASP B 150 -26.18 9.78 -8.94
C ASP B 150 -26.74 10.16 -7.56
N ASN B 151 -28.06 10.18 -7.46
CA ASN B 151 -28.75 10.52 -6.22
C ASN B 151 -30.20 10.08 -6.29
N TYR B 152 -30.86 10.09 -5.14
CA TYR B 152 -32.17 9.47 -5.00
C TYR B 152 -33.29 10.42 -4.51
N PRO B 153 -33.72 11.38 -5.34
CA PRO B 153 -34.83 12.28 -4.92
C PRO B 153 -36.20 11.54 -4.73
N ASP B 154 -36.59 10.75 -5.72
CA ASP B 154 -37.77 9.85 -5.64
C ASP B 154 -37.72 8.87 -6.80
N ALA B 155 -38.55 7.83 -6.74
CA ALA B 155 -38.58 6.78 -7.77
C ALA B 155 -38.71 7.30 -9.19
N GLN B 156 -39.65 8.22 -9.40
CA GLN B 156 -39.97 8.77 -10.74
C GLN B 156 -38.74 9.46 -11.35
N GLN B 157 -38.15 10.37 -10.60
CA GLN B 157 -37.01 11.13 -11.11
C GLN B 157 -35.77 10.25 -11.24
N CYS B 158 -35.59 9.29 -10.35
CA CYS B 158 -34.48 8.36 -10.47
C CYS B 158 -34.52 7.57 -11.77
N ILE B 159 -35.63 6.88 -11.97
CA ILE B 159 -35.83 6.01 -13.13
C ILE B 159 -35.63 6.71 -14.48
N ASN B 160 -36.10 7.94 -14.60
CA ASN B 160 -36.10 8.67 -15.86
C ASN B 160 -34.88 9.56 -16.02
N SER B 161 -34.36 10.08 -14.92
CA SER B 161 -33.41 11.19 -15.02
C SER B 161 -32.25 11.21 -13.99
N ARG B 162 -31.88 10.04 -13.46
CA ARG B 162 -30.66 9.90 -12.66
C ARG B 162 -29.88 8.69 -13.14
N ALA B 163 -28.64 8.57 -12.66
CA ALA B 163 -27.72 7.58 -13.18
C ALA B 163 -26.97 6.85 -12.08
N HIS B 164 -26.95 5.53 -12.17
CA HIS B 164 -26.01 4.72 -11.40
C HIS B 164 -24.64 4.87 -12.04
N THR B 165 -23.72 5.43 -11.27
CA THR B 165 -22.40 5.77 -11.80
C THR B 165 -21.39 4.68 -11.41
N HIS B 166 -20.96 3.91 -12.42
CA HIS B 166 -20.04 2.81 -12.23
C HIS B 166 -18.63 3.27 -12.56
N ILE B 167 -17.85 3.50 -11.51
CA ILE B 167 -16.51 4.06 -11.64
C ILE B 167 -15.49 2.94 -11.58
N TRP B 168 -14.54 2.96 -12.53
CA TRP B 168 -13.40 2.08 -12.49
C TRP B 168 -12.12 2.88 -12.47
N LYS B 169 -11.45 2.84 -11.32
CA LYS B 169 -10.12 3.43 -11.17
C LYS B 169 -9.03 2.59 -11.87
N GLY B 170 -9.19 2.34 -13.18
CA GLY B 170 -8.34 1.41 -13.92
C GLY B 170 -7.10 2.02 -14.54
N GLY B 171 -6.57 3.09 -13.91
CA GLY B 171 -5.37 3.74 -14.39
C GLY B 171 -5.53 4.31 -15.78
N SER B 172 -4.70 3.87 -16.71
CA SER B 172 -4.81 4.27 -18.10
C SER B 172 -6.09 3.79 -18.79
N ALA B 173 -6.68 2.73 -18.24
CA ALA B 173 -7.88 2.11 -18.75
C ALA B 173 -9.06 2.41 -17.83
N ALA B 174 -9.01 3.52 -17.12
CA ALA B 174 -10.12 3.98 -16.30
C ALA B 174 -11.37 4.38 -17.10
N TYR B 175 -12.52 4.19 -16.48
CA TYR B 175 -13.77 4.61 -17.09
C TYR B 175 -14.85 4.91 -16.06
N VAL B 176 -15.91 5.54 -16.54
CA VAL B 176 -17.17 5.67 -15.83
C VAL B 176 -18.27 5.24 -16.82
N ASN B 177 -19.16 4.37 -16.37
CA ASN B 177 -20.30 3.93 -17.12
C ASN B 177 -21.48 4.35 -16.29
N ALA B 178 -22.21 5.37 -16.75
CA ALA B 178 -23.37 5.90 -16.05
C ALA B 178 -24.65 5.36 -16.70
N ILE B 179 -25.36 4.51 -15.97
CA ILE B 179 -26.53 3.82 -16.46
C ILE B 179 -27.73 4.51 -15.85
N ARG B 180 -28.57 5.10 -16.69
CA ARG B 180 -29.87 5.66 -16.26
C ARG B 180 -30.59 4.63 -15.43
N MSE B 181 -31.07 5.03 -14.25
CA MSE B 181 -31.51 4.08 -13.24
C MSE B 181 -32.67 3.21 -13.66
O MSE B 181 -32.81 2.07 -13.14
CB MSE B 181 -31.82 4.72 -11.90
CG MSE B 181 -30.59 5.43 -11.36
SE MSE B 181 -30.96 6.18 -9.59
CE MSE B 181 -29.20 7.01 -9.22
N GLY B 182 -33.51 3.70 -14.57
CA GLY B 182 -34.57 2.88 -15.19
C GLY B 182 -34.16 1.91 -16.31
N ASP B 183 -32.93 2.06 -16.80
CA ASP B 183 -32.35 1.28 -17.92
C ASP B 183 -32.81 1.74 -19.31
N PHE B 184 -33.32 2.96 -19.42
CA PHE B 184 -33.75 3.50 -20.69
C PHE B 184 -32.55 4.14 -21.36
N THR B 185 -32.25 3.72 -22.58
CA THR B 185 -31.22 4.36 -23.36
C THR B 185 -31.63 5.81 -23.66
N PRO B 186 -30.68 6.69 -23.97
CA PRO B 186 -29.25 6.42 -24.00
C PRO B 186 -28.61 6.49 -22.60
N HIS B 187 -27.44 5.89 -22.49
CA HIS B 187 -26.65 5.92 -21.29
C HIS B 187 -25.42 6.72 -21.60
N LEU B 188 -24.54 6.94 -20.61
CA LEU B 188 -23.39 7.83 -20.76
C LEU B 188 -22.14 7.11 -20.34
N GLY B 189 -21.09 7.25 -21.13
CA GLY B 189 -19.83 6.62 -20.83
C GLY B 189 -18.75 7.66 -20.76
N LEU B 190 -17.72 7.40 -19.95
CA LEU B 190 -16.51 8.21 -19.92
C LEU B 190 -15.35 7.26 -20.02
N VAL B 191 -14.41 7.56 -20.88
CA VAL B 191 -13.37 6.62 -21.18
C VAL B 191 -12.09 7.41 -21.24
N VAL B 192 -11.14 7.04 -20.41
CA VAL B 192 -9.84 7.69 -20.38
C VAL B 192 -9.00 7.20 -21.58
N THR B 193 -8.50 8.15 -22.37
CA THR B 193 -7.69 7.85 -23.55
C THR B 193 -6.24 8.37 -23.45
N ASP B 194 -5.95 9.27 -22.51
CA ASP B 194 -4.55 9.67 -22.23
C ASP B 194 -4.46 9.96 -20.73
N GLY B 195 -3.29 9.74 -20.14
CA GLY B 195 -3.13 9.87 -18.71
C GLY B 195 -3.82 8.71 -18.02
N ALA B 196 -4.18 8.93 -16.76
CA ALA B 196 -4.71 7.85 -15.91
C ALA B 196 -5.51 8.40 -14.76
N ILE B 197 -6.41 7.57 -14.25
CA ILE B 197 -7.16 7.84 -13.05
C ILE B 197 -6.84 6.71 -12.10
N ARG B 198 -6.31 7.02 -10.92
CA ARG B 198 -5.92 6.01 -9.92
C ARG B 198 -6.99 5.74 -8.85
N ASN B 199 -7.92 6.67 -8.66
CA ASN B 199 -8.92 6.53 -7.63
C ASN B 199 -10.02 7.56 -7.76
N TYR B 200 -10.92 7.60 -6.79
CA TYR B 200 -11.89 8.68 -6.72
C TYR B 200 -12.22 9.01 -5.26
N GLU B 201 -12.75 10.20 -5.07
CA GLU B 201 -13.20 10.70 -3.78
C GLU B 201 -14.64 11.12 -3.88
N ILE B 202 -15.26 11.25 -2.71
CA ILE B 202 -16.62 11.67 -2.54
C ILE B 202 -16.63 12.95 -1.66
N TRP B 203 -17.32 13.99 -2.12
CA TRP B 203 -17.52 15.19 -1.37
C TRP B 203 -19.01 15.35 -1.05
N GLU B 204 -19.28 16.09 0.03
CA GLU B 204 -20.61 16.53 0.42
C GLU B 204 -21.49 15.42 0.91
N ARG B 205 -21.08 14.83 1.99
CA ARG B 205 -21.91 13.84 2.63
C ARG B 205 -22.06 14.22 4.10
N GLY B 206 -23.19 13.92 4.69
CA GLY B 206 -23.49 14.14 6.09
C GLY B 206 -24.98 14.10 6.31
N ARG B 207 -25.37 14.10 7.58
CA ARG B 207 -26.79 13.99 7.93
C ARG B 207 -27.58 15.27 7.60
N LYS B 208 -26.91 16.42 7.53
CA LYS B 208 -27.59 17.64 7.04
C LYS B 208 -27.27 17.95 5.56
N LYS B 209 -26.89 16.92 4.79
CA LYS B 209 -26.65 17.04 3.35
C LYS B 209 -27.33 15.90 2.62
N ALA B 210 -28.62 15.76 2.91
CA ALA B 210 -29.48 14.75 2.30
C ALA B 210 -29.18 13.31 2.72
N ASN B 211 -28.42 13.11 3.79
CA ASN B 211 -28.21 11.79 4.40
C ASN B 211 -27.95 10.64 3.38
N SER B 212 -28.70 9.53 3.44
CA SER B 212 -28.58 8.45 2.46
C SER B 212 -29.03 8.77 1.02
N GLN B 213 -29.61 9.95 0.75
CA GLN B 213 -30.37 10.18 -0.49
C GLN B 213 -29.52 10.72 -1.66
N THR B 214 -28.22 10.84 -1.46
CA THR B 214 -27.34 11.31 -2.51
C THR B 214 -26.01 10.59 -2.41
N ARG B 215 -25.40 10.30 -3.55
CA ARG B 215 -24.06 9.74 -3.52
C ARG B 215 -23.01 10.82 -3.25
N GLY B 216 -23.39 12.10 -3.38
CA GLY B 216 -22.48 13.20 -3.19
C GLY B 216 -21.87 13.60 -4.50
N ILE B 217 -20.73 14.30 -4.42
CA ILE B 217 -20.00 14.77 -5.58
C ILE B 217 -18.74 13.92 -5.76
N ILE B 218 -18.64 13.28 -6.92
CA ILE B 218 -17.50 12.44 -7.26
C ILE B 218 -16.39 13.33 -7.72
N ALA B 219 -15.15 13.02 -7.33
CA ALA B 219 -13.96 13.64 -7.92
C ALA B 219 -13.04 12.52 -8.39
N LEU B 220 -12.45 12.65 -9.58
CA LEU B 220 -11.62 11.60 -10.14
C LEU B 220 -10.16 11.97 -9.91
N ASP B 221 -9.44 11.09 -9.21
CA ASP B 221 -8.06 11.27 -8.84
C ASP B 221 -7.05 10.87 -9.90
N LEU B 222 -6.20 11.84 -10.23
CA LEU B 222 -5.07 11.63 -11.08
C LEU B 222 -3.94 11.04 -10.25
N PRO B 223 -2.91 10.48 -10.89
CA PRO B 223 -1.74 10.04 -10.13
C PRO B 223 -1.03 11.21 -9.47
N ASP B 224 -0.29 10.93 -8.41
CA ASP B 224 0.62 11.92 -7.84
C ASP B 224 1.68 12.26 -8.88
N LEU B 225 2.00 13.55 -9.02
CA LEU B 225 2.89 14.01 -10.09
C LEU B 225 4.15 14.64 -9.49
N LEU B 226 5.26 14.52 -10.21
CA LEU B 226 6.46 15.32 -9.98
C LEU B 226 6.73 16.03 -11.32
N LEU B 227 6.63 17.34 -11.33
CA LEU B 227 6.79 18.12 -12.54
C LEU B 227 7.99 19.04 -12.39
N LYS B 228 8.99 18.81 -13.23
CA LYS B 228 10.12 19.72 -13.39
C LYS B 228 9.64 21.01 -14.10
N PRO B 229 10.44 22.11 -14.02
CA PRO B 229 10.00 23.38 -14.64
C PRO B 229 9.67 23.18 -16.10
N GLY B 230 8.48 23.60 -16.52
CA GLY B 230 8.04 23.42 -17.89
C GLY B 230 7.51 22.07 -18.28
N GLU B 231 7.57 21.06 -17.40
CA GLU B 231 7.00 19.75 -17.72
C GLU B 231 5.51 19.80 -17.52
N SER B 232 4.79 18.91 -18.17
CA SER B 232 3.35 18.85 -18.01
C SER B 232 2.86 17.41 -17.97
N TYR B 233 1.63 17.24 -17.48
CA TYR B 233 0.95 15.95 -17.48
C TYR B 233 -0.40 16.12 -18.16
N SER B 234 -0.78 15.16 -19.01
CA SER B 234 -1.99 15.25 -19.81
C SER B 234 -2.96 14.16 -19.45
N LEU B 235 -4.17 14.54 -19.11
CA LEU B 235 -5.28 13.60 -19.00
C LEU B 235 -6.25 13.89 -20.13
N GLU B 236 -6.75 12.85 -20.79
CA GLU B 236 -7.75 12.99 -21.83
C GLU B 236 -8.80 11.91 -21.67
N TRP B 237 -10.06 12.32 -21.73
CA TRP B 237 -11.16 11.38 -21.82
C TRP B 237 -12.21 11.76 -22.87
N HIS B 238 -12.96 10.74 -23.28
CA HIS B 238 -14.08 10.87 -24.20
C HIS B 238 -15.34 10.64 -23.39
N VAL B 239 -16.31 11.54 -23.49
CA VAL B 239 -17.64 11.31 -22.95
C VAL B 239 -18.61 11.12 -24.11
N PHE B 240 -19.44 10.08 -24.09
CA PHE B 240 -20.25 9.67 -25.24
C PHE B 240 -21.48 8.95 -24.79
N ALA B 241 -22.51 8.96 -25.64
CA ALA B 241 -23.73 8.20 -25.40
C ALA B 241 -23.54 6.77 -25.82
N HIS B 242 -24.30 5.86 -25.22
CA HIS B 242 -24.22 4.45 -25.60
C HIS B 242 -25.49 3.72 -25.19
N ASN B 243 -25.63 2.47 -25.61
CA ASN B 243 -26.90 1.75 -25.56
C ASN B 243 -27.01 0.64 -24.52
N GLY B 244 -25.99 0.46 -23.70
CA GLY B 244 -25.95 -0.63 -22.71
C GLY B 244 -24.50 -1.06 -22.55
N ASN B 245 -24.30 -2.06 -21.69
CA ASN B 245 -22.94 -2.52 -21.31
C ASN B 245 -22.12 -3.05 -22.49
N ASP B 246 -22.75 -3.78 -23.41
CA ASP B 246 -22.05 -4.37 -24.56
C ASP B 246 -21.58 -3.29 -25.49
N ASP B 247 -22.46 -2.35 -25.74
CA ASP B 247 -22.13 -1.21 -26.59
C ASP B 247 -21.07 -0.29 -25.90
N PHE B 248 -21.17 -0.11 -24.59
CA PHE B 248 -20.14 0.63 -23.81
C PHE B 248 -18.74 0.00 -23.91
N ARG B 249 -18.68 -1.30 -23.68
CA ARG B 249 -17.45 -2.05 -23.80
C ARG B 249 -16.91 -2.04 -25.22
N HIS B 250 -17.80 -2.25 -26.20
CA HIS B 250 -17.42 -2.23 -27.59
C HIS B 250 -16.85 -0.85 -27.89
N LYS B 251 -17.51 0.19 -27.40
CA LYS B 251 -17.05 1.56 -27.65
C LYS B 251 -15.74 1.90 -26.91
N LEU B 252 -15.58 1.39 -25.69
CA LEU B 252 -14.33 1.53 -24.94
C LEU B 252 -13.16 0.99 -25.75
N LEU B 253 -13.33 -0.21 -26.29
CA LEU B 253 -12.28 -0.82 -27.11
C LEU B 253 -11.95 0.03 -28.35
N GLU B 254 -13.00 0.56 -29.01
CA GLU B 254 -12.83 1.46 -30.18
C GLU B 254 -12.00 2.72 -29.94
N LYS B 255 -12.05 3.26 -28.72
CA LYS B 255 -11.28 4.46 -28.36
C LYS B 255 -9.81 4.14 -28.02
N GLY B 256 -9.42 2.87 -28.07
CA GLY B 256 -8.03 2.48 -27.88
C GLY B 256 -7.66 2.10 -26.45
N SER B 257 -8.66 1.83 -25.61
CA SER B 257 -8.42 1.36 -24.26
C SER B 257 -8.60 -0.16 -24.25
N VAL B 258 -8.60 -0.75 -23.04
CA VAL B 258 -8.63 -2.19 -22.89
C VAL B 258 -9.57 -2.55 -21.77
N LEU B 259 -9.94 -3.81 -21.74
CA LEU B 259 -10.85 -4.37 -20.77
C LEU B 259 -10.18 -5.56 -20.12
N VAL B 260 -10.14 -5.50 -18.79
CA VAL B 260 -9.54 -6.51 -17.98
C VAL B 260 -10.64 -7.30 -17.31
N SER B 261 -10.48 -8.63 -17.26
CA SER B 261 -11.42 -9.48 -16.60
C SER B 261 -10.75 -10.74 -16.10
N CYS B 262 -11.34 -11.32 -15.07
CA CYS B 262 -10.83 -12.50 -14.44
C CYS B 262 -11.93 -13.56 -14.48
N ASN B 263 -11.53 -14.83 -14.51
CA ASN B 263 -12.51 -15.91 -14.41
C ASN B 263 -13.38 -15.74 -13.14
N LYS B 264 -12.75 -15.33 -12.04
CA LYS B 264 -13.46 -14.92 -10.83
C LYS B 264 -12.58 -13.96 -10.05
N TYR B 265 -13.11 -13.37 -8.97
CA TYR B 265 -12.37 -12.34 -8.23
C TYR B 265 -12.03 -12.71 -6.80
N VAL B 266 -12.61 -13.80 -6.31
CA VAL B 266 -12.27 -14.39 -5.03
C VAL B 266 -11.94 -15.86 -5.28
N PHE B 267 -10.79 -16.31 -4.76
CA PHE B 267 -10.24 -17.63 -5.04
C PHE B 267 -9.92 -18.33 -3.75
N GLU B 268 -10.06 -19.64 -3.76
CA GLU B 268 -9.50 -20.47 -2.71
C GLU B 268 -8.03 -20.72 -3.01
N LYS B 269 -7.25 -20.83 -1.93
CA LYS B 269 -5.84 -21.25 -2.01
C LYS B 269 -5.75 -22.53 -2.81
N GLY B 270 -4.82 -22.55 -3.77
CA GLY B 270 -4.66 -23.69 -4.66
C GLY B 270 -5.36 -23.59 -6.01
N GLU B 271 -6.33 -22.67 -6.16
CA GLU B 271 -7.01 -22.46 -7.44
C GLU B 271 -6.11 -21.68 -8.36
N LYS B 272 -6.34 -21.85 -9.66
CA LYS B 272 -5.62 -21.10 -10.67
C LYS B 272 -6.50 -19.99 -11.24
N ALA B 273 -5.88 -18.83 -11.42
CA ALA B 273 -6.55 -17.64 -11.89
C ALA B 273 -6.20 -17.44 -13.34
N ARG B 274 -7.19 -17.01 -14.14
CA ARG B 274 -6.93 -16.57 -15.51
C ARG B 274 -7.36 -15.11 -15.60
N VAL B 275 -6.46 -14.23 -15.97
CA VAL B 275 -6.83 -12.84 -16.12
C VAL B 275 -6.47 -12.36 -17.52
N GLU B 276 -7.47 -11.78 -18.17
CA GLU B 276 -7.43 -11.42 -19.59
C GLU B 276 -7.40 -9.93 -19.72
N CYS B 277 -6.64 -9.48 -20.69
CA CYS B 277 -6.61 -8.10 -21.08
C CYS B 277 -7.01 -8.08 -22.54
N ARG B 278 -8.25 -7.67 -22.81
CA ARG B 278 -8.76 -7.60 -24.17
C ARG B 278 -8.59 -6.19 -24.74
N SER B 279 -8.20 -6.12 -26.01
CA SER B 279 -8.01 -4.87 -26.75
C SER B 279 -8.69 -4.97 -28.13
N LEU B 280 -8.79 -3.85 -28.84
CA LEU B 280 -9.25 -3.88 -30.24
C LEU B 280 -8.12 -4.40 -31.15
N GLU B 281 -7.02 -3.63 -31.22
CA GLU B 281 -5.79 -4.03 -31.91
C GLU B 281 -4.83 -4.77 -30.95
N PRO B 282 -3.92 -5.61 -31.49
CA PRO B 282 -2.93 -6.25 -30.59
C PRO B 282 -2.10 -5.26 -29.78
N LEU B 283 -1.88 -5.58 -28.51
CA LEU B 283 -1.03 -4.74 -27.65
C LEU B 283 0.45 -4.92 -27.98
N GLU B 284 1.20 -3.83 -27.87
CA GLU B 284 2.63 -3.85 -28.08
C GLU B 284 3.35 -3.87 -26.72
N ALA B 285 4.29 -4.80 -26.56
CA ALA B 285 5.18 -4.83 -25.40
C ALA B 285 4.38 -4.91 -24.08
N CYS B 286 3.43 -5.84 -24.07
CA CYS B 286 2.58 -6.07 -22.93
C CYS B 286 3.24 -7.02 -21.92
N THR B 287 3.54 -6.51 -20.72
CA THR B 287 3.98 -7.34 -19.59
C THR B 287 2.95 -7.23 -18.47
N ALA B 288 3.08 -8.09 -17.47
CA ALA B 288 2.13 -8.17 -16.38
C ALA B 288 2.85 -8.40 -15.06
N LYS B 289 2.24 -7.98 -13.96
CA LYS B 289 2.72 -8.32 -12.63
C LYS B 289 1.61 -8.82 -11.71
N MSE B 290 2.01 -9.62 -10.72
CA MSE B 290 1.14 -10.11 -9.65
C MSE B 290 1.80 -9.68 -8.37
O MSE B 290 2.93 -10.09 -8.10
CB MSE B 290 1.09 -11.62 -9.71
CG MSE B 290 0.26 -12.23 -8.59
SE MSE B 290 0.20 -14.18 -8.94
CE MSE B 290 0.00 -14.82 -7.10
N ASN B 291 1.10 -8.83 -7.62
CA ASN B 291 1.67 -8.13 -6.45
C ASN B 291 3.04 -7.52 -6.73
N GLY B 292 3.16 -6.86 -7.88
CA GLY B 292 4.42 -6.22 -8.25
C GLY B 292 5.55 -7.11 -8.74
N VAL B 293 5.31 -8.41 -8.89
CA VAL B 293 6.31 -9.39 -9.33
C VAL B 293 6.00 -9.76 -10.78
N PRO B 294 6.97 -9.57 -11.69
CA PRO B 294 6.74 -9.94 -13.09
C PRO B 294 6.25 -11.39 -13.27
N VAL B 295 5.23 -11.55 -14.11
CA VAL B 295 4.69 -12.85 -14.47
C VAL B 295 4.51 -12.91 -16.00
N PRO B 296 4.54 -14.13 -16.57
CA PRO B 296 4.48 -14.28 -18.04
C PRO B 296 3.10 -13.94 -18.62
N VAL B 297 3.09 -13.32 -19.78
CA VAL B 297 1.86 -13.06 -20.52
C VAL B 297 1.85 -13.86 -21.82
N LYS B 298 0.78 -14.60 -22.10
CA LYS B 298 0.59 -15.15 -23.45
C LYS B 298 -0.24 -14.19 -24.32
N GLN B 299 0.31 -13.76 -25.45
CA GLN B 299 -0.42 -12.92 -26.41
C GLN B 299 -0.98 -13.73 -27.61
N GLU B 300 -2.31 -13.82 -27.69
CA GLU B 300 -3.03 -14.44 -28.82
C GLU B 300 -3.91 -13.38 -29.50
N GLY B 301 -3.31 -12.68 -30.47
CA GLY B 301 -4.02 -11.69 -31.26
C GLY B 301 -4.32 -10.42 -30.47
N ASN B 302 -5.60 -10.19 -30.20
CA ASN B 302 -6.03 -8.99 -29.45
C ASN B 302 -6.35 -9.31 -27.98
N LEU B 303 -5.86 -10.45 -27.53
CA LEU B 303 -6.04 -10.95 -26.20
C LEU B 303 -4.66 -11.16 -25.59
N CYS B 304 -4.47 -10.65 -24.39
CA CYS B 304 -3.32 -10.98 -23.56
C CYS B 304 -3.88 -11.59 -22.31
N PHE B 305 -3.24 -12.63 -21.80
CA PHE B 305 -3.70 -13.26 -20.58
C PHE B 305 -2.55 -13.83 -19.76
N VAL B 306 -2.78 -13.96 -18.48
CA VAL B 306 -1.86 -14.60 -17.57
C VAL B 306 -2.66 -15.65 -16.85
N GLU B 307 -2.01 -16.75 -16.53
CA GLU B 307 -2.63 -17.84 -15.80
C GLU B 307 -1.67 -18.26 -14.71
N VAL B 308 -2.09 -18.12 -13.45
CA VAL B 308 -1.20 -18.32 -12.31
C VAL B 308 -1.92 -19.06 -11.22
N PRO B 309 -1.18 -19.84 -10.41
CA PRO B 309 -1.81 -20.44 -9.24
C PRO B 309 -1.86 -19.44 -8.07
N MSE B 310 -2.85 -19.57 -7.21
CA MSE B 310 -3.06 -18.65 -6.09
C MSE B 310 -2.70 -19.42 -4.86
O MSE B 310 -3.53 -20.16 -4.33
CB MSE B 310 -4.53 -18.23 -6.03
CG MSE B 310 -5.04 -17.58 -7.31
SE MSE B 310 -4.12 -15.86 -7.68
CE MSE B 310 -5.76 -14.76 -7.62
N GLU B 311 -1.46 -19.26 -4.42
CA GLU B 311 -0.92 -20.11 -3.36
C GLU B 311 -0.83 -19.49 -1.97
N GLN B 312 -1.24 -18.22 -1.84
CA GLN B 312 -1.12 -17.48 -0.58
C GLN B 312 -2.33 -16.59 -0.33
N ALA B 313 -2.88 -16.70 0.87
CA ALA B 313 -4.00 -15.89 1.31
C ALA B 313 -3.64 -14.39 1.25
N GLY B 314 -4.60 -13.57 0.89
CA GLY B 314 -4.42 -12.14 0.80
C GLY B 314 -4.88 -11.54 -0.51
N GLU B 315 -4.69 -10.24 -0.59
CA GLU B 315 -4.95 -9.43 -1.75
C GLU B 315 -4.01 -9.81 -2.89
N VAL B 316 -4.56 -9.92 -4.10
CA VAL B 316 -3.74 -10.09 -5.28
C VAL B 316 -4.11 -9.01 -6.31
N ARG B 317 -3.18 -8.10 -6.56
CA ARG B 317 -3.33 -7.12 -7.59
C ARG B 317 -2.62 -7.57 -8.86
N PHE B 318 -3.37 -7.74 -9.95
CA PHE B 318 -2.75 -7.92 -11.26
C PHE B 318 -2.63 -6.59 -11.97
N ASP B 319 -1.43 -6.24 -12.42
CA ASP B 319 -1.16 -5.08 -13.26
C ASP B 319 -0.73 -5.54 -14.65
N PHE B 320 -1.21 -4.84 -15.68
CA PHE B 320 -0.75 -4.99 -17.04
C PHE B 320 -0.04 -3.72 -17.46
N TYR B 321 1.06 -3.85 -18.19
CA TYR B 321 1.81 -2.70 -18.69
C TYR B 321 1.92 -2.87 -20.20
N TYR B 322 1.61 -1.82 -20.96
CA TYR B 322 1.38 -1.99 -22.39
C TYR B 322 1.54 -0.67 -23.12
N ASN B 323 1.84 -0.76 -24.41
CA ASN B 323 1.89 0.41 -25.31
C ASN B 323 2.80 1.52 -24.81
N GLY B 324 3.97 1.16 -24.29
CA GLY B 324 4.99 2.11 -23.87
C GLY B 324 4.86 2.59 -22.43
N ASN B 325 3.71 3.19 -22.11
CA ASN B 325 3.50 3.83 -20.81
C ASN B 325 2.06 3.71 -20.28
N LYS B 326 1.31 2.72 -20.71
CA LYS B 326 -0.06 2.53 -20.21
C LYS B 326 0.01 1.44 -19.15
N GLN B 327 -0.97 1.47 -18.26
CA GLN B 327 -1.04 0.61 -17.12
C GLN B 327 -2.49 0.49 -16.69
N THR B 328 -2.91 -0.71 -16.32
CA THR B 328 -4.22 -0.92 -15.69
C THR B 328 -4.15 -2.14 -14.82
N HIS B 329 -5.22 -2.47 -14.10
CA HIS B 329 -5.13 -3.54 -13.09
C HIS B 329 -6.42 -4.28 -12.82
N ALA B 330 -6.31 -5.34 -12.04
CA ALA B 330 -7.45 -6.07 -11.52
C ALA B 330 -7.18 -6.38 -10.07
N ASP B 331 -8.20 -6.30 -9.23
CA ASP B 331 -8.07 -6.55 -7.79
C ASP B 331 -8.74 -7.91 -7.44
N CYS B 332 -7.97 -8.86 -6.97
CA CYS B 332 -8.52 -10.17 -6.59
C CYS B 332 -8.17 -10.45 -5.13
N LEU B 333 -8.89 -11.43 -4.54
CA LEU B 333 -8.70 -11.88 -3.18
C LEU B 333 -8.52 -13.41 -3.10
N VAL B 334 -7.54 -13.87 -2.31
CA VAL B 334 -7.31 -15.26 -2.11
C VAL B 334 -7.61 -15.52 -0.65
N ILE B 335 -8.51 -16.46 -0.40
CA ILE B 335 -8.89 -16.90 0.97
C ILE B 335 -8.43 -18.33 1.17
N SER B 336 -8.48 -18.84 2.40
CA SER B 336 -7.98 -20.19 2.69
C SER B 336 -8.90 -21.17 1.96
N ASN B 337 -10.10 -21.33 2.50
CA ASN B 337 -11.19 -21.93 1.78
C ASN B 337 -12.52 -21.49 2.41
N THR B 338 -13.58 -21.56 1.62
CA THR B 338 -14.89 -21.08 2.04
C THR B 338 -15.51 -21.84 3.19
N ALA B 339 -15.45 -23.17 3.18
CA ALA B 339 -15.97 -23.94 4.32
C ALA B 339 -15.32 -23.50 5.64
N ASP B 340 -14.00 -23.35 5.66
CA ASP B 340 -13.28 -22.89 6.87
C ASP B 340 -13.66 -21.46 7.27
N LEU B 341 -13.78 -20.57 6.28
CA LEU B 341 -14.13 -19.18 6.55
C LEU B 341 -15.49 -19.08 7.25
N ILE B 342 -16.47 -19.80 6.73
CA ILE B 342 -17.79 -19.87 7.33
C ILE B 342 -17.75 -20.54 8.69
N ARG B 343 -16.99 -21.63 8.85
CA ARG B 343 -16.90 -22.30 10.16
C ARG B 343 -16.29 -21.39 11.25
N LYS B 344 -15.21 -20.68 10.92
CA LYS B 344 -14.57 -19.81 11.91
C LYS B 344 -15.49 -18.62 12.21
N ARG B 345 -16.19 -18.12 11.20
CA ARG B 345 -17.13 -17.04 11.43
C ARG B 345 -18.24 -17.43 12.38
N VAL B 346 -18.77 -18.62 12.18
CA VAL B 346 -19.86 -19.12 13.00
C VAL B 346 -19.35 -19.34 14.40
N ASP B 347 -18.18 -19.96 14.55
CA ASP B 347 -17.62 -20.14 15.88
C ASP B 347 -17.36 -18.80 16.56
N PHE B 348 -16.97 -17.76 15.82
CA PHE B 348 -16.74 -16.45 16.41
C PHE B 348 -18.03 -15.82 16.96
N ILE B 349 -19.12 -15.97 16.20
CA ILE B 349 -20.43 -15.45 16.56
C ILE B 349 -20.86 -16.08 17.87
N ARG B 350 -20.75 -17.39 17.94
CA ARG B 350 -21.20 -18.12 19.12
C ARG B 350 -20.32 -17.83 20.33
N THR B 351 -19.00 -17.88 20.19
CA THR B 351 -18.11 -17.75 21.36
C THR B 351 -17.77 -16.30 21.78
N ARG B 352 -17.95 -15.34 20.89
CA ARG B 352 -17.64 -13.95 21.18
C ARG B 352 -18.81 -12.98 21.04
N GLN B 353 -19.80 -13.24 20.17
CA GLN B 353 -20.86 -12.25 19.93
C GLN B 353 -22.18 -12.60 20.55
N GLN B 354 -22.26 -13.67 21.36
CA GLN B 354 -23.50 -14.01 22.07
C GLN B 354 -23.39 -13.57 23.50
N MSE B 355 -24.36 -12.77 23.94
CA MSE B 355 -24.41 -12.31 25.34
C MSE B 355 -24.65 -13.50 26.23
O MSE B 355 -25.74 -14.08 26.19
CB MSE B 355 -25.51 -11.25 25.49
CG MSE B 355 -25.80 -10.84 26.94
SE MSE B 355 -24.23 -9.97 27.76
CE MSE B 355 -24.53 -8.23 26.87
N ASN B 356 -23.64 -13.91 26.99
CA ASN B 356 -23.72 -15.02 27.93
C ASN B 356 -23.59 -14.49 29.36
N ASN B 357 -24.69 -13.99 29.89
CA ASN B 357 -24.69 -13.33 31.20
C ASN B 357 -26.13 -13.30 31.73
N PRO B 358 -26.46 -14.20 32.69
CA PRO B 358 -27.87 -14.33 33.11
C PRO B 358 -28.50 -13.07 33.80
N SER B 359 -27.68 -12.14 34.30
CA SER B 359 -28.19 -10.87 34.86
C SER B 359 -28.81 -9.94 33.80
N ASP B 360 -28.23 -9.93 32.60
CA ASP B 360 -28.56 -8.98 31.55
C ASP B 360 -29.82 -9.48 30.82
N LEU B 361 -30.75 -8.56 30.57
CA LEU B 361 -31.98 -8.85 29.81
C LEU B 361 -31.71 -9.35 28.37
N ARG B 362 -30.58 -8.92 27.81
CA ARG B 362 -30.14 -9.37 26.50
C ARG B 362 -29.49 -10.75 26.51
N ASP B 363 -29.55 -11.50 27.60
CA ASP B 363 -28.98 -12.85 27.65
C ASP B 363 -29.44 -13.74 26.48
N GLY B 364 -28.48 -14.30 25.74
CA GLY B 364 -28.74 -15.16 24.59
C GLY B 364 -28.73 -14.44 23.26
N ALA B 365 -28.71 -13.11 23.28
CA ALA B 365 -28.72 -12.31 22.07
C ALA B 365 -27.37 -12.37 21.37
N TYR B 366 -27.40 -12.45 20.04
CA TYR B 366 -26.23 -12.24 19.20
C TYR B 366 -26.13 -10.75 18.91
N MSE B 367 -24.95 -10.18 19.13
CA MSE B 367 -24.81 -8.72 19.19
C MSE B 367 -23.70 -8.12 18.41
O MSE B 367 -22.75 -8.80 17.98
CB MSE B 367 -24.65 -8.39 20.66
CG MSE B 367 -26.04 -8.48 21.32
SE MSE B 367 -25.89 -8.06 23.22
CE MSE B 367 -25.87 -6.11 23.05
N VAL B 368 -23.81 -6.80 18.24
CA VAL B 368 -22.82 -5.99 17.56
C VAL B 368 -21.48 -6.14 18.32
N TYR B 369 -20.39 -6.23 17.59
CA TYR B 369 -19.09 -6.48 18.18
C TYR B 369 -18.05 -5.50 17.66
N ASP B 370 -17.29 -4.93 18.59
CA ASP B 370 -16.23 -3.98 18.28
C ASP B 370 -14.96 -4.78 18.12
N ASN B 371 -14.42 -4.83 16.90
CA ASN B 371 -13.24 -5.63 16.61
C ASN B 371 -11.92 -4.97 17.06
N GLU B 372 -11.89 -3.64 17.27
CA GLU B 372 -10.70 -2.96 17.79
C GLU B 372 -10.62 -3.16 19.30
N GLY B 373 -11.76 -3.04 19.99
CA GLY B 373 -11.85 -3.25 21.43
C GLY B 373 -11.95 -4.71 21.83
N ASP B 374 -12.29 -5.59 20.88
CA ASP B 374 -12.53 -7.03 21.13
C ASP B 374 -13.59 -7.22 22.21
N SER B 375 -14.73 -6.60 22.03
CA SER B 375 -15.85 -6.81 22.95
C SER B 375 -17.18 -6.49 22.31
N ILE B 376 -18.22 -6.95 22.99
CA ILE B 376 -19.57 -6.71 22.55
C ILE B 376 -19.85 -5.22 22.71
N TYR B 377 -20.49 -4.61 21.72
CA TYR B 377 -20.90 -3.24 21.84
C TYR B 377 -22.24 -3.27 22.57
N LEU B 378 -22.26 -2.70 23.77
CA LEU B 378 -23.44 -2.70 24.62
C LEU B 378 -24.42 -1.57 24.31
N ASN B 379 -24.12 -0.73 23.32
CA ASN B 379 -25.00 0.38 22.90
C ASN B 379 -25.29 1.32 24.10
N ASP B 380 -24.22 1.63 24.85
CA ASP B 380 -24.25 2.36 26.14
C ASP B 380 -23.43 3.67 26.09
N THR B 381 -23.08 4.12 24.88
CA THR B 381 -22.32 5.34 24.67
C THR B 381 -22.95 6.11 23.51
N PRO B 382 -22.65 7.42 23.40
CA PRO B 382 -23.16 8.17 22.24
C PRO B 382 -22.64 7.65 20.89
N ASN B 383 -23.57 7.38 19.98
CA ASN B 383 -23.24 7.18 18.57
C ASN B 383 -24.28 7.95 17.75
N CYS B 384 -24.15 7.91 16.42
CA CYS B 384 -25.04 8.68 15.55
C CYS B 384 -26.47 8.15 15.50
N ASN B 385 -26.69 6.86 15.79
CA ASN B 385 -28.04 6.23 15.72
C ASN B 385 -28.17 4.90 16.51
N PRO B 386 -28.49 4.96 17.83
CA PRO B 386 -28.42 3.73 18.67
C PRO B 386 -29.28 2.54 18.23
N VAL B 387 -30.45 2.78 17.64
CA VAL B 387 -31.34 1.68 17.25
C VAL B 387 -30.69 0.76 16.19
N ASP B 388 -29.80 1.30 15.36
CA ASP B 388 -29.10 0.51 14.35
C ASP B 388 -27.86 -0.26 14.88
N ARG B 389 -27.59 -0.13 16.18
CA ARG B 389 -26.55 -0.88 16.88
C ARG B 389 -27.18 -1.66 18.03
N ASP B 390 -28.50 -1.87 17.97
CA ASP B 390 -29.18 -2.51 19.09
C ASP B 390 -29.16 -4.03 18.94
N GLU B 391 -29.91 -4.73 19.79
CA GLU B 391 -29.85 -6.17 19.95
C GLU B 391 -30.78 -6.98 19.01
N GLY B 392 -31.54 -6.32 18.13
CA GLY B 392 -32.47 -7.02 17.24
C GLY B 392 -32.33 -6.54 15.83
N ALA B 393 -33.44 -6.53 15.13
CA ALA B 393 -33.50 -6.02 13.76
C ALA B 393 -32.53 -6.79 12.84
N GLU B 394 -31.58 -6.13 12.16
CA GLU B 394 -30.72 -6.82 11.21
C GLU B 394 -29.83 -7.88 11.89
N ARG B 395 -29.57 -7.76 13.19
CA ARG B 395 -28.76 -8.75 13.94
C ARG B 395 -29.34 -10.16 13.93
N LEU B 396 -30.61 -10.27 13.53
CA LEU B 396 -31.20 -11.58 13.36
C LEU B 396 -30.51 -12.47 12.32
N GLY B 397 -29.81 -11.86 11.36
CA GLY B 397 -28.94 -12.57 10.42
C GLY B 397 -28.06 -13.64 11.04
N MSE B 398 -27.56 -13.37 12.24
CA MSE B 398 -26.67 -14.26 12.93
C MSE B 398 -27.39 -15.51 13.37
O MSE B 398 -26.81 -16.60 13.31
CB MSE B 398 -26.03 -13.55 14.13
CG MSE B 398 -25.05 -12.49 13.60
SE MSE B 398 -23.94 -11.66 15.02
CE MSE B 398 -25.16 -10.17 15.36
N GLY B 399 -28.64 -15.35 13.81
CA GLY B 399 -29.47 -16.51 14.11
C GLY B 399 -29.72 -17.36 12.89
N VAL B 400 -30.04 -16.71 11.79
CA VAL B 400 -30.34 -17.42 10.55
C VAL B 400 -29.08 -18.12 10.04
N LEU B 401 -27.92 -17.46 10.09
CA LEU B 401 -26.68 -18.08 9.65
C LEU B 401 -26.36 -19.32 10.47
N LEU B 402 -26.52 -19.24 11.79
CA LEU B 402 -26.15 -20.33 12.67
C LEU B 402 -27.11 -21.48 12.56
N VAL B 403 -28.37 -21.24 12.19
CA VAL B 403 -29.29 -22.34 11.87
C VAL B 403 -28.80 -23.08 10.63
N LYS B 404 -28.45 -22.36 9.58
CA LYS B 404 -27.96 -22.98 8.37
C LYS B 404 -26.69 -23.81 8.59
N GLN B 405 -25.76 -23.29 9.39
CA GLN B 405 -24.57 -24.05 9.72
C GLN B 405 -24.91 -25.27 10.60
N TYR B 406 -25.86 -25.14 11.52
CA TYR B 406 -26.38 -26.30 12.22
C TYR B 406 -26.95 -27.37 11.26
N LEU B 407 -27.69 -26.99 10.23
CA LEU B 407 -28.26 -27.96 9.30
C LEU B 407 -27.20 -28.75 8.56
N LEU B 408 -26.08 -28.09 8.26
CA LEU B 408 -24.95 -28.76 7.62
C LEU B 408 -24.11 -29.59 8.58
N THR B 409 -23.84 -29.05 9.79
CA THR B 409 -22.87 -29.64 10.71
C THR B 409 -23.46 -30.51 11.79
N LYS B 410 -24.70 -30.22 12.19
CA LYS B 410 -25.39 -30.91 13.30
C LYS B 410 -24.67 -30.76 14.63
N ASP B 411 -23.98 -29.63 14.80
CA ASP B 411 -23.19 -29.35 16.01
C ASP B 411 -24.13 -29.02 17.17
N PRO B 412 -24.19 -29.85 18.23
CA PRO B 412 -25.11 -29.56 19.33
C PRO B 412 -24.84 -28.30 20.17
N GLU B 413 -23.63 -27.75 20.17
CA GLU B 413 -23.37 -26.42 20.76
C GLU B 413 -24.12 -25.30 20.02
N LEU B 414 -24.23 -25.40 18.71
CA LEU B 414 -25.00 -24.41 17.94
C LEU B 414 -26.47 -24.47 18.27
N LYS B 415 -27.00 -25.69 18.43
CA LYS B 415 -28.41 -25.87 18.77
C LYS B 415 -28.72 -25.24 20.12
N GLN B 416 -27.87 -25.52 21.10
CA GLN B 416 -27.99 -24.93 22.44
C GLN B 416 -27.88 -23.38 22.41
N SER B 417 -27.03 -22.85 21.54
CA SER B 417 -26.91 -21.40 21.35
C SER B 417 -28.17 -20.80 20.69
N LEU B 418 -28.61 -21.42 19.61
CA LEU B 418 -29.85 -21.04 18.91
C LEU B 418 -31.13 -21.10 19.76
N LEU B 419 -31.28 -22.12 20.61
CA LEU B 419 -32.46 -22.25 21.50
C LEU B 419 -32.50 -21.10 22.52
N ARG B 420 -31.34 -20.71 23.03
CA ARG B 420 -31.26 -19.53 23.88
C ARG B 420 -31.59 -18.26 23.11
N TYR B 421 -31.11 -18.16 21.87
CA TYR B 421 -31.35 -16.98 21.06
C TYR B 421 -32.83 -16.82 20.67
N ALA B 422 -33.48 -17.91 20.26
CA ALA B 422 -34.91 -17.88 19.87
C ALA B 422 -35.82 -17.55 21.04
N ASP B 423 -35.49 -18.08 22.21
CA ASP B 423 -36.12 -17.71 23.47
C ASP B 423 -36.01 -16.21 23.75
N PHE B 424 -34.81 -15.64 23.55
CA PHE B 424 -34.61 -14.19 23.71
C PHE B 424 -35.47 -13.43 22.71
N VAL B 425 -35.50 -13.87 21.47
CA VAL B 425 -36.26 -13.18 20.44
C VAL B 425 -37.76 -13.22 20.80
N ARG B 426 -38.22 -14.39 21.21
CA ARG B 426 -39.63 -14.65 21.46
C ARG B 426 -40.15 -13.86 22.63
N ARG B 427 -39.41 -13.89 23.73
CA ARG B 427 -39.88 -13.37 25.01
C ARG B 427 -39.35 -12.00 25.40
N LYS B 428 -38.32 -11.49 24.72
CA LYS B 428 -37.80 -10.12 24.95
C LYS B 428 -38.08 -9.13 23.82
N LEU B 429 -37.98 -9.56 22.56
CA LEU B 429 -38.23 -8.67 21.44
C LEU B 429 -39.70 -8.66 20.94
N GLN B 430 -40.47 -9.66 21.36
CA GLN B 430 -41.88 -9.68 20.99
C GLN B 430 -42.75 -9.59 22.21
N THR B 431 -43.94 -9.02 22.01
CA THR B 431 -45.04 -9.14 22.94
C THR B 431 -45.69 -10.48 22.67
N ASP B 432 -46.48 -10.96 23.62
CA ASP B 432 -47.24 -12.22 23.45
C ASP B 432 -48.09 -12.23 22.14
N ASN B 433 -48.61 -11.08 21.74
CA ASN B 433 -49.37 -10.94 20.47
C ASN B 433 -48.49 -10.58 19.24
N TYR B 434 -47.18 -10.87 19.33
CA TYR B 434 -46.25 -10.82 18.18
C TYR B 434 -46.01 -9.45 17.57
N VAL B 435 -46.12 -8.40 18.38
CA VAL B 435 -45.57 -7.10 18.00
C VAL B 435 -44.09 -7.25 18.25
N THR B 436 -43.28 -6.79 17.31
CA THR B 436 -41.87 -7.13 17.22
C THR B 436 -41.07 -5.86 17.35
N TYR B 437 -40.21 -5.80 18.35
CA TYR B 437 -39.30 -4.68 18.60
C TYR B 437 -37.84 -5.12 18.38
N SER B 438 -36.94 -4.15 18.30
CA SER B 438 -35.51 -4.44 18.19
C SER B 438 -34.72 -4.27 19.48
N SER B 439 -35.34 -3.67 20.51
CA SER B 439 -34.73 -3.50 21.85
C SER B 439 -35.54 -4.24 22.92
N VAL B 440 -34.86 -4.60 24.01
CA VAL B 440 -35.53 -5.21 25.16
C VAL B 440 -36.53 -4.29 25.88
N ASP B 441 -36.26 -2.99 25.96
CA ASP B 441 -37.18 -2.01 26.62
C ASP B 441 -38.52 -1.78 25.86
N GLN B 442 -38.53 -2.09 24.57
CA GLN B 442 -39.71 -1.95 23.70
C GLN B 442 -40.24 -0.51 23.57
N LYS B 443 -39.43 0.48 23.94
CA LYS B 443 -39.79 1.90 23.80
C LYS B 443 -39.41 2.45 22.42
N ASN B 444 -38.64 1.69 21.62
CA ASN B 444 -38.18 2.12 20.30
C ASN B 444 -39.07 1.62 19.14
N ARG B 445 -38.71 2.01 17.93
CA ARG B 445 -39.56 1.89 16.74
C ARG B 445 -40.09 0.51 16.42
N ASN B 446 -41.28 0.51 15.85
CA ASN B 446 -41.98 -0.66 15.38
C ASN B 446 -41.77 -0.62 13.87
N ARG B 447 -40.94 -1.54 13.37
CA ARG B 447 -40.43 -1.44 12.01
C ARG B 447 -40.74 -2.73 11.26
N GLY B 448 -41.37 -2.58 10.09
CA GLY B 448 -41.82 -3.71 9.29
C GLY B 448 -40.74 -4.72 8.95
N TYR B 449 -39.61 -4.22 8.47
CA TYR B 449 -38.45 -5.03 8.11
C TYR B 449 -38.14 -6.10 9.17
N ASN B 450 -38.25 -5.70 10.44
CA ASN B 450 -37.92 -6.57 11.55
C ASN B 450 -38.76 -7.88 11.64
N TYR B 451 -39.99 -7.83 11.14
CA TYR B 451 -40.91 -8.98 11.22
C TYR B 451 -40.45 -10.11 10.28
N MSE B 452 -40.06 -9.75 9.06
CA MSE B 452 -39.58 -10.73 8.08
C MSE B 452 -38.42 -11.53 8.58
O MSE B 452 -38.36 -12.75 8.35
CB MSE B 452 -39.17 -10.06 6.77
CG MSE B 452 -40.29 -10.21 5.76
SE MSE B 452 -42.02 -9.46 6.33
CE MSE B 452 -42.91 -11.12 6.79
N TRP B 453 -37.49 -10.87 9.26
CA TRP B 453 -36.31 -11.52 9.79
C TRP B 453 -36.61 -12.41 11.00
N VAL B 454 -37.58 -12.01 11.81
CA VAL B 454 -38.01 -12.84 12.95
C VAL B 454 -38.79 -14.08 12.50
N ALA B 455 -39.68 -13.89 11.53
CA ALA B 455 -40.40 -15.01 10.97
C ALA B 455 -39.44 -16.00 10.35
N GLU B 456 -38.47 -15.50 9.55
CA GLU B 456 -37.41 -16.31 8.94
C GLU B 456 -36.70 -17.15 9.98
N LEU B 457 -36.26 -16.52 11.06
CA LEU B 457 -35.64 -17.25 12.17
C LEU B 457 -36.55 -18.37 12.68
N TYR B 458 -37.83 -18.09 12.93
CA TYR B 458 -38.74 -19.12 13.50
C TYR B 458 -38.95 -20.30 12.55
N PHE B 459 -39.19 -20.04 11.27
CA PHE B 459 -39.29 -21.13 10.30
C PHE B 459 -37.98 -21.93 10.19
N GLN B 460 -36.84 -21.25 10.25
CA GLN B 460 -35.54 -21.94 10.25
C GLN B 460 -35.38 -22.78 11.53
N MSE B 461 -35.89 -22.30 12.65
CA MSE B 461 -35.87 -23.07 13.91
C MSE B 461 -36.71 -24.32 13.88
O MSE B 461 -36.40 -25.29 14.60
CB MSE B 461 -36.31 -22.26 15.13
CG MSE B 461 -35.39 -21.10 15.50
SE MSE B 461 -33.64 -21.79 16.05
CE MSE B 461 -34.13 -22.59 17.80
N TYR B 462 -37.76 -24.35 13.07
CA TYR B 462 -38.53 -25.58 12.88
C TYR B 462 -37.68 -26.68 12.21
N LYS B 463 -36.89 -26.32 11.21
CA LYS B 463 -35.94 -27.26 10.59
C LYS B 463 -34.93 -27.86 11.58
N VAL B 464 -34.56 -27.10 12.61
CA VAL B 464 -33.59 -27.53 13.62
C VAL B 464 -34.20 -28.49 14.65
N THR B 465 -35.39 -28.13 15.14
CA THR B 465 -36.04 -28.84 16.25
C THR B 465 -37.21 -29.77 15.89
N GLY B 466 -37.88 -29.51 14.76
CA GLY B 466 -39.16 -30.17 14.45
C GLY B 466 -40.32 -29.88 15.42
N ASP B 467 -40.26 -28.73 16.12
CA ASP B 467 -41.27 -28.29 17.08
C ASP B 467 -42.24 -27.37 16.33
N LYS B 468 -43.52 -27.72 16.32
CA LYS B 468 -44.53 -27.02 15.52
C LYS B 468 -44.79 -25.55 15.99
N GLN B 469 -44.49 -25.24 17.24
CA GLN B 469 -44.68 -23.87 17.75
C GLN B 469 -43.90 -22.82 16.95
N PHE B 470 -42.69 -23.16 16.52
CA PHE B 470 -41.89 -22.23 15.70
C PHE B 470 -42.57 -21.89 14.38
N VAL B 471 -43.26 -22.87 13.78
CA VAL B 471 -44.02 -22.62 12.55
C VAL B 471 -45.22 -21.72 12.85
N THR B 472 -45.88 -21.93 14.00
CA THR B 472 -46.96 -21.05 14.46
C THR B 472 -46.50 -19.61 14.69
N ASP B 473 -45.42 -19.45 15.45
CA ASP B 473 -44.89 -18.10 15.76
C ASP B 473 -44.39 -17.36 14.53
N GLY B 474 -43.75 -18.07 13.61
CA GLY B 474 -43.39 -17.49 12.32
C GLY B 474 -44.61 -17.02 11.54
N TYR B 475 -45.62 -17.89 11.48
CA TYR B 475 -46.90 -17.55 10.84
C TYR B 475 -47.55 -16.33 11.50
N LYS B 476 -47.69 -16.35 12.81
CA LYS B 476 -48.27 -15.23 13.57
C LYS B 476 -47.46 -13.93 13.43
N THR B 477 -46.13 -14.03 13.34
CA THR B 477 -45.30 -12.82 13.20
C THR B 477 -45.56 -12.17 11.85
N LEU B 478 -45.63 -12.99 10.79
CA LEU B 478 -46.01 -12.55 9.44
C LEU B 478 -47.37 -11.85 9.40
N LYS B 479 -48.36 -12.47 10.05
CA LYS B 479 -49.71 -11.90 10.21
C LYS B 479 -49.69 -10.56 10.94
N SER B 480 -48.95 -10.50 12.04
CA SER B 480 -48.83 -9.26 12.83
C SER B 480 -48.37 -8.11 11.96
N MSE B 481 -47.43 -8.38 11.04
CA MSE B 481 -46.88 -7.34 10.17
C MSE B 481 -47.84 -6.95 9.08
O MSE B 481 -47.98 -5.75 8.78
CB MSE B 481 -45.46 -7.72 9.68
CG MSE B 481 -45.25 -8.09 8.22
SE MSE B 481 -45.15 -6.47 7.09
CE MSE B 481 -44.77 -7.34 5.36
N PHE B 482 -48.50 -7.93 8.45
CA PHE B 482 -49.52 -7.65 7.44
C PHE B 482 -50.70 -6.84 8.02
N GLN B 483 -51.13 -7.19 9.21
CA GLN B 483 -52.15 -6.41 9.93
C GLN B 483 -51.79 -4.94 10.24
N GLN B 484 -50.51 -4.63 10.48
CA GLN B 484 -50.08 -3.26 10.88
C GLN B 484 -49.55 -2.41 9.74
N PHE B 485 -48.78 -3.01 8.84
CA PHE B 485 -48.16 -2.29 7.72
C PHE B 485 -48.86 -2.54 6.37
N GLY B 486 -49.83 -3.47 6.36
CA GLY B 486 -50.54 -3.79 5.12
C GLY B 486 -49.72 -4.68 4.21
N TYR B 487 -50.13 -4.68 2.94
CA TYR B 487 -49.62 -5.60 1.94
C TYR B 487 -48.58 -5.02 0.99
N GLY B 488 -48.33 -3.71 1.07
CA GLY B 488 -47.40 -3.03 0.16
C GLY B 488 -46.03 -2.71 0.71
N PHE B 489 -45.66 -3.24 1.88
CA PHE B 489 -44.33 -2.99 2.46
C PHE B 489 -43.27 -3.84 1.75
N TYR B 490 -42.27 -3.19 1.17
CA TYR B 490 -41.18 -3.86 0.41
C TYR B 490 -40.08 -4.42 1.35
N ALA B 491 -40.50 -5.36 2.19
CA ALA B 491 -39.64 -5.96 3.19
C ALA B 491 -38.57 -6.84 2.56
N ILE B 492 -37.45 -6.96 3.26
CA ILE B 492 -36.29 -7.70 2.80
C ILE B 492 -36.39 -9.16 3.26
N GLY B 493 -36.26 -10.09 2.32
CA GLY B 493 -36.22 -11.50 2.66
C GLY B 493 -37.50 -12.03 3.25
N ILE B 494 -38.64 -11.67 2.63
CA ILE B 494 -39.94 -12.24 2.98
C ILE B 494 -39.86 -13.74 2.71
N PRO B 495 -39.99 -14.57 3.76
CA PRO B 495 -39.75 -16.01 3.62
C PRO B 495 -40.95 -16.71 2.96
N VAL B 496 -41.11 -16.51 1.66
CA VAL B 496 -42.25 -17.05 0.93
C VAL B 496 -42.11 -18.56 0.77
N ARG B 497 -41.10 -18.99 0.01
CA ARG B 497 -40.81 -20.38 -0.22
C ARG B 497 -40.56 -21.13 1.07
N LEU B 498 -39.88 -20.51 2.03
CA LEU B 498 -39.59 -21.13 3.34
C LEU B 498 -40.78 -21.24 4.29
N GLY B 499 -41.62 -20.22 4.36
CA GLY B 499 -42.77 -20.21 5.26
C GLY B 499 -43.82 -21.24 4.87
N LEU B 500 -44.13 -21.25 3.57
CA LEU B 500 -45.09 -22.19 2.99
C LEU B 500 -44.61 -23.63 3.13
N GLN B 501 -43.31 -23.86 2.93
CA GLN B 501 -42.72 -25.19 3.10
C GLN B 501 -42.84 -25.67 4.53
N SER B 502 -42.62 -24.78 5.50
CA SER B 502 -42.70 -25.14 6.91
C SER B 502 -44.15 -25.42 7.33
N LEU B 503 -45.08 -24.61 6.83
CA LEU B 503 -46.51 -24.83 7.09
C LEU B 503 -47.01 -26.17 6.49
N LYS B 504 -46.63 -26.47 5.25
CA LYS B 504 -46.90 -27.78 4.62
C LYS B 504 -46.45 -28.94 5.48
N GLU B 505 -45.18 -28.92 5.87
CA GLU B 505 -44.53 -30.05 6.59
C GLU B 505 -45.16 -30.29 7.95
N ALA B 506 -45.58 -29.21 8.60
CA ALA B 506 -46.17 -29.29 9.95
C ALA B 506 -47.67 -29.67 9.97
N GLY B 507 -48.30 -29.82 8.80
CA GLY B 507 -49.70 -30.22 8.69
C GLY B 507 -50.66 -29.12 9.14
N MSE B 508 -50.39 -27.89 8.71
CA MSE B 508 -51.19 -26.72 9.05
C MSE B 508 -51.75 -26.27 7.72
O MSE B 508 -51.15 -25.44 7.04
CB MSE B 508 -50.36 -25.67 9.80
CG MSE B 508 -49.11 -26.25 10.48
SE MSE B 508 -48.40 -25.03 11.88
CE MSE B 508 -49.26 -25.86 13.46
N LYS B 509 -52.88 -26.85 7.35
CA LYS B 509 -53.48 -26.62 6.03
C LYS B 509 -54.17 -25.25 5.95
N LYS B 510 -54.86 -24.84 7.02
CA LYS B 510 -55.60 -23.56 7.04
C LYS B 510 -54.66 -22.35 6.93
N GLU B 511 -53.54 -22.45 7.66
CA GLU B 511 -52.58 -21.36 7.75
C GLU B 511 -51.81 -21.24 6.45
N TYR B 512 -51.43 -22.38 5.86
CA TYR B 512 -50.80 -22.44 4.55
C TYR B 512 -51.54 -21.57 3.56
N THR B 513 -52.84 -21.85 3.38
CA THR B 513 -53.66 -21.16 2.39
C THR B 513 -53.96 -19.73 2.78
N ASP B 514 -54.22 -19.48 4.06
CA ASP B 514 -54.35 -18.09 4.53
C ASP B 514 -53.10 -17.24 4.23
N LEU B 515 -51.91 -17.79 4.54
CA LEU B 515 -50.65 -17.09 4.29
C LEU B 515 -50.38 -16.90 2.81
N ARG B 516 -50.61 -17.95 2.03
CA ARG B 516 -50.44 -17.89 0.58
C ARG B 516 -51.29 -16.79 -0.06
N ASN B 517 -52.53 -16.60 0.44
CA ASN B 517 -53.39 -15.51 -0.03
C ASN B 517 -52.80 -14.14 0.33
N ASP B 518 -52.22 -14.01 1.53
CA ASP B 518 -51.54 -12.77 1.93
C ASP B 518 -50.37 -12.44 1.00
N PHE B 519 -49.54 -13.44 0.66
CA PHE B 519 -48.47 -13.23 -0.33
C PHE B 519 -49.01 -12.85 -1.70
N ILE B 520 -50.11 -13.46 -2.10
CA ILE B 520 -50.75 -13.09 -3.39
C ILE B 520 -51.16 -11.61 -3.37
N LYS B 521 -51.82 -11.19 -2.30
CA LYS B 521 -52.19 -9.80 -2.11
C LYS B 521 -50.97 -8.84 -2.25
N THR B 522 -49.86 -9.17 -1.57
CA THR B 522 -48.64 -8.35 -1.67
C THR B 522 -48.09 -8.35 -3.10
N GLY B 523 -48.07 -9.53 -3.75
CA GLY B 523 -47.61 -9.65 -5.13
C GLY B 523 -48.38 -8.78 -6.10
N ASP B 524 -49.68 -8.71 -5.89
CA ASP B 524 -50.54 -7.82 -6.69
C ASP B 524 -50.26 -6.34 -6.48
N VAL B 525 -50.03 -5.93 -5.23
CA VAL B 525 -49.61 -4.53 -4.97
C VAL B 525 -48.27 -4.23 -5.65
N PHE B 526 -47.33 -5.18 -5.62
CA PHE B 526 -46.02 -5.00 -6.26
C PHE B 526 -46.17 -4.92 -7.77
N VAL B 527 -47.05 -5.75 -8.33
CA VAL B 527 -47.39 -5.64 -9.75
C VAL B 527 -48.10 -4.32 -10.07
N LYS B 528 -49.11 -3.93 -9.26
CA LYS B 528 -49.83 -2.66 -9.50
C LYS B 528 -48.91 -1.44 -9.49
N ASN B 529 -47.96 -1.42 -8.54
CA ASN B 529 -46.98 -0.33 -8.43
C ASN B 529 -45.97 -0.33 -9.59
N GLY B 530 -45.56 -1.50 -10.06
CA GLY B 530 -44.51 -1.57 -11.08
C GLY B 530 -43.24 -0.82 -10.64
N LEU B 531 -42.80 0.12 -11.48
CA LEU B 531 -41.64 0.98 -11.19
C LEU B 531 -41.91 2.18 -10.28
N ASN B 532 -43.16 2.37 -9.84
CA ASN B 532 -43.53 3.44 -8.89
C ASN B 532 -43.27 2.96 -7.46
N TYR B 533 -42.00 2.75 -7.14
CA TYR B 533 -41.63 2.19 -5.84
C TYR B 533 -41.88 3.25 -4.82
N PRO B 534 -42.50 2.91 -3.68
CA PRO B 534 -42.58 3.93 -2.65
C PRO B 534 -41.23 4.11 -1.95
N ALA B 535 -41.01 5.32 -1.45
CA ALA B 535 -39.91 5.60 -0.57
C ALA B 535 -40.03 4.74 0.69
N HIS B 536 -38.88 4.27 1.19
CA HIS B 536 -38.78 3.63 2.50
C HIS B 536 -37.78 4.46 3.30
N GLU B 537 -36.84 3.83 4.01
CA GLU B 537 -35.81 4.57 4.77
C GLU B 537 -34.78 5.22 3.84
N VAL B 538 -34.72 4.74 2.60
CA VAL B 538 -34.07 5.46 1.50
C VAL B 538 -35.10 5.63 0.39
N ASN B 539 -35.05 6.77 -0.30
CA ASN B 539 -36.10 7.09 -1.27
C ASN B 539 -36.17 6.05 -2.40
N TYR B 540 -35.02 5.51 -2.79
CA TYR B 540 -34.90 4.57 -3.89
C TYR B 540 -33.50 3.94 -3.82
N GLU B 541 -33.44 2.61 -3.87
CA GLU B 541 -32.16 1.89 -3.66
C GLU B 541 -32.32 0.40 -3.95
N GLN B 542 -31.20 -0.34 -4.02
CA GLN B 542 -31.29 -1.76 -4.40
C GLN B 542 -32.02 -2.60 -3.38
N SER B 543 -31.98 -2.23 -2.10
CA SER B 543 -32.80 -2.95 -1.13
C SER B 543 -34.28 -2.50 -1.01
N ILE B 544 -34.79 -1.82 -2.04
CA ILE B 544 -36.25 -1.76 -2.36
C ILE B 544 -36.56 -2.63 -3.60
N VAL B 545 -35.78 -2.44 -4.66
CA VAL B 545 -35.98 -3.13 -5.92
C VAL B 545 -35.69 -4.62 -5.80
N ALA B 546 -34.54 -4.94 -5.22
CA ALA B 546 -34.11 -6.33 -5.13
C ALA B 546 -35.06 -7.20 -4.31
N PRO B 547 -35.47 -6.76 -3.11
CA PRO B 547 -36.43 -7.60 -2.41
C PRO B 547 -37.80 -7.78 -3.10
N ALA B 548 -38.25 -6.81 -3.88
CA ALA B 548 -39.49 -6.94 -4.62
C ALA B 548 -39.39 -8.06 -5.66
N ILE B 549 -38.27 -8.12 -6.38
CA ILE B 549 -38.04 -9.16 -7.38
C ILE B 549 -37.82 -10.51 -6.71
N GLN B 550 -37.10 -10.52 -5.59
CA GLN B 550 -36.91 -11.72 -4.76
C GLN B 550 -38.24 -12.31 -4.31
N PHE B 551 -39.13 -11.44 -3.87
CA PHE B 551 -40.46 -11.85 -3.46
C PHE B 551 -41.30 -12.43 -4.62
N LEU B 552 -41.39 -11.69 -5.73
CA LEU B 552 -42.19 -12.06 -6.89
C LEU B 552 -41.72 -13.35 -7.57
N ALA B 553 -40.41 -13.57 -7.57
CA ALA B 553 -39.82 -14.78 -8.11
C ALA B 553 -40.20 -15.97 -7.26
N GLN B 554 -40.17 -15.79 -5.93
CA GLN B 554 -40.63 -16.84 -5.03
C GLN B 554 -42.13 -17.06 -5.18
N LEU B 555 -42.87 -15.98 -5.37
CA LEU B 555 -44.33 -16.07 -5.53
C LEU B 555 -44.71 -16.81 -6.83
N TYR B 556 -43.95 -16.61 -7.90
CA TYR B 556 -44.06 -17.44 -9.11
C TYR B 556 -43.81 -18.92 -8.82
N LEU B 557 -42.74 -19.22 -8.10
CA LEU B 557 -42.39 -20.61 -7.78
C LEU B 557 -43.43 -21.32 -6.90
N GLU B 558 -44.26 -20.55 -6.19
CA GLU B 558 -45.32 -21.12 -5.35
C GLU B 558 -46.70 -21.18 -6.03
N THR B 559 -46.93 -20.39 -7.08
CA THR B 559 -48.24 -20.25 -7.76
C THR B 559 -48.23 -20.57 -9.25
N GLY B 560 -47.16 -20.21 -9.94
CA GLY B 560 -47.07 -20.40 -11.38
C GLY B 560 -47.76 -19.32 -12.20
N SER B 561 -48.26 -18.24 -11.57
CA SER B 561 -48.89 -17.14 -12.34
C SER B 561 -47.86 -16.32 -13.10
N GLN B 562 -47.94 -16.36 -14.43
CA GLN B 562 -47.08 -15.52 -15.28
C GLN B 562 -47.19 -14.01 -14.99
N LYS B 563 -48.30 -13.59 -14.38
CA LYS B 563 -48.43 -12.25 -13.83
C LYS B 563 -47.17 -11.85 -13.06
N TYR B 564 -46.73 -12.72 -12.15
CA TYR B 564 -45.59 -12.42 -11.30
C TYR B 564 -44.26 -12.56 -12.01
N LEU B 565 -44.12 -13.53 -12.91
CA LEU B 565 -42.88 -13.67 -13.68
C LEU B 565 -42.61 -12.51 -14.65
N ASP B 566 -43.67 -11.93 -15.22
CA ASP B 566 -43.51 -10.81 -16.15
C ASP B 566 -43.06 -9.51 -15.48
N GLU B 567 -43.45 -9.32 -14.24
CA GLU B 567 -43.02 -8.14 -13.50
C GLU B 567 -41.57 -8.34 -13.05
N VAL B 568 -41.21 -9.58 -12.70
CA VAL B 568 -39.82 -9.96 -12.48
C VAL B 568 -38.98 -9.54 -13.68
N LYS B 569 -39.39 -9.89 -14.90
CA LYS B 569 -38.56 -9.65 -16.11
C LYS B 569 -38.52 -8.18 -16.54
N ARG B 570 -39.61 -7.46 -16.28
CA ARG B 570 -39.67 -5.99 -16.41
C ARG B 570 -38.74 -5.24 -15.44
N GLN B 571 -38.62 -5.74 -14.22
CA GLN B 571 -37.78 -5.13 -13.18
C GLN B 571 -36.30 -5.57 -13.20
N MSE B 572 -35.99 -6.69 -13.86
CA MSE B 572 -34.63 -7.25 -13.84
C MSE B 572 -33.61 -6.27 -14.34
O MSE B 572 -32.62 -6.06 -13.65
CB MSE B 572 -34.50 -8.60 -14.57
CG MSE B 572 -34.98 -9.74 -13.66
SE MSE B 572 -33.62 -10.29 -12.35
CE MSE B 572 -32.44 -11.24 -13.61
N PRO B 573 -33.83 -5.62 -15.50
CA PRO B 573 -32.86 -4.63 -15.98
C PRO B 573 -32.68 -3.44 -15.04
N VAL B 574 -33.72 -3.09 -14.28
CA VAL B 574 -33.64 -2.01 -13.30
C VAL B 574 -32.74 -2.41 -12.11
N LEU B 575 -32.82 -3.67 -11.69
CA LEU B 575 -31.96 -4.21 -10.66
C LEU B 575 -30.53 -4.34 -11.13
N GLU B 576 -30.35 -4.83 -12.36
CA GLU B 576 -29.01 -4.97 -12.96
C GLU B 576 -28.25 -3.66 -13.14
N ALA B 577 -29.00 -2.57 -13.28
CA ALA B 577 -28.46 -1.24 -13.47
C ALA B 577 -27.59 -0.78 -12.28
N PHE B 578 -27.96 -1.23 -11.08
CA PHE B 578 -27.20 -0.99 -9.85
C PHE B 578 -25.78 -1.58 -9.82
N ASN B 579 -25.45 -2.48 -10.75
CA ASN B 579 -24.28 -3.33 -10.69
C ASN B 579 -23.30 -3.04 -11.80
N GLY B 580 -22.03 -2.86 -11.44
CA GLY B 580 -20.96 -2.70 -12.42
C GLY B 580 -20.33 -4.02 -12.79
N PHE B 581 -19.48 -4.01 -13.82
CA PHE B 581 -18.69 -5.17 -14.24
C PHE B 581 -17.19 -4.93 -14.04
N GLN B 582 -16.82 -4.02 -13.13
CA GLN B 582 -15.41 -3.69 -12.91
C GLN B 582 -14.61 -4.92 -12.46
N PRO B 583 -13.36 -5.05 -12.91
CA PRO B 583 -12.55 -6.19 -12.51
C PRO B 583 -12.01 -6.08 -11.09
N SER B 584 -12.90 -6.24 -10.12
CA SER B 584 -12.49 -6.19 -8.73
C SER B 584 -13.54 -6.87 -7.92
N TYR B 585 -13.15 -7.64 -6.92
CA TYR B 585 -14.08 -8.31 -6.02
C TYR B 585 -14.96 -7.37 -5.19
N HIS B 586 -14.51 -6.13 -4.98
CA HIS B 586 -15.33 -5.13 -4.27
C HIS B 586 -16.52 -4.68 -5.13
N LEU B 587 -16.38 -4.73 -6.45
CA LEU B 587 -17.34 -4.12 -7.40
C LEU B 587 -18.04 -5.07 -8.36
N ASN B 588 -17.46 -6.22 -8.67
CA ASN B 588 -17.94 -6.98 -9.80
C ASN B 588 -19.29 -7.58 -9.46
N GLU B 589 -20.32 -7.10 -10.17
CA GLU B 589 -21.73 -7.39 -9.88
C GLU B 589 -22.14 -7.05 -8.44
N VAL B 590 -21.53 -6.02 -7.85
CA VAL B 590 -21.88 -5.60 -6.47
C VAL B 590 -22.65 -4.29 -6.57
N ALA B 591 -23.86 -4.30 -6.07
CA ALA B 591 -24.76 -3.14 -6.09
C ALA B 591 -24.19 -1.91 -5.44
N ILE B 592 -24.32 -0.75 -6.10
CA ILE B 592 -24.03 0.56 -5.51
C ILE B 592 -24.87 0.77 -4.25
N ARG B 593 -24.18 0.90 -3.12
CA ARG B 593 -24.78 1.29 -1.85
C ARG B 593 -23.75 2.17 -1.22
N HIS B 594 -24.19 3.16 -0.46
CA HIS B 594 -23.31 4.23 -0.02
C HIS B 594 -23.71 4.98 1.25
N TRP B 595 -24.43 4.33 2.14
CA TRP B 595 -24.92 4.98 3.38
C TRP B 595 -24.76 4.14 4.65
N ASP B 596 -24.52 2.84 4.54
CA ASP B 596 -24.56 1.95 5.70
C ASP B 596 -23.35 2.10 6.65
N GLY B 597 -22.24 2.65 6.16
CA GLY B 597 -21.12 2.99 7.03
C GLY B 597 -21.57 3.93 8.15
N HIS B 598 -22.44 4.88 7.81
CA HIS B 598 -22.94 5.84 8.75
C HIS B 598 -23.89 5.21 9.79
N TRP B 599 -24.89 4.49 9.30
CA TRP B 599 -25.95 4.01 10.18
C TRP B 599 -25.53 2.84 11.07
N PHE B 600 -24.59 2.03 10.60
CA PHE B 600 -24.21 0.81 11.30
C PHE B 600 -22.76 0.72 11.77
N GLY B 601 -21.85 1.46 11.14
CA GLY B 601 -20.42 1.31 11.40
C GLY B 601 -19.93 2.10 12.61
N LYS B 602 -18.79 1.72 13.13
CA LYS B 602 -18.16 2.50 14.18
C LYS B 602 -17.66 3.88 13.68
N ARG B 603 -17.17 3.98 12.44
CA ARG B 603 -16.56 5.23 11.99
C ARG B 603 -17.61 6.20 11.46
N GLU B 604 -18.83 5.71 11.23
CA GLU B 604 -20.01 6.54 10.95
C GLU B 604 -19.85 7.36 9.68
N LEU B 605 -19.25 6.73 8.68
CA LEU B 605 -18.89 7.39 7.45
C LEU B 605 -19.93 7.04 6.38
N PHE B 606 -20.70 8.06 5.96
CA PHE B 606 -21.42 8.04 4.70
C PHE B 606 -20.40 7.79 3.59
N GLY B 607 -20.85 7.20 2.49
CA GLY B 607 -20.00 6.99 1.30
C GLY B 607 -20.00 5.55 0.83
N ASP B 608 -19.48 5.36 -0.38
CA ASP B 608 -19.57 4.10 -1.11
C ASP B 608 -19.06 2.92 -0.29
N THR B 609 -19.91 1.90 -0.15
CA THR B 609 -19.60 0.67 0.57
C THR B 609 -19.59 -0.43 -0.48
N PHE B 610 -18.41 -0.90 -0.84
CA PHE B 610 -18.23 -1.88 -1.88
C PHE B 610 -17.33 -2.99 -1.35
N PRO B 611 -17.88 -4.16 -0.99
CA PRO B 611 -19.28 -4.47 -0.98
C PRO B 611 -19.95 -4.11 0.34
N HIS B 612 -21.25 -3.99 0.30
CA HIS B 612 -22.09 -4.06 1.49
C HIS B 612 -22.93 -5.29 1.32
N TYR B 613 -23.25 -5.95 2.42
CA TYR B 613 -23.88 -7.25 2.38
C TYR B 613 -25.24 -7.36 1.72
N TRP B 614 -25.97 -6.25 1.60
CA TRP B 614 -27.29 -6.35 0.98
C TRP B 614 -27.15 -6.45 -0.51
N SER B 615 -25.98 -6.17 -1.04
CA SER B 615 -25.65 -6.53 -2.39
C SER B 615 -25.97 -8.00 -2.70
N THR B 616 -25.91 -8.89 -1.69
CA THR B 616 -26.22 -10.31 -1.86
C THR B 616 -27.71 -10.63 -2.11
N ILE B 617 -28.60 -9.69 -1.87
CA ILE B 617 -30.01 -9.88 -2.25
C ILE B 617 -30.11 -9.96 -3.78
N THR B 618 -29.31 -9.19 -4.51
CA THR B 618 -29.25 -9.34 -5.95
C THR B 618 -28.79 -10.75 -6.36
N GLY B 619 -27.85 -11.33 -5.61
CA GLY B 619 -27.47 -12.73 -5.75
C GLY B 619 -28.65 -13.68 -5.56
N ALA B 620 -29.42 -13.46 -4.51
CA ALA B 620 -30.62 -14.25 -4.27
C ALA B 620 -31.63 -14.13 -5.43
N VAL B 621 -31.83 -12.91 -5.92
CA VAL B 621 -32.73 -12.67 -7.04
C VAL B 621 -32.29 -13.50 -8.25
N TYR B 622 -31.00 -13.47 -8.55
CA TYR B 622 -30.45 -14.19 -9.70
C TYR B 622 -30.60 -15.71 -9.56
N TYR B 623 -30.50 -16.20 -8.33
CA TYR B 623 -30.69 -17.61 -8.01
C TYR B 623 -32.12 -18.04 -8.26
N TYR B 624 -33.06 -17.28 -7.72
CA TYR B 624 -34.49 -17.55 -7.93
C TYR B 624 -34.90 -17.44 -9.38
N TYR B 625 -34.36 -16.45 -10.08
CA TYR B 625 -34.64 -16.24 -11.50
C TYR B 625 -34.17 -17.40 -12.37
N ALA B 626 -32.99 -17.95 -12.06
CA ALA B 626 -32.47 -19.11 -12.79
C ALA B 626 -33.41 -20.29 -12.62
N LEU B 627 -33.95 -20.46 -11.40
CA LEU B 627 -35.01 -21.45 -11.09
C LEU B 627 -36.31 -21.23 -11.86
N CYS B 628 -36.76 -19.97 -11.93
CA CYS B 628 -38.01 -19.59 -12.63
C CYS B 628 -37.96 -19.88 -14.13
N THR B 629 -36.88 -19.45 -14.75
CA THR B 629 -36.56 -19.73 -16.13
C THR B 629 -35.74 -21.03 -16.07
N GLY B 630 -34.89 -21.29 -17.04
CA GLY B 630 -33.83 -22.28 -16.84
C GLY B 630 -32.48 -21.69 -17.17
N ASP B 631 -32.39 -20.36 -17.15
CA ASP B 631 -31.16 -19.67 -17.55
C ASP B 631 -30.11 -19.82 -16.42
N SER B 632 -29.33 -20.89 -16.51
CA SER B 632 -28.30 -21.20 -15.55
C SER B 632 -27.14 -20.17 -15.52
N SER B 633 -27.04 -19.29 -16.52
CA SER B 633 -26.09 -18.18 -16.47
C SER B 633 -26.39 -17.15 -15.35
N TYR B 634 -27.63 -17.13 -14.87
CA TYR B 634 -27.97 -16.36 -13.67
C TYR B 634 -27.59 -17.07 -12.36
N GLN B 635 -27.46 -18.40 -12.36
CA GLN B 635 -26.90 -19.12 -11.20
C GLN B 635 -25.39 -18.86 -11.08
N LYS B 636 -24.70 -18.76 -12.22
CA LYS B 636 -23.28 -18.42 -12.27
C LYS B 636 -23.06 -16.96 -11.81
N ARG B 637 -23.95 -16.06 -12.20
CA ARG B 637 -23.92 -14.68 -11.69
C ARG B 637 -24.31 -14.55 -10.19
N ALA B 638 -25.33 -15.29 -9.77
CA ALA B 638 -25.66 -15.40 -8.33
C ALA B 638 -24.43 -15.84 -7.49
N GLU B 639 -23.66 -16.80 -8.01
CA GLU B 639 -22.51 -17.33 -7.29
C GLU B 639 -21.39 -16.28 -7.28
N ASN B 640 -21.26 -15.49 -8.35
CA ASN B 640 -20.29 -14.42 -8.39
C ASN B 640 -20.62 -13.32 -7.35
N VAL B 641 -21.90 -13.02 -7.23
CA VAL B 641 -22.33 -11.95 -6.34
C VAL B 641 -21.96 -12.29 -4.91
N VAL B 642 -22.43 -13.45 -4.44
CA VAL B 642 -22.22 -13.86 -3.05
C VAL B 642 -20.75 -14.15 -2.74
N ARG B 643 -19.99 -14.73 -3.67
CA ARG B 643 -18.58 -14.95 -3.38
C ARG B 643 -17.80 -13.65 -3.18
N ASN B 644 -18.18 -12.59 -3.89
CA ASN B 644 -17.47 -11.31 -3.80
C ASN B 644 -17.67 -10.63 -2.44
N ASN B 645 -18.78 -10.93 -1.78
CA ASN B 645 -19.04 -10.53 -0.41
C ASN B 645 -18.30 -11.30 0.69
N LEU B 646 -17.58 -12.38 0.35
CA LEU B 646 -16.77 -13.10 1.32
C LEU B 646 -15.61 -12.26 1.88
N CYS B 647 -15.28 -11.14 1.24
CA CYS B 647 -14.19 -10.28 1.74
C CYS B 647 -14.51 -9.54 3.03
N LEU B 648 -15.79 -9.57 3.46
CA LEU B 648 -16.21 -9.01 4.73
C LEU B 648 -15.97 -9.94 5.95
N PHE B 649 -15.45 -11.14 5.70
CA PHE B 649 -15.22 -12.15 6.71
C PHE B 649 -13.75 -12.50 6.67
N PHE B 650 -13.12 -12.42 7.82
CA PHE B 650 -11.67 -12.54 7.91
C PHE B 650 -11.31 -13.90 8.47
N GLU B 651 -10.07 -14.28 8.24
CA GLU B 651 -9.57 -15.63 8.52
C GLU B 651 -9.57 -15.99 10.02
N ASP B 652 -9.68 -15.01 10.93
CA ASP B 652 -9.84 -15.35 12.38
C ASP B 652 -11.29 -15.43 12.85
N GLY B 653 -12.25 -15.32 11.94
CA GLY B 653 -13.65 -15.35 12.31
C GLY B 653 -14.31 -14.00 12.52
N LYS B 654 -13.54 -12.94 12.51
CA LYS B 654 -14.09 -11.59 12.61
C LYS B 654 -14.75 -11.20 11.30
N ALA B 655 -15.66 -10.24 11.40
CA ALA B 655 -16.28 -9.68 10.24
C ALA B 655 -16.42 -8.19 10.39
N SER B 656 -16.74 -7.56 9.25
CA SER B 656 -16.92 -6.15 9.12
C SER B 656 -18.24 -5.82 8.47
N CYS B 657 -18.90 -4.80 9.01
CA CYS B 657 -20.22 -4.41 8.51
C CYS B 657 -20.16 -3.67 7.19
N ALA B 658 -18.98 -3.18 6.79
CA ALA B 658 -18.85 -2.49 5.49
C ALA B 658 -17.41 -2.21 5.12
N TYR B 659 -17.11 -2.25 3.82
CA TYR B 659 -15.84 -1.76 3.30
C TYR B 659 -16.04 -0.38 2.69
N MSE B 660 -15.35 0.62 3.21
CA MSE B 660 -15.49 2.01 2.77
C MSE B 660 -14.55 2.19 1.61
O MSE B 660 -13.36 2.20 1.80
CB MSE B 660 -15.09 2.97 3.89
CG MSE B 660 -15.85 2.76 5.19
SE MSE B 660 -17.81 2.82 4.98
CE MSE B 660 -17.90 4.43 3.84
N TYR B 661 -15.08 2.32 0.40
CA TYR B 661 -14.31 2.08 -0.83
C TYR B 661 -13.53 3.25 -1.41
N PRO B 662 -14.07 4.49 -1.36
CA PRO B 662 -13.32 5.53 -2.05
C PRO B 662 -12.00 5.89 -1.36
N TYR B 663 -11.13 6.56 -2.08
CA TYR B 663 -9.86 7.01 -1.53
C TYR B 663 -10.12 7.83 -0.27
N LYS B 664 -10.98 8.82 -0.38
CA LYS B 664 -11.36 9.68 0.74
C LYS B 664 -12.81 10.10 0.60
N ILE B 665 -13.43 10.34 1.74
CA ILE B 665 -14.76 10.87 1.80
C ILE B 665 -14.72 12.18 2.61
N ASP B 666 -14.93 13.31 1.93
CA ASP B 666 -14.88 14.64 2.56
C ASP B 666 -13.53 14.93 3.23
N GLY B 667 -12.44 14.52 2.59
CA GLY B 667 -11.11 14.71 3.14
C GLY B 667 -10.66 13.68 4.18
N VAL B 668 -11.59 12.83 4.65
CA VAL B 668 -11.28 11.77 5.60
C VAL B 668 -10.84 10.52 4.84
N LYS B 669 -9.73 9.92 5.27
CA LYS B 669 -9.16 8.73 4.65
C LYS B 669 -10.12 7.55 4.76
N ALA B 670 -10.35 6.84 3.65
CA ALA B 670 -11.20 5.66 3.65
C ALA B 670 -10.38 4.42 3.21
N GLU B 671 -10.93 3.55 2.38
CA GLU B 671 -10.27 2.28 2.01
C GLU B 671 -10.01 1.44 3.25
N PHE B 672 -11.07 1.18 4.01
CA PHE B 672 -10.95 0.36 5.21
C PHE B 672 -12.23 -0.41 5.47
N TYR B 673 -12.09 -1.57 6.09
CA TYR B 673 -13.19 -2.34 6.61
C TYR B 673 -13.60 -1.67 7.89
N ASP B 674 -14.86 -1.28 7.99
CA ASP B 674 -15.32 -0.75 9.26
C ASP B 674 -15.13 -1.79 10.41
N PRO B 675 -14.65 -1.35 11.58
CA PRO B 675 -14.34 -2.27 12.68
C PRO B 675 -15.49 -2.87 13.48
N TYR B 676 -16.74 -2.46 13.22
CA TYR B 676 -17.86 -3.19 13.81
C TYR B 676 -18.28 -4.37 12.97
N ALA B 677 -18.51 -5.51 13.62
CA ALA B 677 -19.35 -6.54 13.09
C ALA B 677 -20.73 -6.15 13.58
N ASN B 678 -21.59 -5.79 12.62
CA ASN B 678 -22.95 -5.43 12.90
C ASN B 678 -23.88 -6.43 12.26
N ASP B 679 -24.24 -6.23 10.99
CA ASP B 679 -25.36 -6.95 10.32
C ASP B 679 -24.98 -7.79 9.04
N GLN B 680 -23.69 -7.86 8.76
CA GLN B 680 -23.18 -8.46 7.54
C GLN B 680 -23.31 -9.96 7.39
N ASP B 681 -23.69 -10.66 8.44
CA ASP B 681 -23.82 -12.11 8.39
C ASP B 681 -24.92 -12.63 7.45
N TRP B 682 -25.88 -11.77 7.09
CA TRP B 682 -26.78 -12.07 6.01
C TRP B 682 -26.06 -12.38 4.70
N ALA B 683 -24.86 -11.85 4.48
CA ALA B 683 -24.08 -12.19 3.29
C ALA B 683 -23.80 -13.70 3.18
N LEU B 684 -23.56 -14.32 4.32
CA LEU B 684 -23.37 -15.75 4.42
C LEU B 684 -24.71 -16.53 4.38
N VAL B 685 -25.75 -15.95 4.93
CA VAL B 685 -27.09 -16.50 4.79
C VAL B 685 -27.41 -16.66 3.31
N TYR B 686 -27.20 -15.61 2.52
CA TYR B 686 -27.47 -15.70 1.09
C TYR B 686 -26.40 -16.46 0.30
N TYR B 687 -25.16 -16.49 0.79
CA TYR B 687 -24.12 -17.31 0.18
C TYR B 687 -24.59 -18.79 0.18
N LEU B 688 -25.11 -19.22 1.32
CA LEU B 688 -25.57 -20.56 1.55
C LEU B 688 -26.90 -20.87 0.85
N LEU B 689 -27.73 -19.86 0.64
CA LEU B 689 -28.93 -20.00 -0.20
C LEU B 689 -28.49 -20.35 -1.59
N VAL B 690 -27.60 -19.53 -2.13
CA VAL B 690 -27.21 -19.61 -3.51
C VAL B 690 -26.48 -20.92 -3.82
N ASN B 691 -25.51 -21.31 -2.99
CA ASN B 691 -24.65 -22.44 -3.31
C ASN B 691 -25.20 -23.79 -2.82
N ARG B 692 -26.07 -23.81 -1.81
CA ARG B 692 -26.58 -25.07 -1.23
C ARG B 692 -28.09 -25.18 -1.11
N GLY B 693 -28.84 -24.16 -1.50
CA GLY B 693 -30.28 -24.15 -1.33
C GLY B 693 -30.82 -24.11 0.09
N LEU B 694 -29.96 -24.02 1.11
CA LEU B 694 -30.38 -24.22 2.52
C LEU B 694 -30.80 -22.88 3.11
O1 MES C . -31.96 4.34 9.42
C2 MES C . -32.36 3.00 9.70
C3 MES C . -31.59 2.00 8.84
N4 MES C . -31.89 2.29 7.41
C5 MES C . -31.39 3.65 7.09
C6 MES C . -32.00 4.72 8.02
C7 MES C . -31.28 1.25 6.52
C8 MES C . -31.90 1.23 5.10
S MES C . -32.42 -0.26 4.52
O1S MES C . -31.37 -0.84 3.64
O2S MES C . -32.76 -1.24 5.58
O3S MES C . -33.65 -0.06 3.73
#